data_6GZL
# 
_entry.id   6GZL 
# 
_audit_conform.dict_name       mmcif_pdbx.dic 
_audit_conform.dict_version    5.383 
_audit_conform.dict_location   http://mmcif.pdb.org/dictionaries/ascii/mmcif_pdbx.dic 
# 
loop_
_database_2.database_id 
_database_2.database_code 
_database_2.pdbx_database_accession 
_database_2.pdbx_DOI 
PDB   6GZL         pdb_00006gzl 10.2210/pdb6gzl/pdb 
WWPDB D_1200010793 ?            ?                   
# 
loop_
_pdbx_audit_revision_history.ordinal 
_pdbx_audit_revision_history.data_content_type 
_pdbx_audit_revision_history.major_revision 
_pdbx_audit_revision_history.minor_revision 
_pdbx_audit_revision_history.revision_date 
1 'Structure model' 1 0 2018-10-10 
2 'Structure model' 1 1 2019-01-09 
3 'Structure model' 1 2 2024-01-17 
# 
_pdbx_audit_revision_details.ordinal             1 
_pdbx_audit_revision_details.revision_ordinal    1 
_pdbx_audit_revision_details.data_content_type   'Structure model' 
_pdbx_audit_revision_details.provider            repository 
_pdbx_audit_revision_details.type                'Initial release' 
_pdbx_audit_revision_details.description         ? 
_pdbx_audit_revision_details.details             ? 
# 
loop_
_pdbx_audit_revision_group.ordinal 
_pdbx_audit_revision_group.revision_ordinal 
_pdbx_audit_revision_group.data_content_type 
_pdbx_audit_revision_group.group 
1 2 'Structure model' 'Data collection'        
2 2 'Structure model' 'Database references'    
3 3 'Structure model' 'Data collection'        
4 3 'Structure model' 'Database references'    
5 3 'Structure model' 'Refinement description' 
# 
loop_
_pdbx_audit_revision_category.ordinal 
_pdbx_audit_revision_category.revision_ordinal 
_pdbx_audit_revision_category.data_content_type 
_pdbx_audit_revision_category.category 
1 2 'Structure model' citation                      
2 2 'Structure model' pdbx_database_proc            
3 3 'Structure model' chem_comp_atom                
4 3 'Structure model' chem_comp_bond                
5 3 'Structure model' database_2                    
6 3 'Structure model' pdbx_initial_refinement_model 
# 
loop_
_pdbx_audit_revision_item.ordinal 
_pdbx_audit_revision_item.revision_ordinal 
_pdbx_audit_revision_item.data_content_type 
_pdbx_audit_revision_item.item 
1 2 'Structure model' '_citation.journal_volume'            
2 2 'Structure model' '_citation.page_first'                
3 2 'Structure model' '_citation.page_last'                 
4 3 'Structure model' '_database_2.pdbx_DOI'                
5 3 'Structure model' '_database_2.pdbx_database_accession' 
# 
_pdbx_database_status.status_code                     REL 
_pdbx_database_status.status_code_sf                  REL 
_pdbx_database_status.status_code_mr                  ? 
_pdbx_database_status.entry_id                        6GZL 
_pdbx_database_status.recvd_initial_deposition_date   2018-07-04 
_pdbx_database_status.SG_entry                        N 
_pdbx_database_status.deposit_site                    PDBE 
_pdbx_database_status.process_site                    PDBE 
_pdbx_database_status.status_code_cs                  ? 
_pdbx_database_status.methods_development_category    ? 
_pdbx_database_status.pdb_format_compatible           Y 
_pdbx_database_status.status_code_nmr_data            ? 
# 
loop_
_audit_author.name 
_audit_author.pdbx_ordinal 
_audit_author.identifier_ORCID 
'Myllykoski, M.' 1 ? 
'Kursula, P.'    2 ? 
# 
_citation.abstract                  ? 
_citation.abstract_id_CAS           ? 
_citation.book_id_ISBN              ? 
_citation.book_publisher            ? 
_citation.book_publisher_city       ? 
_citation.book_title                ? 
_citation.coordinate_linkage        ? 
_citation.country                   UK 
_citation.database_id_Medline       ? 
_citation.details                   ? 
_citation.id                        primary 
_citation.journal_abbrev            'J. Neurochem.' 
_citation.journal_id_ASTM           ? 
_citation.journal_id_CSD            ? 
_citation.journal_id_ISSN           1471-4159 
_citation.journal_full              ? 
_citation.journal_issue             ? 
_citation.journal_volume            147 
_citation.language                  ? 
_citation.page_first                764 
_citation.page_last                 783 
_citation.title                     
'High-affinity heterotetramer formation between the large myelin-associated glycoprotein and the dynein light chain DYNLL1.' 
_citation.year                      2018 
_citation.database_id_CSD           ? 
_citation.pdbx_database_id_DOI      10.1111/jnc.14598 
_citation.pdbx_database_id_PubMed   30261098 
_citation.unpublished_flag          ? 
# 
loop_
_citation_author.citation_id 
_citation_author.name 
_citation_author.ordinal 
_citation_author.identifier_ORCID 
primary 'Myllykoski, M.' 1 ? 
primary 'Eichel, M.A.'   2 ? 
primary 'Jung, R.B.'     3 ? 
primary 'Kelm, S.'       4 ? 
primary 'Werner, H.B.'   5 ? 
primary 'Kursula, P.'    6 ? 
# 
loop_
_entity.id 
_entity.type 
_entity.src_method 
_entity.pdbx_description 
_entity.formula_weight 
_entity.pdbx_number_of_molecules 
_entity.pdbx_ec 
_entity.pdbx_mutation 
_entity.pdbx_fragment 
_entity.details 
1 polymer     man 'Dynein light chain 1, cytoplasmic'             10468.978 1  ? ? ? ? 
2 polymer     syn PRO-THR-LYS-ASP-SER-TYR-THR-LEU-THR-GLU-GLU-LEU 2047.243  1  ? ? ? ? 
3 non-polymer syn 'CHLORIDE ION'                                  35.453    1  ? ? ? ? 
4 water       nat water                                           18.015    39 ? ? ? ? 
# 
_entity_name_com.entity_id   1 
_entity_name_com.name        
'8 kDa dynein light chain,DLC8,Dynein light chain LC8-type 1,Protein inhibitor of neuronal nitric oxide synthase,PIN' 
# 
loop_
_entity_poly.entity_id 
_entity_poly.type 
_entity_poly.nstd_linkage 
_entity_poly.nstd_monomer 
_entity_poly.pdbx_seq_one_letter_code 
_entity_poly.pdbx_seq_one_letter_code_can 
_entity_poly.pdbx_strand_id 
_entity_poly.pdbx_target_identifier 
1 'polypeptide(L)' no no 
;SMCDRKAVIKNADMSEEMQQDSVECATQALEKYNIEKDIAAHIKKEFDKKYNPTWHCIVGRNFGSYVTHETKHFIYFYLG
QVAILLFKSG
;
;SMCDRKAVIKNADMSEEMQQDSVECATQALEKYNIEKDIAAHIKKEFDKKYNPTWHCIVGRNFGSYVTHETKHFIYFYLG
QVAILLFKSG
;
A ? 
2 'polypeptide(L)' no no KRPTKDSYTLTEELAEY                                                                             
KRPTKDSYTLTEELAEY                                                                             B ? 
# 
loop_
_pdbx_entity_nonpoly.entity_id 
_pdbx_entity_nonpoly.name 
_pdbx_entity_nonpoly.comp_id 
3 'CHLORIDE ION' CL  
4 water          HOH 
# 
loop_
_entity_poly_seq.entity_id 
_entity_poly_seq.num 
_entity_poly_seq.mon_id 
_entity_poly_seq.hetero 
1 1  SER n 
1 2  MET n 
1 3  CYS n 
1 4  ASP n 
1 5  ARG n 
1 6  LYS n 
1 7  ALA n 
1 8  VAL n 
1 9  ILE n 
1 10 LYS n 
1 11 ASN n 
1 12 ALA n 
1 13 ASP n 
1 14 MET n 
1 15 SER n 
1 16 GLU n 
1 17 GLU n 
1 18 MET n 
1 19 GLN n 
1 20 GLN n 
1 21 ASP n 
1 22 SER n 
1 23 VAL n 
1 24 GLU n 
1 25 CYS n 
1 26 ALA n 
1 27 THR n 
1 28 GLN n 
1 29 ALA n 
1 30 LEU n 
1 31 GLU n 
1 32 LYS n 
1 33 TYR n 
1 34 ASN n 
1 35 ILE n 
1 36 GLU n 
1 37 LYS n 
1 38 ASP n 
1 39 ILE n 
1 40 ALA n 
1 41 ALA n 
1 42 HIS n 
1 43 ILE n 
1 44 LYS n 
1 45 LYS n 
1 46 GLU n 
1 47 PHE n 
1 48 ASP n 
1 49 LYS n 
1 50 LYS n 
1 51 TYR n 
1 52 ASN n 
1 53 PRO n 
1 54 THR n 
1 55 TRP n 
1 56 HIS n 
1 57 CYS n 
1 58 ILE n 
1 59 VAL n 
1 60 GLY n 
1 61 ARG n 
1 62 ASN n 
1 63 PHE n 
1 64 GLY n 
1 65 SER n 
1 66 TYR n 
1 67 VAL n 
1 68 THR n 
1 69 HIS n 
1 70 GLU n 
1 71 THR n 
1 72 LYS n 
1 73 HIS n 
1 74 PHE n 
1 75 ILE n 
1 76 TYR n 
1 77 PHE n 
1 78 TYR n 
1 79 LEU n 
1 80 GLY n 
1 81 GLN n 
1 82 VAL n 
1 83 ALA n 
1 84 ILE n 
1 85 LEU n 
1 86 LEU n 
1 87 PHE n 
1 88 LYS n 
1 89 SER n 
1 90 GLY n 
2 1  LYS n 
2 2  ARG n 
2 3  PRO n 
2 4  THR n 
2 5  LYS n 
2 6  ASP n 
2 7  SER n 
2 8  TYR n 
2 9  THR n 
2 10 LEU n 
2 11 THR n 
2 12 GLU n 
2 13 GLU n 
2 14 LEU n 
2 15 ALA n 
2 16 GLU n 
2 17 TYR n 
# 
_entity_src_gen.entity_id                          1 
_entity_src_gen.pdbx_src_id                        1 
_entity_src_gen.pdbx_alt_source_flag               sample 
_entity_src_gen.pdbx_seq_type                      'Biological sequence' 
_entity_src_gen.pdbx_beg_seq_num                   1 
_entity_src_gen.pdbx_end_seq_num                   90 
_entity_src_gen.gene_src_common_name               Human 
_entity_src_gen.gene_src_genus                     ? 
_entity_src_gen.pdbx_gene_src_gene                 'DYNLL1, DLC1, DNCL1, DNCLC1, HDLC1' 
_entity_src_gen.gene_src_species                   ? 
_entity_src_gen.gene_src_strain                    ? 
_entity_src_gen.gene_src_tissue                    ? 
_entity_src_gen.gene_src_tissue_fraction           ? 
_entity_src_gen.gene_src_details                   ? 
_entity_src_gen.pdbx_gene_src_fragment             ? 
_entity_src_gen.pdbx_gene_src_scientific_name      'Homo sapiens' 
_entity_src_gen.pdbx_gene_src_ncbi_taxonomy_id     9606 
_entity_src_gen.pdbx_gene_src_variant              ? 
_entity_src_gen.pdbx_gene_src_cell_line            ? 
_entity_src_gen.pdbx_gene_src_atcc                 ? 
_entity_src_gen.pdbx_gene_src_organ                ? 
_entity_src_gen.pdbx_gene_src_organelle            ? 
_entity_src_gen.pdbx_gene_src_cell                 ? 
_entity_src_gen.pdbx_gene_src_cellular_location    ? 
_entity_src_gen.host_org_common_name               ? 
_entity_src_gen.pdbx_host_org_scientific_name      'Escherichia coli' 
_entity_src_gen.pdbx_host_org_ncbi_taxonomy_id     562 
_entity_src_gen.host_org_genus                     ? 
_entity_src_gen.pdbx_host_org_gene                 ? 
_entity_src_gen.pdbx_host_org_organ                ? 
_entity_src_gen.host_org_species                   ? 
_entity_src_gen.pdbx_host_org_tissue               ? 
_entity_src_gen.pdbx_host_org_tissue_fraction      ? 
_entity_src_gen.pdbx_host_org_strain               ? 
_entity_src_gen.pdbx_host_org_variant              ? 
_entity_src_gen.pdbx_host_org_cell_line            ? 
_entity_src_gen.pdbx_host_org_atcc                 ? 
_entity_src_gen.pdbx_host_org_culture_collection   ? 
_entity_src_gen.pdbx_host_org_cell                 ? 
_entity_src_gen.pdbx_host_org_organelle            ? 
_entity_src_gen.pdbx_host_org_cellular_location    ? 
_entity_src_gen.pdbx_host_org_vector_type          plasmid 
_entity_src_gen.pdbx_host_org_vector               ? 
_entity_src_gen.host_org_details                   ? 
_entity_src_gen.expression_system_id               ? 
_entity_src_gen.plasmid_name                       pJExpress401 
_entity_src_gen.plasmid_details                    ? 
_entity_src_gen.pdbx_description                   ? 
# 
_pdbx_entity_src_syn.entity_id              2 
_pdbx_entity_src_syn.pdbx_src_id            1 
_pdbx_entity_src_syn.pdbx_alt_source_flag   sample 
_pdbx_entity_src_syn.pdbx_beg_seq_num       1 
_pdbx_entity_src_syn.pdbx_end_seq_num       17 
_pdbx_entity_src_syn.organism_scientific    'Mus musculus' 
_pdbx_entity_src_syn.organism_common_name   'house mouse' 
_pdbx_entity_src_syn.ncbi_taxonomy_id       10090 
_pdbx_entity_src_syn.details                ? 
# 
loop_
_chem_comp.id 
_chem_comp.type 
_chem_comp.mon_nstd_flag 
_chem_comp.name 
_chem_comp.pdbx_synonyms 
_chem_comp.formula 
_chem_comp.formula_weight 
ALA 'L-peptide linking' y ALANINE         ? 'C3 H7 N O2'     89.093  
ARG 'L-peptide linking' y ARGININE        ? 'C6 H15 N4 O2 1' 175.209 
ASN 'L-peptide linking' y ASPARAGINE      ? 'C4 H8 N2 O3'    132.118 
ASP 'L-peptide linking' y 'ASPARTIC ACID' ? 'C4 H7 N O4'     133.103 
CL  non-polymer         . 'CHLORIDE ION'  ? 'Cl -1'          35.453  
CYS 'L-peptide linking' y CYSTEINE        ? 'C3 H7 N O2 S'   121.158 
GLN 'L-peptide linking' y GLUTAMINE       ? 'C5 H10 N2 O3'   146.144 
GLU 'L-peptide linking' y 'GLUTAMIC ACID' ? 'C5 H9 N O4'     147.129 
GLY 'peptide linking'   y GLYCINE         ? 'C2 H5 N O2'     75.067  
HIS 'L-peptide linking' y HISTIDINE       ? 'C6 H10 N3 O2 1' 156.162 
HOH non-polymer         . WATER           ? 'H2 O'           18.015  
ILE 'L-peptide linking' y ISOLEUCINE      ? 'C6 H13 N O2'    131.173 
LEU 'L-peptide linking' y LEUCINE         ? 'C6 H13 N O2'    131.173 
LYS 'L-peptide linking' y LYSINE          ? 'C6 H15 N2 O2 1' 147.195 
MET 'L-peptide linking' y METHIONINE      ? 'C5 H11 N O2 S'  149.211 
PHE 'L-peptide linking' y PHENYLALANINE   ? 'C9 H11 N O2'    165.189 
PRO 'L-peptide linking' y PROLINE         ? 'C5 H9 N O2'     115.130 
SER 'L-peptide linking' y SERINE          ? 'C3 H7 N O3'     105.093 
THR 'L-peptide linking' y THREONINE       ? 'C4 H9 N O3'     119.119 
TRP 'L-peptide linking' y TRYPTOPHAN      ? 'C11 H12 N2 O2'  204.225 
TYR 'L-peptide linking' y TYROSINE        ? 'C9 H11 N O3'    181.189 
VAL 'L-peptide linking' y VALINE          ? 'C5 H11 N O2'    117.146 
# 
loop_
_pdbx_poly_seq_scheme.asym_id 
_pdbx_poly_seq_scheme.entity_id 
_pdbx_poly_seq_scheme.seq_id 
_pdbx_poly_seq_scheme.mon_id 
_pdbx_poly_seq_scheme.ndb_seq_num 
_pdbx_poly_seq_scheme.pdb_seq_num 
_pdbx_poly_seq_scheme.auth_seq_num 
_pdbx_poly_seq_scheme.pdb_mon_id 
_pdbx_poly_seq_scheme.auth_mon_id 
_pdbx_poly_seq_scheme.pdb_strand_id 
_pdbx_poly_seq_scheme.pdb_ins_code 
_pdbx_poly_seq_scheme.hetero 
A 1 1  SER 1  0   ?   ?   ?   A . n 
A 1 2  MET 2  1   ?   ?   ?   A . n 
A 1 3  CYS 3  2   ?   ?   ?   A . n 
A 1 4  ASP 4  3   3   ASP ASP A . n 
A 1 5  ARG 5  4   4   ARG ARG A . n 
A 1 6  LYS 6  5   5   LYS LYS A . n 
A 1 7  ALA 7  6   6   ALA ALA A . n 
A 1 8  VAL 8  7   7   VAL VAL A . n 
A 1 9  ILE 9  8   8   ILE ILE A . n 
A 1 10 LYS 10 9   9   LYS LYS A . n 
A 1 11 ASN 11 10  10  ASN ASN A . n 
A 1 12 ALA 12 11  11  ALA ALA A . n 
A 1 13 ASP 13 12  12  ASP ASP A . n 
A 1 14 MET 14 13  13  MET MET A . n 
A 1 15 SER 15 14  14  SER SER A . n 
A 1 16 GLU 16 15  15  GLU GLU A . n 
A 1 17 GLU 17 16  16  GLU GLU A . n 
A 1 18 MET 18 17  17  MET MET A . n 
A 1 19 GLN 19 18  18  GLN GLN A . n 
A 1 20 GLN 20 19  19  GLN GLN A . n 
A 1 21 ASP 21 20  20  ASP ASP A . n 
A 1 22 SER 22 21  21  SER SER A . n 
A 1 23 VAL 23 22  22  VAL VAL A . n 
A 1 24 GLU 24 23  23  GLU GLU A . n 
A 1 25 CYS 25 24  24  CYS CYS A . n 
A 1 26 ALA 26 25  25  ALA ALA A . n 
A 1 27 THR 27 26  26  THR THR A . n 
A 1 28 GLN 28 27  27  GLN GLN A . n 
A 1 29 ALA 29 28  28  ALA ALA A . n 
A 1 30 LEU 30 29  29  LEU LEU A . n 
A 1 31 GLU 31 30  30  GLU GLU A . n 
A 1 32 LYS 32 31  31  LYS LYS A . n 
A 1 33 TYR 33 32  32  TYR TYR A . n 
A 1 34 ASN 34 33  33  ASN ASN A . n 
A 1 35 ILE 35 34  34  ILE ILE A . n 
A 1 36 GLU 36 35  35  GLU GLU A . n 
A 1 37 LYS 37 36  36  LYS LYS A . n 
A 1 38 ASP 38 37  37  ASP ASP A . n 
A 1 39 ILE 39 38  38  ILE ILE A . n 
A 1 40 ALA 40 39  39  ALA ALA A . n 
A 1 41 ALA 41 40  40  ALA ALA A . n 
A 1 42 HIS 42 41  41  HIS HIS A . n 
A 1 43 ILE 43 42  42  ILE ILE A . n 
A 1 44 LYS 44 43  43  LYS LYS A . n 
A 1 45 LYS 45 44  44  LYS LYS A . n 
A 1 46 GLU 46 45  45  GLU GLU A . n 
A 1 47 PHE 47 46  46  PHE PHE A . n 
A 1 48 ASP 48 47  47  ASP ASP A . n 
A 1 49 LYS 49 48  48  LYS LYS A . n 
A 1 50 LYS 50 49  49  LYS LYS A . n 
A 1 51 TYR 51 50  50  TYR TYR A . n 
A 1 52 ASN 52 51  51  ASN ASN A . n 
A 1 53 PRO 53 52  52  PRO PRO A . n 
A 1 54 THR 54 53  53  THR THR A . n 
A 1 55 TRP 55 54  54  TRP TRP A . n 
A 1 56 HIS 56 55  55  HIS HIS A . n 
A 1 57 CYS 57 56  56  CYS CYS A . n 
A 1 58 ILE 58 57  57  ILE ILE A . n 
A 1 59 VAL 59 58  58  VAL VAL A . n 
A 1 60 GLY 60 59  59  GLY GLY A . n 
A 1 61 ARG 61 60  60  ARG ARG A . n 
A 1 62 ASN 62 61  61  ASN ASN A . n 
A 1 63 PHE 63 62  62  PHE PHE A . n 
A 1 64 GLY 64 63  63  GLY GLY A . n 
A 1 65 SER 65 64  64  SER SER A . n 
A 1 66 TYR 66 65  65  TYR TYR A . n 
A 1 67 VAL 67 66  66  VAL VAL A . n 
A 1 68 THR 68 67  67  THR THR A . n 
A 1 69 HIS 69 68  68  HIS HIS A . n 
A 1 70 GLU 70 69  69  GLU GLU A . n 
A 1 71 THR 71 70  70  THR THR A . n 
A 1 72 LYS 72 71  71  LYS LYS A . n 
A 1 73 HIS 73 72  72  HIS HIS A . n 
A 1 74 PHE 74 73  73  PHE PHE A . n 
A 1 75 ILE 75 74  74  ILE ILE A . n 
A 1 76 TYR 76 75  75  TYR TYR A . n 
A 1 77 PHE 77 76  76  PHE PHE A . n 
A 1 78 TYR 78 77  77  TYR TYR A . n 
A 1 79 LEU 79 78  78  LEU LEU A . n 
A 1 80 GLY 80 79  79  GLY GLY A . n 
A 1 81 GLN 81 80  80  GLN GLN A . n 
A 1 82 VAL 82 81  81  VAL VAL A . n 
A 1 83 ALA 83 82  82  ALA ALA A . n 
A 1 84 ILE 84 83  83  ILE ILE A . n 
A 1 85 LEU 85 84  84  LEU LEU A . n 
A 1 86 LEU 86 85  85  LEU LEU A . n 
A 1 87 PHE 87 86  86  PHE PHE A . n 
A 1 88 LYS 88 87  87  LYS LYS A . n 
A 1 89 SER 89 88  88  SER SER A . n 
A 1 90 GLY 90 89  89  GLY GLY A . n 
B 2 1  LYS 1  604 ?   ?   ?   B . n 
B 2 2  ARG 2  605 ?   ?   ?   B . n 
B 2 3  PRO 3  606 606 PRO PRO B . n 
B 2 4  THR 4  607 607 THR THR B . n 
B 2 5  LYS 5  608 608 LYS LYS B . n 
B 2 6  ASP 6  609 609 ASP ASP B . n 
B 2 7  SER 7  610 610 SER SER B . n 
B 2 8  TYR 8  611 611 TYR TYR B . n 
B 2 9  THR 9  612 612 THR THR B . n 
B 2 10 LEU 10 613 613 LEU LEU B . n 
B 2 11 THR 11 614 614 THR THR B . n 
B 2 12 GLU 12 615 615 GLU GLU B . n 
B 2 13 GLU 13 616 616 GLU GLU B . n 
B 2 14 LEU 14 617 617 LEU LEU B . n 
B 2 15 ALA 15 618 ?   ?   ?   B . n 
B 2 16 GLU 16 619 ?   ?   ?   B . n 
B 2 17 TYR 17 620 ?   ?   ?   B . n 
# 
loop_
_pdbx_nonpoly_scheme.asym_id 
_pdbx_nonpoly_scheme.entity_id 
_pdbx_nonpoly_scheme.mon_id 
_pdbx_nonpoly_scheme.ndb_seq_num 
_pdbx_nonpoly_scheme.pdb_seq_num 
_pdbx_nonpoly_scheme.auth_seq_num 
_pdbx_nonpoly_scheme.pdb_mon_id 
_pdbx_nonpoly_scheme.auth_mon_id 
_pdbx_nonpoly_scheme.pdb_strand_id 
_pdbx_nonpoly_scheme.pdb_ins_code 
C 3 CL  1  101 1  CL  CL  A . 
D 4 HOH 1  201 18 HOH HOH A . 
D 4 HOH 2  202 21 HOH HOH A . 
D 4 HOH 3  203 8  HOH HOH A . 
D 4 HOH 4  204 38 HOH HOH A . 
D 4 HOH 5  205 9  HOH HOH A . 
D 4 HOH 6  206 14 HOH HOH A . 
D 4 HOH 7  207 19 HOH HOH A . 
D 4 HOH 8  208 2  HOH HOH A . 
D 4 HOH 9  209 1  HOH HOH A . 
D 4 HOH 10 210 34 HOH HOH A . 
D 4 HOH 11 211 16 HOH HOH A . 
D 4 HOH 12 212 23 HOH HOH A . 
D 4 HOH 13 213 12 HOH HOH A . 
D 4 HOH 14 214 37 HOH HOH A . 
D 4 HOH 15 215 17 HOH HOH A . 
D 4 HOH 16 216 30 HOH HOH A . 
D 4 HOH 17 217 26 HOH HOH A . 
D 4 HOH 18 218 32 HOH HOH A . 
D 4 HOH 19 219 22 HOH HOH A . 
D 4 HOH 20 220 39 HOH HOH A . 
D 4 HOH 21 221 4  HOH HOH A . 
D 4 HOH 22 222 15 HOH HOH A . 
D 4 HOH 23 223 13 HOH HOH A . 
D 4 HOH 24 224 10 HOH HOH A . 
D 4 HOH 25 225 7  HOH HOH A . 
D 4 HOH 26 226 43 HOH HOH A . 
D 4 HOH 27 227 28 HOH HOH A . 
D 4 HOH 28 228 27 HOH HOH A . 
D 4 HOH 29 229 25 HOH HOH A . 
D 4 HOH 30 230 42 HOH HOH A . 
D 4 HOH 31 231 44 HOH HOH A . 
D 4 HOH 32 232 45 HOH HOH A . 
E 4 HOH 1  701 20 HOH HOH B . 
E 4 HOH 2  702 40 HOH HOH B . 
E 4 HOH 3  703 3  HOH HOH B . 
E 4 HOH 4  704 5  HOH HOH B . 
E 4 HOH 5  705 24 HOH HOH B . 
E 4 HOH 6  706 6  HOH HOH B . 
E 4 HOH 7  707 29 HOH HOH B . 
# 
loop_
_software.citation_id 
_software.classification 
_software.compiler_name 
_software.compiler_version 
_software.contact_author 
_software.contact_author_email 
_software.date 
_software.description 
_software.dependencies 
_software.hardware 
_software.language 
_software.location 
_software.mods 
_software.name 
_software.os 
_software.os_version 
_software.type 
_software.version 
_software.pdbx_ordinal 
? refinement       ? ? ? ? ? ? ? ? ? ? ? PHENIX ? ? ? '(1.10.1_2155: ???)' 1 
? 'data reduction' ? ? ? ? ? ? ? ? ? ? ? XDS    ? ? ? .                    2 
? 'data scaling'   ? ? ? ? ? ? ? ? ? ? ? XSCALE ? ? ? .                    3 
? phasing          ? ? ? ? ? ? ? ? ? ? ? PHASER ? ? ? .                    4 
# 
_cell.angle_alpha                  90.00 
_cell.angle_alpha_esd              ? 
_cell.angle_beta                   90.00 
_cell.angle_beta_esd               ? 
_cell.angle_gamma                  120.00 
_cell.angle_gamma_esd              ? 
_cell.entry_id                     6GZL 
_cell.details                      ? 
_cell.formula_units_Z              ? 
_cell.length_a                     43.730 
_cell.length_a_esd                 ? 
_cell.length_b                     43.730 
_cell.length_b_esd                 ? 
_cell.length_c                     205.390 
_cell.length_c_esd                 ? 
_cell.volume                       ? 
_cell.volume_esd                   ? 
_cell.Z_PDB                        12 
_cell.reciprocal_angle_alpha       ? 
_cell.reciprocal_angle_beta        ? 
_cell.reciprocal_angle_gamma       ? 
_cell.reciprocal_angle_alpha_esd   ? 
_cell.reciprocal_angle_beta_esd    ? 
_cell.reciprocal_angle_gamma_esd   ? 
_cell.reciprocal_length_a          ? 
_cell.reciprocal_length_b          ? 
_cell.reciprocal_length_c          ? 
_cell.reciprocal_length_a_esd      ? 
_cell.reciprocal_length_b_esd      ? 
_cell.reciprocal_length_c_esd      ? 
_cell.pdbx_unique_axis             ? 
# 
_symmetry.entry_id                         6GZL 
_symmetry.cell_setting                     ? 
_symmetry.Int_Tables_number                178 
_symmetry.space_group_name_Hall            ? 
_symmetry.space_group_name_H-M             'P 61 2 2' 
_symmetry.pdbx_full_space_group_name_H-M   ? 
# 
_exptl.absorpt_coefficient_mu     ? 
_exptl.absorpt_correction_T_max   ? 
_exptl.absorpt_correction_T_min   ? 
_exptl.absorpt_correction_type    ? 
_exptl.absorpt_process_details    ? 
_exptl.entry_id                   6GZL 
_exptl.crystals_number            1 
_exptl.details                    ? 
_exptl.method                     'X-RAY DIFFRACTION' 
_exptl.method_details             ? 
# 
_exptl_crystal.colour                      ? 
_exptl_crystal.density_diffrn              ? 
_exptl_crystal.density_Matthews            2.26 
_exptl_crystal.density_method              ? 
_exptl_crystal.density_percent_sol         45.69 
_exptl_crystal.description                 ? 
_exptl_crystal.F_000                       ? 
_exptl_crystal.id                          1 
_exptl_crystal.preparation                 ? 
_exptl_crystal.size_max                    ? 
_exptl_crystal.size_mid                    ? 
_exptl_crystal.size_min                    ? 
_exptl_crystal.size_rad                    ? 
_exptl_crystal.colour_lustre               ? 
_exptl_crystal.colour_modifier             ? 
_exptl_crystal.colour_primary              ? 
_exptl_crystal.density_meas                ? 
_exptl_crystal.density_meas_esd            ? 
_exptl_crystal.density_meas_gt             ? 
_exptl_crystal.density_meas_lt             ? 
_exptl_crystal.density_meas_temp           ? 
_exptl_crystal.density_meas_temp_esd       ? 
_exptl_crystal.density_meas_temp_gt        ? 
_exptl_crystal.density_meas_temp_lt        ? 
_exptl_crystal.pdbx_crystal_image_url      ? 
_exptl_crystal.pdbx_crystal_image_format   ? 
_exptl_crystal.pdbx_mosaicity              ? 
_exptl_crystal.pdbx_mosaicity_esd          ? 
# 
_exptl_crystal_grow.apparatus       ? 
_exptl_crystal_grow.atmosphere      ? 
_exptl_crystal_grow.crystal_id      1 
_exptl_crystal_grow.details         ? 
_exptl_crystal_grow.method          'VAPOR DIFFUSION, SITTING DROP' 
_exptl_crystal_grow.method_ref      ? 
_exptl_crystal_grow.pH              5.5 
_exptl_crystal_grow.pressure        ? 
_exptl_crystal_grow.pressure_esd    ? 
_exptl_crystal_grow.seeding         ? 
_exptl_crystal_grow.seeding_ref     ? 
_exptl_crystal_grow.temp            293 
_exptl_crystal_grow.temp_details    ? 
_exptl_crystal_grow.temp_esd        ? 
_exptl_crystal_grow.time            ? 
_exptl_crystal_grow.pdbx_details    '0.1 M Bis-Tris pH 6.5, 0.2 M lithium sulfate, and 25% (w/v) PEG 3350' 
_exptl_crystal_grow.pdbx_pH_range   ? 
# 
_diffrn.ambient_environment    ? 
_diffrn.ambient_temp           100 
_diffrn.ambient_temp_details   ? 
_diffrn.ambient_temp_esd       ? 
_diffrn.crystal_id             1 
_diffrn.crystal_support        ? 
_diffrn.crystal_treatment      ? 
_diffrn.details                ? 
_diffrn.id                     1 
_diffrn.ambient_pressure       ? 
_diffrn.ambient_pressure_esd   ? 
_diffrn.ambient_pressure_gt    ? 
_diffrn.ambient_pressure_lt    ? 
_diffrn.ambient_temp_gt        ? 
_diffrn.ambient_temp_lt        ? 
# 
_diffrn_detector.details                      ? 
_diffrn_detector.detector                     PIXEL 
_diffrn_detector.diffrn_id                    1 
_diffrn_detector.type                         'DECTRIS PILATUS3 2M' 
_diffrn_detector.area_resol_mean              ? 
_diffrn_detector.dtime                        ? 
_diffrn_detector.pdbx_frames_total            ? 
_diffrn_detector.pdbx_collection_time_total   ? 
_diffrn_detector.pdbx_collection_date         2014-02-04 
# 
_diffrn_radiation.collimation                      ? 
_diffrn_radiation.diffrn_id                        1 
_diffrn_radiation.filter_edge                      ? 
_diffrn_radiation.inhomogeneity                    ? 
_diffrn_radiation.monochromator                    ? 
_diffrn_radiation.polarisn_norm                    ? 
_diffrn_radiation.polarisn_ratio                   ? 
_diffrn_radiation.probe                            ? 
_diffrn_radiation.type                             ? 
_diffrn_radiation.xray_symbol                      ? 
_diffrn_radiation.wavelength_id                    1 
_diffrn_radiation.pdbx_monochromatic_or_laue_m_l   M 
_diffrn_radiation.pdbx_wavelength_list             ? 
_diffrn_radiation.pdbx_wavelength                  ? 
_diffrn_radiation.pdbx_diffrn_protocol             'SINGLE WAVELENGTH' 
_diffrn_radiation.pdbx_analyzer                    ? 
_diffrn_radiation.pdbx_scattering_type             x-ray 
# 
_diffrn_radiation_wavelength.id           1 
_diffrn_radiation_wavelength.wavelength   0.91841 
_diffrn_radiation_wavelength.wt           1.0 
# 
_diffrn_source.current                     ? 
_diffrn_source.details                     ? 
_diffrn_source.diffrn_id                   1 
_diffrn_source.power                       ? 
_diffrn_source.size                        ? 
_diffrn_source.source                      SYNCHROTRON 
_diffrn_source.target                      ? 
_diffrn_source.type                        'BESSY BEAMLINE 14.2' 
_diffrn_source.voltage                     ? 
_diffrn_source.take-off_angle              ? 
_diffrn_source.pdbx_wavelength_list        0.91841 
_diffrn_source.pdbx_wavelength             ? 
_diffrn_source.pdbx_synchrotron_beamline   14.2 
_diffrn_source.pdbx_synchrotron_site       BESSY 
# 
_reflns.B_iso_Wilson_estimate            26.8 
_reflns.entry_id                         6GZL 
_reflns.data_reduction_details           ? 
_reflns.data_reduction_method            ? 
_reflns.d_resolution_high                1.95 
_reflns.d_resolution_low                 40 
_reflns.details                          ? 
_reflns.limit_h_max                      ? 
_reflns.limit_h_min                      ? 
_reflns.limit_k_max                      ? 
_reflns.limit_k_min                      ? 
_reflns.limit_l_max                      ? 
_reflns.limit_l_min                      ? 
_reflns.number_all                       ? 
_reflns.number_obs                       6139 
_reflns.observed_criterion               ? 
_reflns.observed_criterion_F_max         ? 
_reflns.observed_criterion_F_min         ? 
_reflns.observed_criterion_I_max         ? 
_reflns.observed_criterion_I_min         ? 
_reflns.observed_criterion_sigma_F       ? 
_reflns.observed_criterion_sigma_I       ? 
_reflns.percent_possible_obs             65.7 
_reflns.R_free_details                   ? 
_reflns.Rmerge_F_all                     ? 
_reflns.Rmerge_F_obs                     ? 
_reflns.Friedel_coverage                 ? 
_reflns.number_gt                        ? 
_reflns.threshold_expression             ? 
_reflns.pdbx_redundancy                  13 
_reflns.pdbx_Rmerge_I_obs                0.213 
_reflns.pdbx_Rmerge_I_all                ? 
_reflns.pdbx_Rsym_value                  ? 
_reflns.pdbx_netI_over_av_sigmaI         ? 
_reflns.pdbx_netI_over_sigmaI            13.34 
_reflns.pdbx_res_netI_over_av_sigmaI_2   ? 
_reflns.pdbx_res_netI_over_sigmaI_2      ? 
_reflns.pdbx_chi_squared                 ? 
_reflns.pdbx_scaling_rejects             ? 
_reflns.pdbx_d_res_high_opt              ? 
_reflns.pdbx_d_res_low_opt               ? 
_reflns.pdbx_d_res_opt_method            ? 
_reflns.phase_calculation_details        ? 
_reflns.pdbx_Rrim_I_all                  0.222 
_reflns.pdbx_Rpim_I_all                  ? 
_reflns.pdbx_d_opt                       ? 
_reflns.pdbx_number_measured_all         ? 
_reflns.pdbx_diffrn_id                   1 
_reflns.pdbx_ordinal                     1 
_reflns.pdbx_CC_half                     0.998 
_reflns.pdbx_R_split                     ? 
# 
_reflns_shell.d_res_high                  1.95 
_reflns_shell.d_res_low                   2.00 
_reflns_shell.meanI_over_sigI_all         ? 
_reflns_shell.meanI_over_sigI_obs         1.3 
_reflns_shell.number_measured_all         ? 
_reflns_shell.number_measured_obs         ? 
_reflns_shell.number_possible             ? 
_reflns_shell.number_unique_all           ? 
_reflns_shell.number_unique_obs           26 
_reflns_shell.percent_possible_all        3.9 
_reflns_shell.percent_possible_obs        ? 
_reflns_shell.Rmerge_F_all                ? 
_reflns_shell.Rmerge_F_obs                ? 
_reflns_shell.Rmerge_I_all                ? 
_reflns_shell.Rmerge_I_obs                1.812 
_reflns_shell.meanI_over_sigI_gt          ? 
_reflns_shell.meanI_over_uI_all           ? 
_reflns_shell.meanI_over_uI_gt            ? 
_reflns_shell.number_measured_gt          ? 
_reflns_shell.number_unique_gt            ? 
_reflns_shell.percent_possible_gt         ? 
_reflns_shell.Rmerge_F_gt                 ? 
_reflns_shell.Rmerge_I_gt                 ? 
_reflns_shell.pdbx_redundancy             11.4 
_reflns_shell.pdbx_Rsym_value             ? 
_reflns_shell.pdbx_chi_squared            ? 
_reflns_shell.pdbx_netI_over_sigmaI_all   ? 
_reflns_shell.pdbx_netI_over_sigmaI_obs   ? 
_reflns_shell.pdbx_Rrim_I_all             1.901 
_reflns_shell.pdbx_Rpim_I_all             ? 
_reflns_shell.pdbx_rejects                ? 
_reflns_shell.pdbx_ordinal                1 
_reflns_shell.pdbx_diffrn_id              1 
_reflns_shell.pdbx_CC_half                0.469 
_reflns_shell.pdbx_R_split                ? 
# 
_refine.aniso_B[1][1]                            ? 
_refine.aniso_B[1][2]                            ? 
_refine.aniso_B[1][3]                            ? 
_refine.aniso_B[2][2]                            ? 
_refine.aniso_B[2][3]                            ? 
_refine.aniso_B[3][3]                            ? 
_refine.B_iso_max                                ? 
_refine.B_iso_mean                               ? 
_refine.B_iso_min                                ? 
_refine.correlation_coeff_Fo_to_Fc               ? 
_refine.correlation_coeff_Fo_to_Fc_free          ? 
_refine.details                                  
'Refinement was carried out against anisotropically truncated data. Hydrogen atoms were added at their riding positions.' 
_refine.diff_density_max                         ? 
_refine.diff_density_max_esd                     ? 
_refine.diff_density_min                         ? 
_refine.diff_density_min_esd                     ? 
_refine.diff_density_rms                         ? 
_refine.diff_density_rms_esd                     ? 
_refine.entry_id                                 6GZL 
_refine.pdbx_refine_id                           'X-RAY DIFFRACTION' 
_refine.ls_abs_structure_details                 ? 
_refine.ls_abs_structure_Flack                   ? 
_refine.ls_abs_structure_Flack_esd               ? 
_refine.ls_abs_structure_Rogers                  ? 
_refine.ls_abs_structure_Rogers_esd              ? 
_refine.ls_d_res_high                            1.953 
_refine.ls_d_res_low                             37.871 
_refine.ls_extinction_coef                       ? 
_refine.ls_extinction_coef_esd                   ? 
_refine.ls_extinction_expression                 ? 
_refine.ls_extinction_method                     ? 
_refine.ls_goodness_of_fit_all                   ? 
_refine.ls_goodness_of_fit_all_esd               ? 
_refine.ls_goodness_of_fit_obs                   ? 
_refine.ls_goodness_of_fit_obs_esd               ? 
_refine.ls_hydrogen_treatment                    ? 
_refine.ls_matrix_type                           ? 
_refine.ls_number_constraints                    ? 
_refine.ls_number_parameters                     ? 
_refine.ls_number_reflns_all                     ? 
_refine.ls_number_reflns_obs                     6052 
_refine.ls_number_reflns_R_free                  290 
_refine.ls_number_reflns_R_work                  ? 
_refine.ls_number_restraints                     ? 
_refine.ls_percent_reflns_obs                    65.40 
_refine.ls_percent_reflns_R_free                 4.79 
_refine.ls_R_factor_all                          ? 
_refine.ls_R_factor_obs                          0.2140 
_refine.ls_R_factor_R_free                       0.2511 
_refine.ls_R_factor_R_free_error                 ? 
_refine.ls_R_factor_R_free_error_details         ? 
_refine.ls_R_factor_R_work                       0.2122 
_refine.ls_R_Fsqd_factor_obs                     ? 
_refine.ls_R_I_factor_obs                        ? 
_refine.ls_redundancy_reflns_all                 ? 
_refine.ls_redundancy_reflns_obs                 ? 
_refine.ls_restrained_S_all                      ? 
_refine.ls_restrained_S_obs                      ? 
_refine.ls_shift_over_esd_max                    ? 
_refine.ls_shift_over_esd_mean                   ? 
_refine.ls_structure_factor_coef                 ? 
_refine.ls_weighting_details                     ? 
_refine.ls_weighting_scheme                      ? 
_refine.ls_wR_factor_all                         ? 
_refine.ls_wR_factor_obs                         ? 
_refine.ls_wR_factor_R_free                      ? 
_refine.ls_wR_factor_R_work                      ? 
_refine.occupancy_max                            ? 
_refine.occupancy_min                            ? 
_refine.solvent_model_details                    ? 
_refine.solvent_model_param_bsol                 ? 
_refine.solvent_model_param_ksol                 ? 
_refine.ls_R_factor_gt                           ? 
_refine.ls_goodness_of_fit_gt                    ? 
_refine.ls_goodness_of_fit_ref                   ? 
_refine.ls_shift_over_su_max                     ? 
_refine.ls_shift_over_su_max_lt                  ? 
_refine.ls_shift_over_su_mean                    ? 
_refine.ls_shift_over_su_mean_lt                 ? 
_refine.pdbx_ls_sigma_I                          ? 
_refine.pdbx_ls_sigma_F                          1.36 
_refine.pdbx_ls_sigma_Fsqd                       ? 
_refine.pdbx_data_cutoff_high_absF               ? 
_refine.pdbx_data_cutoff_high_rms_absF           ? 
_refine.pdbx_data_cutoff_low_absF                ? 
_refine.pdbx_isotropic_thermal_model             ? 
_refine.pdbx_ls_cross_valid_method               'FREE R-VALUE' 
_refine.pdbx_method_to_determine_struct          'MOLECULAR REPLACEMENT' 
_refine.pdbx_starting_model                      3ZKE 
_refine.pdbx_stereochemistry_target_values       ? 
_refine.pdbx_R_Free_selection_details            ? 
_refine.pdbx_stereochem_target_val_spec_case     ? 
_refine.pdbx_overall_ESU_R                       ? 
_refine.pdbx_overall_ESU_R_Free                  ? 
_refine.pdbx_solvent_vdw_probe_radii             1.11 
_refine.pdbx_solvent_ion_probe_radii             ? 
_refine.pdbx_solvent_shrinkage_radii             0.90 
_refine.pdbx_real_space_R                        ? 
_refine.pdbx_density_correlation                 ? 
_refine.pdbx_pd_number_of_powder_patterns        ? 
_refine.pdbx_pd_number_of_points                 ? 
_refine.pdbx_pd_meas_number_of_points            ? 
_refine.pdbx_pd_proc_ls_prof_R_factor            ? 
_refine.pdbx_pd_proc_ls_prof_wR_factor           ? 
_refine.pdbx_pd_Marquardt_correlation_coeff      ? 
_refine.pdbx_pd_Fsqrd_R_factor                   ? 
_refine.pdbx_pd_ls_matrix_band_width             ? 
_refine.pdbx_overall_phase_error                 19.28 
_refine.pdbx_overall_SU_R_free_Cruickshank_DPI   ? 
_refine.pdbx_overall_SU_R_free_Blow_DPI          ? 
_refine.pdbx_overall_SU_R_Blow_DPI               ? 
_refine.pdbx_TLS_residual_ADP_flag               ? 
_refine.pdbx_diffrn_id                           1 
_refine.overall_SU_B                             ? 
_refine.overall_SU_ML                            0.18 
_refine.overall_SU_R_Cruickshank_DPI             ? 
_refine.overall_SU_R_free                        ? 
_refine.overall_FOM_free_R_set                   ? 
_refine.overall_FOM_work_R_set                   ? 
_refine.pdbx_average_fsc_overall                 ? 
_refine.pdbx_average_fsc_work                    ? 
_refine.pdbx_average_fsc_free                    ? 
# 
_refine_hist.pdbx_refine_id                   'X-RAY DIFFRACTION' 
_refine_hist.cycle_id                         LAST 
_refine_hist.pdbx_number_atoms_protein        811 
_refine_hist.pdbx_number_atoms_nucleic_acid   0 
_refine_hist.pdbx_number_atoms_ligand         1 
_refine_hist.number_atoms_solvent             39 
_refine_hist.number_atoms_total               851 
_refine_hist.d_res_high                       1.953 
_refine_hist.d_res_low                        37.871 
# 
loop_
_refine_ls_restr.pdbx_refine_id 
_refine_ls_restr.criterion 
_refine_ls_restr.dev_ideal 
_refine_ls_restr.dev_ideal_target 
_refine_ls_restr.number 
_refine_ls_restr.rejects 
_refine_ls_restr.type 
_refine_ls_restr.weight 
_refine_ls_restr.pdbx_restraint_function 
'X-RAY DIFFRACTION' ? 0.008  ? 857  ? f_bond_d           ? ? 
'X-RAY DIFFRACTION' ? 0.945  ? 1157 ? f_angle_d          ? ? 
'X-RAY DIFFRACTION' ? 18.831 ? 516  ? f_dihedral_angle_d ? ? 
'X-RAY DIFFRACTION' ? 0.053  ? 123  ? f_chiral_restr     ? ? 
'X-RAY DIFFRACTION' ? 0.004  ? 149  ? f_plane_restr      ? ? 
# 
loop_
_refine_ls_shell.pdbx_refine_id 
_refine_ls_shell.d_res_high 
_refine_ls_shell.d_res_low 
_refine_ls_shell.number_reflns_all 
_refine_ls_shell.number_reflns_obs 
_refine_ls_shell.number_reflns_R_free 
_refine_ls_shell.number_reflns_R_work 
_refine_ls_shell.percent_reflns_obs 
_refine_ls_shell.percent_reflns_R_free 
_refine_ls_shell.R_factor_all 
_refine_ls_shell.R_factor_obs 
_refine_ls_shell.R_factor_R_free 
_refine_ls_shell.R_factor_R_free_error 
_refine_ls_shell.R_factor_R_work 
_refine_ls_shell.redundancy_reflns_all 
_refine_ls_shell.redundancy_reflns_obs 
_refine_ls_shell.wR_factor_all 
_refine_ls_shell.wR_factor_obs 
_refine_ls_shell.wR_factor_R_free 
_refine_ls_shell.wR_factor_R_work 
_refine_ls_shell.pdbx_total_number_of_bins_used 
_refine_ls_shell.pdbx_phase_error 
_refine_ls_shell.pdbx_fsc_work 
_refine_ls_shell.pdbx_fsc_free 
'X-RAY DIFFRACTION' 1.9535 2.4611  . . 57  1220 29.00  . . . 0.2950 . 0.2436 . . . . . . . . . . 
'X-RAY DIFFRACTION' 2.4611 37.8784 . . 233 4542 100.00 . . . 0.2453 . 0.2076 . . . . . . . . . . 
# 
_struct.entry_id                     6GZL 
_struct.title                        
'Complex between the dynein light chain DYNLL1/DLC8 and a peptide from the large myelin-associated glycoprotein L-MAG' 
_struct.pdbx_model_details           ? 
_struct.pdbx_formula_weight          ? 
_struct.pdbx_formula_weight_method   ? 
_struct.pdbx_model_type_details      ? 
_struct.pdbx_CASP_flag               N 
# 
_struct_keywords.entry_id        6GZL 
_struct_keywords.text            'complex, heterotetramer, cell adhesion, cytoplasmic domain, PROTEIN BINDING' 
_struct_keywords.pdbx_keywords   'PROTEIN BINDING' 
# 
loop_
_struct_asym.id 
_struct_asym.pdbx_blank_PDB_chainid_flag 
_struct_asym.pdbx_modified 
_struct_asym.entity_id 
_struct_asym.details 
A N N 1 ? 
B N N 2 ? 
C N N 3 ? 
D N N 4 ? 
E N N 4 ? 
# 
loop_
_struct_ref.id 
_struct_ref.db_name 
_struct_ref.db_code 
_struct_ref.pdbx_db_accession 
_struct_ref.pdbx_db_isoform 
_struct_ref.entity_id 
_struct_ref.pdbx_seq_one_letter_code 
_struct_ref.pdbx_align_begin 
1 UNP DYL1_HUMAN P63167 ? 1 
;MCDRKAVIKNADMSEEMQQDSVECATQALEKYNIEKDIAAHIKKEFDKKYNPTWHCIVGRNFGSYVTHETKHFIYFYLGQ
VAILLFKSG
;
1 
2 PDB 6GZL       6GZL   ? 2 ?                                                                                            1 
# 
loop_
_struct_ref_seq.align_id 
_struct_ref_seq.ref_id 
_struct_ref_seq.pdbx_PDB_id_code 
_struct_ref_seq.pdbx_strand_id 
_struct_ref_seq.seq_align_beg 
_struct_ref_seq.pdbx_seq_align_beg_ins_code 
_struct_ref_seq.seq_align_end 
_struct_ref_seq.pdbx_seq_align_end_ins_code 
_struct_ref_seq.pdbx_db_accession 
_struct_ref_seq.db_align_beg 
_struct_ref_seq.pdbx_db_align_beg_ins_code 
_struct_ref_seq.db_align_end 
_struct_ref_seq.pdbx_db_align_end_ins_code 
_struct_ref_seq.pdbx_auth_seq_align_beg 
_struct_ref_seq.pdbx_auth_seq_align_end 
1 1 6GZL A 2 ? 90 ? P63167 1   ? 89  ? 1   89  
2 2 6GZL B 1 ? 17 ? 6GZL   604 ? 620 ? 604 620 
# 
_struct_ref_seq_dif.align_id                     1 
_struct_ref_seq_dif.pdbx_pdb_id_code             6GZL 
_struct_ref_seq_dif.mon_id                       SER 
_struct_ref_seq_dif.pdbx_pdb_strand_id           A 
_struct_ref_seq_dif.seq_num                      1 
_struct_ref_seq_dif.pdbx_pdb_ins_code            ? 
_struct_ref_seq_dif.pdbx_seq_db_name             UNP 
_struct_ref_seq_dif.pdbx_seq_db_accession_code   P63167 
_struct_ref_seq_dif.db_mon_id                    ? 
_struct_ref_seq_dif.pdbx_seq_db_seq_num          ? 
_struct_ref_seq_dif.details                      'expression tag' 
_struct_ref_seq_dif.pdbx_auth_seq_num            0 
_struct_ref_seq_dif.pdbx_ordinal                 1 
# 
_pdbx_struct_assembly.id                   1 
_pdbx_struct_assembly.details              author_and_software_defined_assembly 
_pdbx_struct_assembly.method_details       PISA 
_pdbx_struct_assembly.oligomeric_details   dimeric 
_pdbx_struct_assembly.oligomeric_count     2 
# 
loop_
_pdbx_struct_assembly_prop.biol_id 
_pdbx_struct_assembly_prop.type 
_pdbx_struct_assembly_prop.value 
_pdbx_struct_assembly_prop.details 
1 'ABSA (A^2)' 1550 ? 
1 MORE         -17  ? 
1 'SSA (A^2)'  5760 ? 
# 
_pdbx_struct_assembly_gen.assembly_id       1 
_pdbx_struct_assembly_gen.oper_expression   1 
_pdbx_struct_assembly_gen.asym_id_list      A,B,C,D,E 
# 
loop_
_pdbx_struct_assembly_auth_evidence.id 
_pdbx_struct_assembly_auth_evidence.assembly_id 
_pdbx_struct_assembly_auth_evidence.experimental_support 
_pdbx_struct_assembly_auth_evidence.details 
1 1 SAXS             ? 
2 1 'gel filtration' ? 
# 
_pdbx_struct_oper_list.id                   1 
_pdbx_struct_oper_list.type                 'identity operation' 
_pdbx_struct_oper_list.name                 1_555 
_pdbx_struct_oper_list.symmetry_operation   x,y,z 
_pdbx_struct_oper_list.matrix[1][1]         1.0000000000 
_pdbx_struct_oper_list.matrix[1][2]         0.0000000000 
_pdbx_struct_oper_list.matrix[1][3]         0.0000000000 
_pdbx_struct_oper_list.vector[1]            0.0000000000 
_pdbx_struct_oper_list.matrix[2][1]         0.0000000000 
_pdbx_struct_oper_list.matrix[2][2]         1.0000000000 
_pdbx_struct_oper_list.matrix[2][3]         0.0000000000 
_pdbx_struct_oper_list.vector[2]            0.0000000000 
_pdbx_struct_oper_list.matrix[3][1]         0.0000000000 
_pdbx_struct_oper_list.matrix[3][2]         0.0000000000 
_pdbx_struct_oper_list.matrix[3][3]         1.0000000000 
_pdbx_struct_oper_list.vector[3]            0.0000000000 
# 
loop_
_struct_conf.conf_type_id 
_struct_conf.id 
_struct_conf.pdbx_PDB_helix_id 
_struct_conf.beg_label_comp_id 
_struct_conf.beg_label_asym_id 
_struct_conf.beg_label_seq_id 
_struct_conf.pdbx_beg_PDB_ins_code 
_struct_conf.end_label_comp_id 
_struct_conf.end_label_asym_id 
_struct_conf.end_label_seq_id 
_struct_conf.pdbx_end_PDB_ins_code 
_struct_conf.beg_auth_comp_id 
_struct_conf.beg_auth_asym_id 
_struct_conf.beg_auth_seq_id 
_struct_conf.end_auth_comp_id 
_struct_conf.end_auth_asym_id 
_struct_conf.end_auth_seq_id 
_struct_conf.pdbx_PDB_helix_class 
_struct_conf.details 
_struct_conf.pdbx_PDB_helix_length 
HELX_P HELX_P1 AA1 SER A 15 ? TYR A 33 ? SER A 14 TYR A 32 1 ? 19 
HELX_P HELX_P2 AA2 ILE A 35 ? ASN A 52 ? ILE A 34 ASN A 51 1 ? 18 
# 
_struct_conf_type.id          HELX_P 
_struct_conf_type.criteria    ? 
_struct_conf_type.reference   ? 
# 
_struct_mon_prot_cis.pdbx_id                1 
_struct_mon_prot_cis.label_comp_id          PRO 
_struct_mon_prot_cis.label_seq_id           53 
_struct_mon_prot_cis.label_asym_id          A 
_struct_mon_prot_cis.label_alt_id           . 
_struct_mon_prot_cis.pdbx_PDB_ins_code      ? 
_struct_mon_prot_cis.auth_comp_id           PRO 
_struct_mon_prot_cis.auth_seq_id            52 
_struct_mon_prot_cis.auth_asym_id           A 
_struct_mon_prot_cis.pdbx_label_comp_id_2   THR 
_struct_mon_prot_cis.pdbx_label_seq_id_2    54 
_struct_mon_prot_cis.pdbx_label_asym_id_2   A 
_struct_mon_prot_cis.pdbx_PDB_ins_code_2    ? 
_struct_mon_prot_cis.pdbx_auth_comp_id_2    THR 
_struct_mon_prot_cis.pdbx_auth_seq_id_2     53 
_struct_mon_prot_cis.pdbx_auth_asym_id_2    A 
_struct_mon_prot_cis.pdbx_PDB_model_num     1 
_struct_mon_prot_cis.pdbx_omega_angle       1.56 
# 
loop_
_struct_sheet.id 
_struct_sheet.type 
_struct_sheet.number_strands 
_struct_sheet.details 
AA1 ? 4 ? 
AA2 ? 2 ? 
# 
loop_
_struct_sheet_order.sheet_id 
_struct_sheet_order.range_id_1 
_struct_sheet_order.range_id_2 
_struct_sheet_order.offset 
_struct_sheet_order.sense 
AA1 1 2 ? anti-parallel 
AA1 2 3 ? anti-parallel 
AA1 3 4 ? anti-parallel 
AA2 1 2 ? anti-parallel 
# 
loop_
_struct_sheet_range.sheet_id 
_struct_sheet_range.id 
_struct_sheet_range.beg_label_comp_id 
_struct_sheet_range.beg_label_asym_id 
_struct_sheet_range.beg_label_seq_id 
_struct_sheet_range.pdbx_beg_PDB_ins_code 
_struct_sheet_range.end_label_comp_id 
_struct_sheet_range.end_label_asym_id 
_struct_sheet_range.end_label_seq_id 
_struct_sheet_range.pdbx_end_PDB_ins_code 
_struct_sheet_range.beg_auth_comp_id 
_struct_sheet_range.beg_auth_asym_id 
_struct_sheet_range.beg_auth_seq_id 
_struct_sheet_range.end_auth_comp_id 
_struct_sheet_range.end_auth_asym_id 
_struct_sheet_range.end_auth_seq_id 
AA1 1 ALA A 7  ? MET A 14 ? ALA A 6   MET A 13  
AA1 2 HIS A 73 ? LEU A 79 ? HIS A 72  LEU A 78  
AA1 3 VAL A 82 ? LYS A 88 ? VAL A 81  LYS A 87  
AA1 4 TRP A 55 ? GLY A 60 ? TRP A 54  GLY A 59  
AA2 1 GLY A 64 ? GLU A 70 ? GLY A 63  GLU A 69  
AA2 2 THR B 4  ? LEU B 10 ? THR B 607 LEU B 613 
# 
loop_
_pdbx_struct_sheet_hbond.sheet_id 
_pdbx_struct_sheet_hbond.range_id_1 
_pdbx_struct_sheet_hbond.range_id_2 
_pdbx_struct_sheet_hbond.range_1_label_atom_id 
_pdbx_struct_sheet_hbond.range_1_label_comp_id 
_pdbx_struct_sheet_hbond.range_1_label_asym_id 
_pdbx_struct_sheet_hbond.range_1_label_seq_id 
_pdbx_struct_sheet_hbond.range_1_PDB_ins_code 
_pdbx_struct_sheet_hbond.range_1_auth_atom_id 
_pdbx_struct_sheet_hbond.range_1_auth_comp_id 
_pdbx_struct_sheet_hbond.range_1_auth_asym_id 
_pdbx_struct_sheet_hbond.range_1_auth_seq_id 
_pdbx_struct_sheet_hbond.range_2_label_atom_id 
_pdbx_struct_sheet_hbond.range_2_label_comp_id 
_pdbx_struct_sheet_hbond.range_2_label_asym_id 
_pdbx_struct_sheet_hbond.range_2_label_seq_id 
_pdbx_struct_sheet_hbond.range_2_PDB_ins_code 
_pdbx_struct_sheet_hbond.range_2_auth_atom_id 
_pdbx_struct_sheet_hbond.range_2_auth_comp_id 
_pdbx_struct_sheet_hbond.range_2_auth_asym_id 
_pdbx_struct_sheet_hbond.range_2_auth_seq_id 
AA1 1 2 N VAL A 8  ? N VAL A 7  O TYR A 78 ? O TYR A 77  
AA1 2 3 N PHE A 77 ? N PHE A 76 O ILE A 84 ? O ILE A 83  
AA1 3 4 O ALA A 83 ? O ALA A 82 N GLY A 60 ? N GLY A 59  
AA2 1 2 N HIS A 69 ? N HIS A 68 O LYS B 5  ? O LYS B 608 
# 
_struct_site.id                   AC1 
_struct_site.pdbx_evidence_code   Software 
_struct_site.pdbx_auth_asym_id    A 
_struct_site.pdbx_auth_comp_id    CL 
_struct_site.pdbx_auth_seq_id     101 
_struct_site.pdbx_auth_ins_code   ? 
_struct_site.pdbx_num_residues    4 
_struct_site.details              'binding site for residue CL A 101' 
# 
loop_
_struct_site_gen.id 
_struct_site_gen.site_id 
_struct_site_gen.pdbx_num_res 
_struct_site_gen.label_comp_id 
_struct_site_gen.label_asym_id 
_struct_site_gen.label_seq_id 
_struct_site_gen.pdbx_auth_ins_code 
_struct_site_gen.auth_comp_id 
_struct_site_gen.auth_asym_id 
_struct_site_gen.auth_seq_id 
_struct_site_gen.label_atom_id 
_struct_site_gen.label_alt_id 
_struct_site_gen.symmetry 
_struct_site_gen.details 
1 AC1 4 ASN A 11 ? ASN A 10  . ? 1_555 ? 
2 AC1 4 TYR A 76 ? TYR A 75  . ? 1_555 ? 
3 AC1 4 THR B 9  ? THR B 612 . ? 1_555 ? 
4 AC1 4 LEU B 10 ? LEU B 613 . ? 1_555 ? 
# 
loop_
_pdbx_validate_torsion.id 
_pdbx_validate_torsion.PDB_model_num 
_pdbx_validate_torsion.auth_comp_id 
_pdbx_validate_torsion.auth_asym_id 
_pdbx_validate_torsion.auth_seq_id 
_pdbx_validate_torsion.PDB_ins_code 
_pdbx_validate_torsion.label_alt_id 
_pdbx_validate_torsion.phi 
_pdbx_validate_torsion.psi 
1 1 MET A 13 ? ? -178.43 137.97 
2 1 ASN A 51 ? ? 75.99   151.96 
# 
loop_
_pdbx_refine_tls.pdbx_refine_id 
_pdbx_refine_tls.id 
_pdbx_refine_tls.details 
_pdbx_refine_tls.method 
_pdbx_refine_tls.origin_x 
_pdbx_refine_tls.origin_y 
_pdbx_refine_tls.origin_z 
_pdbx_refine_tls.T[1][1] 
_pdbx_refine_tls.T[2][2] 
_pdbx_refine_tls.T[3][3] 
_pdbx_refine_tls.T[1][2] 
_pdbx_refine_tls.T[1][3] 
_pdbx_refine_tls.T[2][3] 
_pdbx_refine_tls.L[1][1] 
_pdbx_refine_tls.L[2][2] 
_pdbx_refine_tls.L[3][3] 
_pdbx_refine_tls.L[1][2] 
_pdbx_refine_tls.L[1][3] 
_pdbx_refine_tls.L[2][3] 
_pdbx_refine_tls.S[1][1] 
_pdbx_refine_tls.S[1][2] 
_pdbx_refine_tls.S[1][3] 
_pdbx_refine_tls.S[2][1] 
_pdbx_refine_tls.S[2][2] 
_pdbx_refine_tls.S[2][3] 
_pdbx_refine_tls.S[3][1] 
_pdbx_refine_tls.S[3][2] 
_pdbx_refine_tls.S[3][3] 
'X-RAY DIFFRACTION' 1 ? refined 2.9305  0.6310  -4.6597 0.1272 0.4987 0.1340 -0.0249 -0.0031 0.0148  1.2320 0.2733 0.2191 0.1788 0.0934  0.0617  0.0141 0.7418 -0.0019 -0.1745 0.0793 0.1477 0.0367  -0.2561 -0.0233 
'X-RAY DIFFRACTION' 2 ? refined -2.0749 1.0716  3.1776  0.0619 0.2365 0.0948 -0.0213 0.0322  0.0369  2.2651 0.6649 1.2219 0.9400 -0.4737 -0.4516 0.0660 0.5407 0.1001  -0.0556 0.0779 0.1700 -0.1149 -0.3149 0.0102  
'X-RAY DIFFRACTION' 3 ? refined -6.4620 -4.3549 8.5077  0.0932 0.2215 0.1688 -0.0282 0.0136  -0.0008 4.0481 0.4920 3.4048 1.2958 -0.8593 0.0374  0.1028 0.0569 -0.5811 0.0501  0.0000 0.8362 -0.0018 -0.3997 -0.1281  
# 
loop_
_pdbx_refine_tls_group.pdbx_refine_id 
_pdbx_refine_tls_group.id 
_pdbx_refine_tls_group.refine_tls_id 
_pdbx_refine_tls_group.beg_auth_asym_id 
_pdbx_refine_tls_group.beg_auth_seq_id 
_pdbx_refine_tls_group.beg_label_asym_id 
_pdbx_refine_tls_group.beg_label_seq_id 
_pdbx_refine_tls_group.end_auth_asym_id 
_pdbx_refine_tls_group.end_auth_seq_id 
_pdbx_refine_tls_group.end_label_asym_id 
_pdbx_refine_tls_group.end_label_seq_id 
_pdbx_refine_tls_group.selection 
_pdbx_refine_tls_group.selection_details 
'X-RAY DIFFRACTION' 1 1 ? ? ? ? ? ? ? ? ? 
;chain 'A' and (resid 4 through 50 )
;
'X-RAY DIFFRACTION' 2 2 ? ? ? ? ? ? ? ? ? 
;chain 'A' and (resid 51 through 89 )
;
'X-RAY DIFFRACTION' 3 3 ? ? ? ? ? ? ? ? ? 
;chain 'B' and (resid 606 through 617 )
;
# 
loop_
_pdbx_unobs_or_zero_occ_residues.id 
_pdbx_unobs_or_zero_occ_residues.PDB_model_num 
_pdbx_unobs_or_zero_occ_residues.polymer_flag 
_pdbx_unobs_or_zero_occ_residues.occupancy_flag 
_pdbx_unobs_or_zero_occ_residues.auth_asym_id 
_pdbx_unobs_or_zero_occ_residues.auth_comp_id 
_pdbx_unobs_or_zero_occ_residues.auth_seq_id 
_pdbx_unobs_or_zero_occ_residues.PDB_ins_code 
_pdbx_unobs_or_zero_occ_residues.label_asym_id 
_pdbx_unobs_or_zero_occ_residues.label_comp_id 
_pdbx_unobs_or_zero_occ_residues.label_seq_id 
1 1 Y 1 A SER 0   ? A SER 1  
2 1 Y 1 A MET 1   ? A MET 2  
3 1 Y 1 A CYS 2   ? A CYS 3  
4 1 Y 1 B LYS 604 ? B LYS 1  
5 1 Y 1 B ARG 605 ? B ARG 2  
6 1 Y 1 B ALA 618 ? B ALA 15 
7 1 Y 1 B GLU 619 ? B GLU 16 
8 1 Y 1 B TYR 620 ? B TYR 17 
# 
loop_
_chem_comp_atom.comp_id 
_chem_comp_atom.atom_id 
_chem_comp_atom.type_symbol 
_chem_comp_atom.pdbx_aromatic_flag 
_chem_comp_atom.pdbx_stereo_config 
_chem_comp_atom.pdbx_ordinal 
ALA N    N  N N 1   
ALA CA   C  N S 2   
ALA C    C  N N 3   
ALA O    O  N N 4   
ALA CB   C  N N 5   
ALA OXT  O  N N 6   
ALA H    H  N N 7   
ALA H2   H  N N 8   
ALA HA   H  N N 9   
ALA HB1  H  N N 10  
ALA HB2  H  N N 11  
ALA HB3  H  N N 12  
ALA HXT  H  N N 13  
ARG N    N  N N 14  
ARG CA   C  N S 15  
ARG C    C  N N 16  
ARG O    O  N N 17  
ARG CB   C  N N 18  
ARG CG   C  N N 19  
ARG CD   C  N N 20  
ARG NE   N  N N 21  
ARG CZ   C  N N 22  
ARG NH1  N  N N 23  
ARG NH2  N  N N 24  
ARG OXT  O  N N 25  
ARG H    H  N N 26  
ARG H2   H  N N 27  
ARG HA   H  N N 28  
ARG HB2  H  N N 29  
ARG HB3  H  N N 30  
ARG HG2  H  N N 31  
ARG HG3  H  N N 32  
ARG HD2  H  N N 33  
ARG HD3  H  N N 34  
ARG HE   H  N N 35  
ARG HH11 H  N N 36  
ARG HH12 H  N N 37  
ARG HH21 H  N N 38  
ARG HH22 H  N N 39  
ARG HXT  H  N N 40  
ASN N    N  N N 41  
ASN CA   C  N S 42  
ASN C    C  N N 43  
ASN O    O  N N 44  
ASN CB   C  N N 45  
ASN CG   C  N N 46  
ASN OD1  O  N N 47  
ASN ND2  N  N N 48  
ASN OXT  O  N N 49  
ASN H    H  N N 50  
ASN H2   H  N N 51  
ASN HA   H  N N 52  
ASN HB2  H  N N 53  
ASN HB3  H  N N 54  
ASN HD21 H  N N 55  
ASN HD22 H  N N 56  
ASN HXT  H  N N 57  
ASP N    N  N N 58  
ASP CA   C  N S 59  
ASP C    C  N N 60  
ASP O    O  N N 61  
ASP CB   C  N N 62  
ASP CG   C  N N 63  
ASP OD1  O  N N 64  
ASP OD2  O  N N 65  
ASP OXT  O  N N 66  
ASP H    H  N N 67  
ASP H2   H  N N 68  
ASP HA   H  N N 69  
ASP HB2  H  N N 70  
ASP HB3  H  N N 71  
ASP HD2  H  N N 72  
ASP HXT  H  N N 73  
CL  CL   CL N N 74  
CYS N    N  N N 75  
CYS CA   C  N R 76  
CYS C    C  N N 77  
CYS O    O  N N 78  
CYS CB   C  N N 79  
CYS SG   S  N N 80  
CYS OXT  O  N N 81  
CYS H    H  N N 82  
CYS H2   H  N N 83  
CYS HA   H  N N 84  
CYS HB2  H  N N 85  
CYS HB3  H  N N 86  
CYS HG   H  N N 87  
CYS HXT  H  N N 88  
GLN N    N  N N 89  
GLN CA   C  N S 90  
GLN C    C  N N 91  
GLN O    O  N N 92  
GLN CB   C  N N 93  
GLN CG   C  N N 94  
GLN CD   C  N N 95  
GLN OE1  O  N N 96  
GLN NE2  N  N N 97  
GLN OXT  O  N N 98  
GLN H    H  N N 99  
GLN H2   H  N N 100 
GLN HA   H  N N 101 
GLN HB2  H  N N 102 
GLN HB3  H  N N 103 
GLN HG2  H  N N 104 
GLN HG3  H  N N 105 
GLN HE21 H  N N 106 
GLN HE22 H  N N 107 
GLN HXT  H  N N 108 
GLU N    N  N N 109 
GLU CA   C  N S 110 
GLU C    C  N N 111 
GLU O    O  N N 112 
GLU CB   C  N N 113 
GLU CG   C  N N 114 
GLU CD   C  N N 115 
GLU OE1  O  N N 116 
GLU OE2  O  N N 117 
GLU OXT  O  N N 118 
GLU H    H  N N 119 
GLU H2   H  N N 120 
GLU HA   H  N N 121 
GLU HB2  H  N N 122 
GLU HB3  H  N N 123 
GLU HG2  H  N N 124 
GLU HG3  H  N N 125 
GLU HE2  H  N N 126 
GLU HXT  H  N N 127 
GLY N    N  N N 128 
GLY CA   C  N N 129 
GLY C    C  N N 130 
GLY O    O  N N 131 
GLY OXT  O  N N 132 
GLY H    H  N N 133 
GLY H2   H  N N 134 
GLY HA2  H  N N 135 
GLY HA3  H  N N 136 
GLY HXT  H  N N 137 
HIS N    N  N N 138 
HIS CA   C  N S 139 
HIS C    C  N N 140 
HIS O    O  N N 141 
HIS CB   C  N N 142 
HIS CG   C  Y N 143 
HIS ND1  N  Y N 144 
HIS CD2  C  Y N 145 
HIS CE1  C  Y N 146 
HIS NE2  N  Y N 147 
HIS OXT  O  N N 148 
HIS H    H  N N 149 
HIS H2   H  N N 150 
HIS HA   H  N N 151 
HIS HB2  H  N N 152 
HIS HB3  H  N N 153 
HIS HD1  H  N N 154 
HIS HD2  H  N N 155 
HIS HE1  H  N N 156 
HIS HE2  H  N N 157 
HIS HXT  H  N N 158 
HOH O    O  N N 159 
HOH H1   H  N N 160 
HOH H2   H  N N 161 
ILE N    N  N N 162 
ILE CA   C  N S 163 
ILE C    C  N N 164 
ILE O    O  N N 165 
ILE CB   C  N S 166 
ILE CG1  C  N N 167 
ILE CG2  C  N N 168 
ILE CD1  C  N N 169 
ILE OXT  O  N N 170 
ILE H    H  N N 171 
ILE H2   H  N N 172 
ILE HA   H  N N 173 
ILE HB   H  N N 174 
ILE HG12 H  N N 175 
ILE HG13 H  N N 176 
ILE HG21 H  N N 177 
ILE HG22 H  N N 178 
ILE HG23 H  N N 179 
ILE HD11 H  N N 180 
ILE HD12 H  N N 181 
ILE HD13 H  N N 182 
ILE HXT  H  N N 183 
LEU N    N  N N 184 
LEU CA   C  N S 185 
LEU C    C  N N 186 
LEU O    O  N N 187 
LEU CB   C  N N 188 
LEU CG   C  N N 189 
LEU CD1  C  N N 190 
LEU CD2  C  N N 191 
LEU OXT  O  N N 192 
LEU H    H  N N 193 
LEU H2   H  N N 194 
LEU HA   H  N N 195 
LEU HB2  H  N N 196 
LEU HB3  H  N N 197 
LEU HG   H  N N 198 
LEU HD11 H  N N 199 
LEU HD12 H  N N 200 
LEU HD13 H  N N 201 
LEU HD21 H  N N 202 
LEU HD22 H  N N 203 
LEU HD23 H  N N 204 
LEU HXT  H  N N 205 
LYS N    N  N N 206 
LYS CA   C  N S 207 
LYS C    C  N N 208 
LYS O    O  N N 209 
LYS CB   C  N N 210 
LYS CG   C  N N 211 
LYS CD   C  N N 212 
LYS CE   C  N N 213 
LYS NZ   N  N N 214 
LYS OXT  O  N N 215 
LYS H    H  N N 216 
LYS H2   H  N N 217 
LYS HA   H  N N 218 
LYS HB2  H  N N 219 
LYS HB3  H  N N 220 
LYS HG2  H  N N 221 
LYS HG3  H  N N 222 
LYS HD2  H  N N 223 
LYS HD3  H  N N 224 
LYS HE2  H  N N 225 
LYS HE3  H  N N 226 
LYS HZ1  H  N N 227 
LYS HZ2  H  N N 228 
LYS HZ3  H  N N 229 
LYS HXT  H  N N 230 
MET N    N  N N 231 
MET CA   C  N S 232 
MET C    C  N N 233 
MET O    O  N N 234 
MET CB   C  N N 235 
MET CG   C  N N 236 
MET SD   S  N N 237 
MET CE   C  N N 238 
MET OXT  O  N N 239 
MET H    H  N N 240 
MET H2   H  N N 241 
MET HA   H  N N 242 
MET HB2  H  N N 243 
MET HB3  H  N N 244 
MET HG2  H  N N 245 
MET HG3  H  N N 246 
MET HE1  H  N N 247 
MET HE2  H  N N 248 
MET HE3  H  N N 249 
MET HXT  H  N N 250 
PHE N    N  N N 251 
PHE CA   C  N S 252 
PHE C    C  N N 253 
PHE O    O  N N 254 
PHE CB   C  N N 255 
PHE CG   C  Y N 256 
PHE CD1  C  Y N 257 
PHE CD2  C  Y N 258 
PHE CE1  C  Y N 259 
PHE CE2  C  Y N 260 
PHE CZ   C  Y N 261 
PHE OXT  O  N N 262 
PHE H    H  N N 263 
PHE H2   H  N N 264 
PHE HA   H  N N 265 
PHE HB2  H  N N 266 
PHE HB3  H  N N 267 
PHE HD1  H  N N 268 
PHE HD2  H  N N 269 
PHE HE1  H  N N 270 
PHE HE2  H  N N 271 
PHE HZ   H  N N 272 
PHE HXT  H  N N 273 
PRO N    N  N N 274 
PRO CA   C  N S 275 
PRO C    C  N N 276 
PRO O    O  N N 277 
PRO CB   C  N N 278 
PRO CG   C  N N 279 
PRO CD   C  N N 280 
PRO OXT  O  N N 281 
PRO H    H  N N 282 
PRO HA   H  N N 283 
PRO HB2  H  N N 284 
PRO HB3  H  N N 285 
PRO HG2  H  N N 286 
PRO HG3  H  N N 287 
PRO HD2  H  N N 288 
PRO HD3  H  N N 289 
PRO HXT  H  N N 290 
SER N    N  N N 291 
SER CA   C  N S 292 
SER C    C  N N 293 
SER O    O  N N 294 
SER CB   C  N N 295 
SER OG   O  N N 296 
SER OXT  O  N N 297 
SER H    H  N N 298 
SER H2   H  N N 299 
SER HA   H  N N 300 
SER HB2  H  N N 301 
SER HB3  H  N N 302 
SER HG   H  N N 303 
SER HXT  H  N N 304 
THR N    N  N N 305 
THR CA   C  N S 306 
THR C    C  N N 307 
THR O    O  N N 308 
THR CB   C  N R 309 
THR OG1  O  N N 310 
THR CG2  C  N N 311 
THR OXT  O  N N 312 
THR H    H  N N 313 
THR H2   H  N N 314 
THR HA   H  N N 315 
THR HB   H  N N 316 
THR HG1  H  N N 317 
THR HG21 H  N N 318 
THR HG22 H  N N 319 
THR HG23 H  N N 320 
THR HXT  H  N N 321 
TRP N    N  N N 322 
TRP CA   C  N S 323 
TRP C    C  N N 324 
TRP O    O  N N 325 
TRP CB   C  N N 326 
TRP CG   C  Y N 327 
TRP CD1  C  Y N 328 
TRP CD2  C  Y N 329 
TRP NE1  N  Y N 330 
TRP CE2  C  Y N 331 
TRP CE3  C  Y N 332 
TRP CZ2  C  Y N 333 
TRP CZ3  C  Y N 334 
TRP CH2  C  Y N 335 
TRP OXT  O  N N 336 
TRP H    H  N N 337 
TRP H2   H  N N 338 
TRP HA   H  N N 339 
TRP HB2  H  N N 340 
TRP HB3  H  N N 341 
TRP HD1  H  N N 342 
TRP HE1  H  N N 343 
TRP HE3  H  N N 344 
TRP HZ2  H  N N 345 
TRP HZ3  H  N N 346 
TRP HH2  H  N N 347 
TRP HXT  H  N N 348 
TYR N    N  N N 349 
TYR CA   C  N S 350 
TYR C    C  N N 351 
TYR O    O  N N 352 
TYR CB   C  N N 353 
TYR CG   C  Y N 354 
TYR CD1  C  Y N 355 
TYR CD2  C  Y N 356 
TYR CE1  C  Y N 357 
TYR CE2  C  Y N 358 
TYR CZ   C  Y N 359 
TYR OH   O  N N 360 
TYR OXT  O  N N 361 
TYR H    H  N N 362 
TYR H2   H  N N 363 
TYR HA   H  N N 364 
TYR HB2  H  N N 365 
TYR HB3  H  N N 366 
TYR HD1  H  N N 367 
TYR HD2  H  N N 368 
TYR HE1  H  N N 369 
TYR HE2  H  N N 370 
TYR HH   H  N N 371 
TYR HXT  H  N N 372 
VAL N    N  N N 373 
VAL CA   C  N S 374 
VAL C    C  N N 375 
VAL O    O  N N 376 
VAL CB   C  N N 377 
VAL CG1  C  N N 378 
VAL CG2  C  N N 379 
VAL OXT  O  N N 380 
VAL H    H  N N 381 
VAL H2   H  N N 382 
VAL HA   H  N N 383 
VAL HB   H  N N 384 
VAL HG11 H  N N 385 
VAL HG12 H  N N 386 
VAL HG13 H  N N 387 
VAL HG21 H  N N 388 
VAL HG22 H  N N 389 
VAL HG23 H  N N 390 
VAL HXT  H  N N 391 
# 
loop_
_chem_comp_bond.comp_id 
_chem_comp_bond.atom_id_1 
_chem_comp_bond.atom_id_2 
_chem_comp_bond.value_order 
_chem_comp_bond.pdbx_aromatic_flag 
_chem_comp_bond.pdbx_stereo_config 
_chem_comp_bond.pdbx_ordinal 
ALA N   CA   sing N N 1   
ALA N   H    sing N N 2   
ALA N   H2   sing N N 3   
ALA CA  C    sing N N 4   
ALA CA  CB   sing N N 5   
ALA CA  HA   sing N N 6   
ALA C   O    doub N N 7   
ALA C   OXT  sing N N 8   
ALA CB  HB1  sing N N 9   
ALA CB  HB2  sing N N 10  
ALA CB  HB3  sing N N 11  
ALA OXT HXT  sing N N 12  
ARG N   CA   sing N N 13  
ARG N   H    sing N N 14  
ARG N   H2   sing N N 15  
ARG CA  C    sing N N 16  
ARG CA  CB   sing N N 17  
ARG CA  HA   sing N N 18  
ARG C   O    doub N N 19  
ARG C   OXT  sing N N 20  
ARG CB  CG   sing N N 21  
ARG CB  HB2  sing N N 22  
ARG CB  HB3  sing N N 23  
ARG CG  CD   sing N N 24  
ARG CG  HG2  sing N N 25  
ARG CG  HG3  sing N N 26  
ARG CD  NE   sing N N 27  
ARG CD  HD2  sing N N 28  
ARG CD  HD3  sing N N 29  
ARG NE  CZ   sing N N 30  
ARG NE  HE   sing N N 31  
ARG CZ  NH1  sing N N 32  
ARG CZ  NH2  doub N N 33  
ARG NH1 HH11 sing N N 34  
ARG NH1 HH12 sing N N 35  
ARG NH2 HH21 sing N N 36  
ARG NH2 HH22 sing N N 37  
ARG OXT HXT  sing N N 38  
ASN N   CA   sing N N 39  
ASN N   H    sing N N 40  
ASN N   H2   sing N N 41  
ASN CA  C    sing N N 42  
ASN CA  CB   sing N N 43  
ASN CA  HA   sing N N 44  
ASN C   O    doub N N 45  
ASN C   OXT  sing N N 46  
ASN CB  CG   sing N N 47  
ASN CB  HB2  sing N N 48  
ASN CB  HB3  sing N N 49  
ASN CG  OD1  doub N N 50  
ASN CG  ND2  sing N N 51  
ASN ND2 HD21 sing N N 52  
ASN ND2 HD22 sing N N 53  
ASN OXT HXT  sing N N 54  
ASP N   CA   sing N N 55  
ASP N   H    sing N N 56  
ASP N   H2   sing N N 57  
ASP CA  C    sing N N 58  
ASP CA  CB   sing N N 59  
ASP CA  HA   sing N N 60  
ASP C   O    doub N N 61  
ASP C   OXT  sing N N 62  
ASP CB  CG   sing N N 63  
ASP CB  HB2  sing N N 64  
ASP CB  HB3  sing N N 65  
ASP CG  OD1  doub N N 66  
ASP CG  OD2  sing N N 67  
ASP OD2 HD2  sing N N 68  
ASP OXT HXT  sing N N 69  
CYS N   CA   sing N N 70  
CYS N   H    sing N N 71  
CYS N   H2   sing N N 72  
CYS CA  C    sing N N 73  
CYS CA  CB   sing N N 74  
CYS CA  HA   sing N N 75  
CYS C   O    doub N N 76  
CYS C   OXT  sing N N 77  
CYS CB  SG   sing N N 78  
CYS CB  HB2  sing N N 79  
CYS CB  HB3  sing N N 80  
CYS SG  HG   sing N N 81  
CYS OXT HXT  sing N N 82  
GLN N   CA   sing N N 83  
GLN N   H    sing N N 84  
GLN N   H2   sing N N 85  
GLN CA  C    sing N N 86  
GLN CA  CB   sing N N 87  
GLN CA  HA   sing N N 88  
GLN C   O    doub N N 89  
GLN C   OXT  sing N N 90  
GLN CB  CG   sing N N 91  
GLN CB  HB2  sing N N 92  
GLN CB  HB3  sing N N 93  
GLN CG  CD   sing N N 94  
GLN CG  HG2  sing N N 95  
GLN CG  HG3  sing N N 96  
GLN CD  OE1  doub N N 97  
GLN CD  NE2  sing N N 98  
GLN NE2 HE21 sing N N 99  
GLN NE2 HE22 sing N N 100 
GLN OXT HXT  sing N N 101 
GLU N   CA   sing N N 102 
GLU N   H    sing N N 103 
GLU N   H2   sing N N 104 
GLU CA  C    sing N N 105 
GLU CA  CB   sing N N 106 
GLU CA  HA   sing N N 107 
GLU C   O    doub N N 108 
GLU C   OXT  sing N N 109 
GLU CB  CG   sing N N 110 
GLU CB  HB2  sing N N 111 
GLU CB  HB3  sing N N 112 
GLU CG  CD   sing N N 113 
GLU CG  HG2  sing N N 114 
GLU CG  HG3  sing N N 115 
GLU CD  OE1  doub N N 116 
GLU CD  OE2  sing N N 117 
GLU OE2 HE2  sing N N 118 
GLU OXT HXT  sing N N 119 
GLY N   CA   sing N N 120 
GLY N   H    sing N N 121 
GLY N   H2   sing N N 122 
GLY CA  C    sing N N 123 
GLY CA  HA2  sing N N 124 
GLY CA  HA3  sing N N 125 
GLY C   O    doub N N 126 
GLY C   OXT  sing N N 127 
GLY OXT HXT  sing N N 128 
HIS N   CA   sing N N 129 
HIS N   H    sing N N 130 
HIS N   H2   sing N N 131 
HIS CA  C    sing N N 132 
HIS CA  CB   sing N N 133 
HIS CA  HA   sing N N 134 
HIS C   O    doub N N 135 
HIS C   OXT  sing N N 136 
HIS CB  CG   sing N N 137 
HIS CB  HB2  sing N N 138 
HIS CB  HB3  sing N N 139 
HIS CG  ND1  sing Y N 140 
HIS CG  CD2  doub Y N 141 
HIS ND1 CE1  doub Y N 142 
HIS ND1 HD1  sing N N 143 
HIS CD2 NE2  sing Y N 144 
HIS CD2 HD2  sing N N 145 
HIS CE1 NE2  sing Y N 146 
HIS CE1 HE1  sing N N 147 
HIS NE2 HE2  sing N N 148 
HIS OXT HXT  sing N N 149 
HOH O   H1   sing N N 150 
HOH O   H2   sing N N 151 
ILE N   CA   sing N N 152 
ILE N   H    sing N N 153 
ILE N   H2   sing N N 154 
ILE CA  C    sing N N 155 
ILE CA  CB   sing N N 156 
ILE CA  HA   sing N N 157 
ILE C   O    doub N N 158 
ILE C   OXT  sing N N 159 
ILE CB  CG1  sing N N 160 
ILE CB  CG2  sing N N 161 
ILE CB  HB   sing N N 162 
ILE CG1 CD1  sing N N 163 
ILE CG1 HG12 sing N N 164 
ILE CG1 HG13 sing N N 165 
ILE CG2 HG21 sing N N 166 
ILE CG2 HG22 sing N N 167 
ILE CG2 HG23 sing N N 168 
ILE CD1 HD11 sing N N 169 
ILE CD1 HD12 sing N N 170 
ILE CD1 HD13 sing N N 171 
ILE OXT HXT  sing N N 172 
LEU N   CA   sing N N 173 
LEU N   H    sing N N 174 
LEU N   H2   sing N N 175 
LEU CA  C    sing N N 176 
LEU CA  CB   sing N N 177 
LEU CA  HA   sing N N 178 
LEU C   O    doub N N 179 
LEU C   OXT  sing N N 180 
LEU CB  CG   sing N N 181 
LEU CB  HB2  sing N N 182 
LEU CB  HB3  sing N N 183 
LEU CG  CD1  sing N N 184 
LEU CG  CD2  sing N N 185 
LEU CG  HG   sing N N 186 
LEU CD1 HD11 sing N N 187 
LEU CD1 HD12 sing N N 188 
LEU CD1 HD13 sing N N 189 
LEU CD2 HD21 sing N N 190 
LEU CD2 HD22 sing N N 191 
LEU CD2 HD23 sing N N 192 
LEU OXT HXT  sing N N 193 
LYS N   CA   sing N N 194 
LYS N   H    sing N N 195 
LYS N   H2   sing N N 196 
LYS CA  C    sing N N 197 
LYS CA  CB   sing N N 198 
LYS CA  HA   sing N N 199 
LYS C   O    doub N N 200 
LYS C   OXT  sing N N 201 
LYS CB  CG   sing N N 202 
LYS CB  HB2  sing N N 203 
LYS CB  HB3  sing N N 204 
LYS CG  CD   sing N N 205 
LYS CG  HG2  sing N N 206 
LYS CG  HG3  sing N N 207 
LYS CD  CE   sing N N 208 
LYS CD  HD2  sing N N 209 
LYS CD  HD3  sing N N 210 
LYS CE  NZ   sing N N 211 
LYS CE  HE2  sing N N 212 
LYS CE  HE3  sing N N 213 
LYS NZ  HZ1  sing N N 214 
LYS NZ  HZ2  sing N N 215 
LYS NZ  HZ3  sing N N 216 
LYS OXT HXT  sing N N 217 
MET N   CA   sing N N 218 
MET N   H    sing N N 219 
MET N   H2   sing N N 220 
MET CA  C    sing N N 221 
MET CA  CB   sing N N 222 
MET CA  HA   sing N N 223 
MET C   O    doub N N 224 
MET C   OXT  sing N N 225 
MET CB  CG   sing N N 226 
MET CB  HB2  sing N N 227 
MET CB  HB3  sing N N 228 
MET CG  SD   sing N N 229 
MET CG  HG2  sing N N 230 
MET CG  HG3  sing N N 231 
MET SD  CE   sing N N 232 
MET CE  HE1  sing N N 233 
MET CE  HE2  sing N N 234 
MET CE  HE3  sing N N 235 
MET OXT HXT  sing N N 236 
PHE N   CA   sing N N 237 
PHE N   H    sing N N 238 
PHE N   H2   sing N N 239 
PHE CA  C    sing N N 240 
PHE CA  CB   sing N N 241 
PHE CA  HA   sing N N 242 
PHE C   O    doub N N 243 
PHE C   OXT  sing N N 244 
PHE CB  CG   sing N N 245 
PHE CB  HB2  sing N N 246 
PHE CB  HB3  sing N N 247 
PHE CG  CD1  doub Y N 248 
PHE CG  CD2  sing Y N 249 
PHE CD1 CE1  sing Y N 250 
PHE CD1 HD1  sing N N 251 
PHE CD2 CE2  doub Y N 252 
PHE CD2 HD2  sing N N 253 
PHE CE1 CZ   doub Y N 254 
PHE CE1 HE1  sing N N 255 
PHE CE2 CZ   sing Y N 256 
PHE CE2 HE2  sing N N 257 
PHE CZ  HZ   sing N N 258 
PHE OXT HXT  sing N N 259 
PRO N   CA   sing N N 260 
PRO N   CD   sing N N 261 
PRO N   H    sing N N 262 
PRO CA  C    sing N N 263 
PRO CA  CB   sing N N 264 
PRO CA  HA   sing N N 265 
PRO C   O    doub N N 266 
PRO C   OXT  sing N N 267 
PRO CB  CG   sing N N 268 
PRO CB  HB2  sing N N 269 
PRO CB  HB3  sing N N 270 
PRO CG  CD   sing N N 271 
PRO CG  HG2  sing N N 272 
PRO CG  HG3  sing N N 273 
PRO CD  HD2  sing N N 274 
PRO CD  HD3  sing N N 275 
PRO OXT HXT  sing N N 276 
SER N   CA   sing N N 277 
SER N   H    sing N N 278 
SER N   H2   sing N N 279 
SER CA  C    sing N N 280 
SER CA  CB   sing N N 281 
SER CA  HA   sing N N 282 
SER C   O    doub N N 283 
SER C   OXT  sing N N 284 
SER CB  OG   sing N N 285 
SER CB  HB2  sing N N 286 
SER CB  HB3  sing N N 287 
SER OG  HG   sing N N 288 
SER OXT HXT  sing N N 289 
THR N   CA   sing N N 290 
THR N   H    sing N N 291 
THR N   H2   sing N N 292 
THR CA  C    sing N N 293 
THR CA  CB   sing N N 294 
THR CA  HA   sing N N 295 
THR C   O    doub N N 296 
THR C   OXT  sing N N 297 
THR CB  OG1  sing N N 298 
THR CB  CG2  sing N N 299 
THR CB  HB   sing N N 300 
THR OG1 HG1  sing N N 301 
THR CG2 HG21 sing N N 302 
THR CG2 HG22 sing N N 303 
THR CG2 HG23 sing N N 304 
THR OXT HXT  sing N N 305 
TRP N   CA   sing N N 306 
TRP N   H    sing N N 307 
TRP N   H2   sing N N 308 
TRP CA  C    sing N N 309 
TRP CA  CB   sing N N 310 
TRP CA  HA   sing N N 311 
TRP C   O    doub N N 312 
TRP C   OXT  sing N N 313 
TRP CB  CG   sing N N 314 
TRP CB  HB2  sing N N 315 
TRP CB  HB3  sing N N 316 
TRP CG  CD1  doub Y N 317 
TRP CG  CD2  sing Y N 318 
TRP CD1 NE1  sing Y N 319 
TRP CD1 HD1  sing N N 320 
TRP CD2 CE2  doub Y N 321 
TRP CD2 CE3  sing Y N 322 
TRP NE1 CE2  sing Y N 323 
TRP NE1 HE1  sing N N 324 
TRP CE2 CZ2  sing Y N 325 
TRP CE3 CZ3  doub Y N 326 
TRP CE3 HE3  sing N N 327 
TRP CZ2 CH2  doub Y N 328 
TRP CZ2 HZ2  sing N N 329 
TRP CZ3 CH2  sing Y N 330 
TRP CZ3 HZ3  sing N N 331 
TRP CH2 HH2  sing N N 332 
TRP OXT HXT  sing N N 333 
TYR N   CA   sing N N 334 
TYR N   H    sing N N 335 
TYR N   H2   sing N N 336 
TYR CA  C    sing N N 337 
TYR CA  CB   sing N N 338 
TYR CA  HA   sing N N 339 
TYR C   O    doub N N 340 
TYR C   OXT  sing N N 341 
TYR CB  CG   sing N N 342 
TYR CB  HB2  sing N N 343 
TYR CB  HB3  sing N N 344 
TYR CG  CD1  doub Y N 345 
TYR CG  CD2  sing Y N 346 
TYR CD1 CE1  sing Y N 347 
TYR CD1 HD1  sing N N 348 
TYR CD2 CE2  doub Y N 349 
TYR CD2 HD2  sing N N 350 
TYR CE1 CZ   doub Y N 351 
TYR CE1 HE1  sing N N 352 
TYR CE2 CZ   sing Y N 353 
TYR CE2 HE2  sing N N 354 
TYR CZ  OH   sing N N 355 
TYR OH  HH   sing N N 356 
TYR OXT HXT  sing N N 357 
VAL N   CA   sing N N 358 
VAL N   H    sing N N 359 
VAL N   H2   sing N N 360 
VAL CA  C    sing N N 361 
VAL CA  CB   sing N N 362 
VAL CA  HA   sing N N 363 
VAL C   O    doub N N 364 
VAL C   OXT  sing N N 365 
VAL CB  CG1  sing N N 366 
VAL CB  CG2  sing N N 367 
VAL CB  HB   sing N N 368 
VAL CG1 HG11 sing N N 369 
VAL CG1 HG12 sing N N 370 
VAL CG1 HG13 sing N N 371 
VAL CG2 HG21 sing N N 372 
VAL CG2 HG22 sing N N 373 
VAL CG2 HG23 sing N N 374 
VAL OXT HXT  sing N N 375 
# 
_pdbx_initial_refinement_model.id               1 
_pdbx_initial_refinement_model.entity_id_list   ? 
_pdbx_initial_refinement_model.type             'experimental model' 
_pdbx_initial_refinement_model.source_name      PDB 
_pdbx_initial_refinement_model.accession_code   3ZKE 
_pdbx_initial_refinement_model.details          ? 
# 
_atom_sites.entry_id                    6GZL 
_atom_sites.fract_transf_matrix[1][1]   0.01224499 
_atom_sites.fract_transf_matrix[1][2]   0.02275970 
_atom_sites.fract_transf_matrix[1][3]   0.00541489 
_atom_sites.fract_transf_matrix[2][1]   0.02472373 
_atom_sites.fract_transf_matrix[2][2]   -0.00018939 
_atom_sites.fract_transf_matrix[2][3]   0.00926960 
_atom_sites.fract_transf_matrix[3][1]   0.00170946 
_atom_sites.fract_transf_matrix[3][2]   0.00016425 
_atom_sites.fract_transf_matrix[3][3]   -0.00455609 
_atom_sites.fract_transf_vector[1]      0.182266 
_atom_sites.fract_transf_vector[2]      -0.403032 
_atom_sites.fract_transf_vector[3]      -0.043058 
# 
loop_
_atom_type.symbol 
C  
CL 
N  
O  
S  
# 
loop_
_atom_site.group_PDB 
_atom_site.id 
_atom_site.type_symbol 
_atom_site.label_atom_id 
_atom_site.label_alt_id 
_atom_site.label_comp_id 
_atom_site.label_asym_id 
_atom_site.label_entity_id 
_atom_site.label_seq_id 
_atom_site.pdbx_PDB_ins_code 
_atom_site.Cartn_x 
_atom_site.Cartn_y 
_atom_site.Cartn_z 
_atom_site.occupancy 
_atom_site.B_iso_or_equiv 
_atom_site.pdbx_formal_charge 
_atom_site.auth_seq_id 
_atom_site.auth_comp_id 
_atom_site.auth_asym_id 
_atom_site.auth_atom_id 
_atom_site.pdbx_PDB_model_num 
ATOM   1   N  N   . ASP A 1 4  ? 9.741   -11.793 -9.550  1.00 49.04 ? 3   ASP A N   1 
ATOM   2   C  CA  . ASP A 1 4  ? 8.713   -12.809 -9.750  1.00 48.50 ? 3   ASP A CA  1 
ATOM   3   C  C   . ASP A 1 4  ? 7.651   -12.751 -8.661  1.00 42.61 ? 3   ASP A C   1 
ATOM   4   O  O   . ASP A 1 4  ? 7.017   -13.757 -8.341  1.00 47.48 ? 3   ASP A O   1 
ATOM   5   C  CB  . ASP A 1 4  ? 9.342   -14.208 -9.788  1.00 54.95 ? 3   ASP A CB  1 
ATOM   6   C  CG  . ASP A 1 4  ? 10.225  -14.418 -11.013 1.00 62.62 ? 3   ASP A CG  1 
ATOM   7   O  OD1 . ASP A 1 4  ? 10.296  -13.498 -11.864 1.00 63.85 ? 3   ASP A OD1 1 
ATOM   8   O  OD2 . ASP A 1 4  ? 10.831  -15.510 -11.133 1.00 64.95 ? 3   ASP A OD2 1 
ATOM   9   N  N   . ARG A 1 5  ? 7.458   -11.558 -8.107  1.00 55.75 ? 4   ARG A N   1 
ATOM   10  C  CA  . ARG A 1 5  ? 6.693   -11.375 -6.881  1.00 47.01 ? 4   ARG A CA  1 
ATOM   11  C  C   . ARG A 1 5  ? 5.198   -11.387 -7.191  1.00 43.35 ? 4   ARG A C   1 
ATOM   12  O  O   . ARG A 1 5  ? 4.713   -10.542 -7.954  1.00 45.13 ? 4   ARG A O   1 
ATOM   13  C  CB  . ARG A 1 5  ? 7.123   -10.063 -6.227  1.00 46.07 ? 4   ARG A CB  1 
ATOM   14  C  CG  . ARG A 1 5  ? 7.884   -9.132  -7.198  1.00 48.47 ? 4   ARG A CG  1 
ATOM   15  C  CD  . ARG A 1 5  ? 8.579   -7.941  -6.510  1.00 48.61 ? 4   ARG A CD  1 
ATOM   16  N  NE  . ARG A 1 5  ? 9.721   -8.319  -5.670  1.00 48.28 ? 4   ARG A NE  1 
ATOM   17  C  CZ  . ARG A 1 5  ? 10.991  -7.998  -5.928  1.00 46.64 ? 4   ARG A CZ  1 
ATOM   18  N  NH1 . ARG A 1 5  ? 11.957  -8.393  -5.107  1.00 44.99 ? 4   ARG A NH1 1 
ATOM   19  N  NH2 . ARG A 1 5  ? 11.299  -7.278  -7.004  1.00 45.40 ? 4   ARG A NH2 1 
ATOM   20  N  N   . LYS A 1 6  ? 4.468   -12.346 -6.613  1.00 36.98 ? 5   LYS A N   1 
ATOM   21  C  CA  . LYS A 1 6  ? 3.038   -12.479 -6.888  1.00 35.55 ? 5   LYS A CA  1 
ATOM   22  C  C   . LYS A 1 6  ? 2.237   -11.451 -6.102  1.00 34.10 ? 5   LYS A C   1 
ATOM   23  O  O   . LYS A 1 6  ? 2.394   -11.337 -4.882  1.00 35.47 ? 5   LYS A O   1 
ATOM   24  C  CB  . LYS A 1 6  ? 2.537   -13.882 -6.547  1.00 34.46 ? 5   LYS A CB  1 
ATOM   25  C  CG  . LYS A 1 6  ? 1.012   -14.009 -6.619  1.00 34.03 ? 5   LYS A CG  1 
ATOM   26  C  CD  . LYS A 1 6  ? 0.539   -15.464 -6.756  1.00 33.96 ? 5   LYS A CD  1 
ATOM   27  C  CE  . LYS A 1 6  ? 0.771   -16.284 -5.494  1.00 33.81 ? 5   LYS A CE  1 
ATOM   28  N  NZ  . LYS A 1 6  ? -0.148  -17.482 -5.445  1.00 34.42 ? 5   LYS A NZ  1 
ATOM   29  N  N   . ALA A 1 7  ? 1.374   -10.715 -6.805  1.00 31.60 ? 6   ALA A N   1 
ATOM   30  C  CA  . ALA A 1 7  ? 0.505   -9.706  -6.203  1.00 31.47 ? 6   ALA A CA  1 
ATOM   31  C  C   . ALA A 1 7  ? -0.834  -10.325 -5.800  1.00 32.16 ? 6   ALA A C   1 
ATOM   32  O  O   . ALA A 1 7  ? -1.562  -10.852 -6.647  1.00 35.57 ? 6   ALA A O   1 
ATOM   33  C  CB  . ALA A 1 7  ? 0.274   -8.551  -7.179  1.00 24.41 ? 6   ALA A CB  1 
ATOM   34  N  N   . VAL A 1 8  ? -1.178  -10.222 -4.519  1.00 30.81 ? 7   VAL A N   1 
ATOM   35  C  CA  . VAL A 1 8  ? -2.453  -10.693 -3.985  1.00 27.86 ? 7   VAL A CA  1 
ATOM   36  C  C   . VAL A 1 8  ? -3.083  -9.538  -3.219  1.00 26.86 ? 7   VAL A C   1 
ATOM   37  O  O   . VAL A 1 8  ? -2.530  -9.089  -2.207  1.00 26.45 ? 7   VAL A O   1 
ATOM   38  C  CB  . VAL A 1 8  ? -2.272  -11.911 -3.061  1.00 27.09 ? 7   VAL A CB  1 
ATOM   39  C  CG1 . VAL A 1 8  ? -3.605  -12.338 -2.470  1.00 23.03 ? 7   VAL A CG1 1 
ATOM   40  C  CG2 . VAL A 1 8  ? -1.586  -13.052 -3.789  1.00 23.54 ? 7   VAL A CG2 1 
ATOM   41  N  N   . ILE A 1 9  ? -4.232  -9.060  -3.688  1.00 26.65 ? 8   ILE A N   1 
ATOM   42  C  CA  . ILE A 1 9  ? -4.934  -7.956  -3.038  1.00 27.85 ? 8   ILE A CA  1 
ATOM   43  C  C   . ILE A 1 9  ? -5.877  -8.522  -1.983  1.00 28.26 ? 8   ILE A C   1 
ATOM   44  O  O   . ILE A 1 9  ? -6.805  -9.277  -2.300  1.00 32.12 ? 8   ILE A O   1 
ATOM   45  C  CB  . ILE A 1 9  ? -5.682  -7.088  -4.062  1.00 23.78 ? 8   ILE A CB  1 
ATOM   46  C  CG1 . ILE A 1 9  ? -4.661  -6.461  -5.025  1.00 27.74 ? 8   ILE A CG1 1 
ATOM   47  C  CG2 . ILE A 1 9  ? -6.498  -6.013  -3.349  1.00 23.36 ? 8   ILE A CG2 1 
ATOM   48  C  CD1 . ILE A 1 9  ? -5.223  -5.499  -6.052  1.00 27.26 ? 8   ILE A CD1 1 
ATOM   49  N  N   . LYS A 1 10 ? -5.635  -8.159  -0.720  1.00 28.34 ? 9   LYS A N   1 
ATOM   50  C  CA  . LYS A 1 10 ? -6.372  -8.716  0.409   1.00 30.54 ? 9   LYS A CA  1 
ATOM   51  C  C   . LYS A 1 10 ? -7.585  -7.881  0.786   1.00 27.30 ? 9   LYS A C   1 
ATOM   52  O  O   . LYS A 1 10 ? -8.622  -8.438  1.151   1.00 29.51 ? 9   LYS A O   1 
ATOM   53  C  CB  . LYS A 1 10 ? -5.454  -8.852  1.630   1.00 36.23 ? 9   LYS A CB  1 
ATOM   54  C  CG  . LYS A 1 10 ? -4.305  -9.847  1.473   1.00 40.87 ? 9   LYS A CG  1 
ATOM   55  C  CD  . LYS A 1 10 ? -4.784  -11.295 1.552   1.00 47.26 ? 9   LYS A CD  1 
ATOM   56  C  CE  . LYS A 1 10 ? -3.604  -12.258 1.716   1.00 50.59 ? 9   LYS A CE  1 
ATOM   57  N  NZ  . LYS A 1 10 ? -4.023  -13.680 1.887   1.00 51.11 ? 9   LYS A NZ  1 
ATOM   58  N  N   A ASN A 1 11 ? -7.496  -6.555  0.693   0.69 25.27 ? 10  ASN A N   1 
ATOM   59  N  N   B ASN A 1 11 ? -7.443  -6.560  0.748   0.31 25.66 ? 10  ASN A N   1 
ATOM   60  C  CA  A ASN A 1 11 ? -8.639  -5.690  0.973   0.69 21.07 ? 10  ASN A CA  1 
ATOM   61  C  CA  B ASN A 1 11 ? -8.522  -5.621  1.009   0.31 25.64 ? 10  ASN A CA  1 
ATOM   62  C  C   A ASN A 1 11 ? -8.399  -4.343  0.306   0.69 26.16 ? 10  ASN A C   1 
ATOM   63  C  C   B ASN A 1 11 ? -8.304  -4.433  0.085   0.31 25.95 ? 10  ASN A C   1 
ATOM   64  O  O   A ASN A 1 11 ? -7.333  -3.747  0.472   0.69 24.49 ? 10  ASN A O   1 
ATOM   65  O  O   B ASN A 1 11 ? -7.160  -4.042  -0.159  0.31 24.49 ? 10  ASN A O   1 
ATOM   66  C  CB  A ASN A 1 11 ? -8.857  -5.517  2.486   0.69 20.14 ? 10  ASN A CB  1 
ATOM   67  C  CB  B ASN A 1 11 ? -8.537  -5.150  2.473   0.31 19.95 ? 10  ASN A CB  1 
ATOM   68  C  CG  A ASN A 1 11 ? -10.072 -4.640  2.819   0.69 23.44 ? 10  ASN A CG  1 
ATOM   69  C  CG  B ASN A 1 11 ? -8.471  -6.297  3.476   0.31 21.38 ? 10  ASN A CG  1 
ATOM   70  O  OD1 A ASN A 1 11 ? -10.914 -4.364  1.964   0.69 24.35 ? 10  ASN A OD1 1 
ATOM   71  O  OD1 B ASN A 1 11 ? -9.303  -7.202  3.465   0.31 22.64 ? 10  ASN A OD1 1 
ATOM   72  N  ND2 A ASN A 1 11 ? -10.160 -4.207  4.079   0.69 22.98 ? 10  ASN A ND2 1 
ATOM   73  N  ND2 B ASN A 1 11 ? -7.484  -6.248  4.362   0.31 19.72 ? 10  ASN A ND2 1 
ATOM   74  N  N   . ALA A 1 12 ? -9.390  -3.869  -0.441  1.00 29.49 ? 11  ALA A N   1 
ATOM   75  C  CA  . ALA A 1 12 ? -9.262  -2.663  -1.250  1.00 31.59 ? 11  ALA A CA  1 
ATOM   76  C  C   . ALA A 1 12 ? -10.568 -1.890  -1.238  1.00 36.28 ? 11  ALA A C   1 
ATOM   77  O  O   . ALA A 1 12 ? -11.637 -2.467  -1.432  1.00 46.01 ? 11  ALA A O   1 
ATOM   78  C  CB  . ALA A 1 12 ? -8.875  -2.994  -2.690  1.00 33.28 ? 11  ALA A CB  1 
ATOM   79  N  N   . ASP A 1 13 ? -10.465 -0.597  -0.973  1.00 28.55 ? 12  ASP A N   1 
ATOM   80  C  CA  . ASP A 1 13 ? -11.511 0.399   -1.178  1.00 29.53 ? 12  ASP A CA  1 
ATOM   81  C  C   . ASP A 1 13 ? -10.831 1.427   -2.069  1.00 31.11 ? 12  ASP A C   1 
ATOM   82  O  O   . ASP A 1 13 ? -10.226 2.382   -1.576  1.00 33.06 ? 12  ASP A O   1 
ATOM   83  C  CB  . ASP A 1 13 ? -12.021 1.019   0.134   1.00 31.07 ? 12  ASP A CB  1 
ATOM   84  C  CG  . ASP A 1 13 ? -12.848 2.274   -0.103  1.00 36.71 ? 12  ASP A CG  1 
ATOM   85  O  OD1 . ASP A 1 13 ? -13.653 2.279   -1.065  1.00 41.83 ? 12  ASP A OD1 1 
ATOM   86  O  OD2 . ASP A 1 13 ? -12.688 3.263   0.648   1.00 35.75 ? 12  ASP A OD2 1 
ATOM   87  N  N   . MET A 1 14 ? -10.902 1.197   -3.378  1.00 30.67 ? 13  MET A N   1 
ATOM   88  C  CA  . MET A 1 14 ? -10.038 1.854   -4.342  1.00 25.23 ? 13  MET A CA  1 
ATOM   89  C  C   . MET A 1 14 ? -10.451 1.362   -5.715  1.00 26.56 ? 13  MET A C   1 
ATOM   90  O  O   . MET A 1 14 ? -10.723 0.169   -5.878  1.00 26.82 ? 13  MET A O   1 
ATOM   91  C  CB  . MET A 1 14 ? -8.560  1.526   -4.048  1.00 29.20 ? 13  MET A CB  1 
ATOM   92  C  CG  . MET A 1 14 ? -7.539  2.038   -5.057  1.00 27.37 ? 13  MET A CG  1 
ATOM   93  S  SD  . MET A 1 14 ? -5.782  1.839   -4.598  1.00 24.09 ? 13  MET A SD  1 
ATOM   94  C  CE  . MET A 1 14 ? -5.660  2.832   -3.127  1.00 22.26 ? 13  MET A CE  1 
ATOM   95  N  N   . SER A 1 15 ? -10.517 2.259   -6.699  1.00 29.95 ? 14  SER A N   1 
ATOM   96  C  CA  . SER A 1 15 ? -10.849 1.861   -8.066  1.00 34.88 ? 14  SER A CA  1 
ATOM   97  C  C   . SER A 1 15 ? -9.879  0.794   -8.577  1.00 38.81 ? 14  SER A C   1 
ATOM   98  O  O   . SER A 1 15 ? -8.758  0.669   -8.069  1.00 39.03 ? 14  SER A O   1 
ATOM   99  C  CB  . SER A 1 15 ? -10.853 3.078   -8.996  1.00 36.57 ? 14  SER A CB  1 
ATOM   100 O  OG  . SER A 1 15 ? -9.539  3.475   -9.358  1.00 41.05 ? 14  SER A OG  1 
ATOM   101 N  N   . GLU A 1 16 ? -10.311 -0.001  -9.558  1.00 41.17 ? 15  GLU A N   1 
ATOM   102 C  CA  . GLU A 1 16 ? -9.486  -1.117  -10.014 1.00 44.55 ? 15  GLU A CA  1 
ATOM   103 C  C   . GLU A 1 16 ? -8.238  -0.626  -10.725 1.00 42.74 ? 15  GLU A C   1 
ATOM   104 O  O   . GLU A 1 16 ? -7.192  -1.285  -10.678 1.00 39.69 ? 15  GLU A O   1 
ATOM   105 C  CB  . GLU A 1 16 ? -10.295 -2.038  -10.933 1.00 51.49 ? 15  GLU A CB  1 
ATOM   106 C  CG  . GLU A 1 16 ? -9.478  -3.080  -11.707 1.00 56.71 ? 15  GLU A CG  1 
ATOM   107 C  CD  . GLU A 1 16 ? -9.067  -4.281  -10.870 1.00 61.70 ? 15  GLU A CD  1 
ATOM   108 O  OE1 . GLU A 1 16 ? -8.320  -4.102  -9.885  1.00 63.50 ? 15  GLU A OE1 1 
ATOM   109 O  OE2 . GLU A 1 16 ? -9.489  -5.413  -11.199 1.00 63.94 ? 15  GLU A OE2 1 
ATOM   110 N  N   . GLU A 1 17 ? -8.328  0.534   -11.373 1.00 41.98 ? 16  GLU A N   1 
ATOM   111 C  CA  . GLU A 1 17 ? -7.160  1.105   -12.026 1.00 42.01 ? 16  GLU A CA  1 
ATOM   112 C  C   . GLU A 1 17 ? -6.067  1.402   -11.005 1.00 40.49 ? 16  GLU A C   1 
ATOM   113 O  O   . GLU A 1 17 ? -4.910  0.996   -11.178 1.00 42.86 ? 16  GLU A O   1 
ATOM   114 C  CB  . GLU A 1 17 ? -7.564  2.363   -12.797 1.00 46.15 ? 16  GLU A CB  1 
ATOM   115 C  CG  . GLU A 1 17 ? -8.401  2.091   -14.070 1.00 54.80 ? 16  GLU A CG  1 
ATOM   116 C  CD  . GLU A 1 17 ? -9.826  1.521   -13.805 1.00 58.67 ? 16  GLU A CD  1 
ATOM   117 O  OE1 . GLU A 1 17 ? -10.481 1.927   -12.810 1.00 57.28 ? 16  GLU A OE1 1 
ATOM   118 O  OE2 . GLU A 1 17 ? -10.287 0.669   -14.608 1.00 58.81 ? 16  GLU A OE2 1 
ATOM   119 N  N   . MET A 1 18 ? -6.422  2.093   -9.916  1.00 35.51 ? 17  MET A N   1 
ATOM   120 C  CA  . MET A 1 18 ? -5.422  2.435   -8.913  1.00 34.22 ? 17  MET A CA  1 
ATOM   121 C  C   . MET A 1 18 ? -4.855  1.195   -8.235  1.00 36.92 ? 17  MET A C   1 
ATOM   122 O  O   . MET A 1 18 ? -3.672  1.178   -7.871  1.00 25.41 ? 17  MET A O   1 
ATOM   123 C  CB  . MET A 1 18 ? -6.004  3.363   -7.857  1.00 34.87 ? 17  MET A CB  1 
ATOM   124 C  CG  . MET A 1 18 ? -6.343  4.766   -8.295  1.00 41.73 ? 17  MET A CG  1 
ATOM   125 S  SD  . MET A 1 18 ? -6.426  5.775   -6.800  1.00 46.04 ? 17  MET A SD  1 
ATOM   126 C  CE  . MET A 1 18 ? -7.180  7.255   -7.435  1.00 45.54 ? 17  MET A CE  1 
ATOM   127 N  N   . GLN A 1 19 ? -5.678  0.161   -8.036  1.00 26.43 ? 18  GLN A N   1 
ATOM   128 C  CA  . GLN A 1 19 ? -5.159  -1.072  -7.453  1.00 32.02 ? 18  GLN A CA  1 
ATOM   129 C  C   . GLN A 1 19 ? -4.033  -1.638  -8.305  1.00 31.79 ? 18  GLN A C   1 
ATOM   130 O  O   . GLN A 1 19 ? -2.990  -2.056  -7.788  1.00 33.39 ? 18  GLN A O   1 
ATOM   131 C  CB  . GLN A 1 19 ? -6.277  -2.101  -7.296  1.00 29.68 ? 18  GLN A CB  1 
ATOM   132 C  CG  . GLN A 1 19 ? -7.197  -1.899  -6.137  1.00 25.50 ? 18  GLN A CG  1 
ATOM   133 C  CD  . GLN A 1 19 ? -8.351  -2.849  -6.220  1.00 33.63 ? 18  GLN A CD  1 
ATOM   134 O  OE1 . GLN A 1 19 ? -8.164  -4.041  -6.468  1.00 31.71 ? 18  GLN A OE1 1 
ATOM   135 N  NE2 . GLN A 1 19 ? -9.564  -2.326  -6.075  1.00 34.15 ? 18  GLN A NE2 1 
ATOM   136 N  N   . GLN A 1 20 ? -4.221  -1.660  -9.621  1.00 31.27 ? 19  GLN A N   1 
ATOM   137 C  CA  . GLN A 1 20 ? -3.137  -2.103  -10.487 1.00 35.65 ? 19  GLN A CA  1 
ATOM   138 C  C   . GLN A 1 20 ? -1.978  -1.115  -10.462 1.00 31.35 ? 19  GLN A C   1 
ATOM   139 O  O   . GLN A 1 20 ? -0.811  -1.519  -10.505 1.00 30.38 ? 19  GLN A O   1 
ATOM   140 C  CB  . GLN A 1 20 ? -3.651  -2.312  -11.913 1.00 42.56 ? 19  GLN A CB  1 
ATOM   141 C  CG  . GLN A 1 20 ? -2.937  -3.440  -12.642 1.00 49.67 ? 19  GLN A CG  1 
ATOM   142 C  CD  . GLN A 1 20 ? -2.718  -4.662  -11.750 1.00 52.47 ? 19  GLN A CD  1 
ATOM   143 O  OE1 . GLN A 1 20 ? -3.626  -5.105  -11.022 1.00 51.11 ? 19  GLN A OE1 1 
ATOM   144 N  NE2 . GLN A 1 20 ? -1.500  -5.204  -11.791 1.00 53.95 ? 19  GLN A NE2 1 
ATOM   145 N  N   . ASP A 1 21 ? -2.281  0.184   -10.397 1.00 30.47 ? 20  ASP A N   1 
ATOM   146 C  CA  . ASP A 1 21 ? -1.231  1.191   -10.295 1.00 26.70 ? 20  ASP A CA  1 
ATOM   147 C  C   . ASP A 1 21 ? -0.459  1.043   -8.987  1.00 33.67 ? 20  ASP A C   1 
ATOM   148 O  O   . ASP A 1 21 ? 0.778   1.136   -8.964  1.00 31.85 ? 20  ASP A O   1 
ATOM   149 C  CB  . ASP A 1 21 ? -1.856  2.575   -10.413 1.00 27.08 ? 20  ASP A CB  1 
ATOM   150 C  CG  . ASP A 1 21 ? -0.849  3.653   -10.721 1.00 40.18 ? 20  ASP A CG  1 
ATOM   151 O  OD1 . ASP A 1 21 ? -0.990  4.755   -10.158 1.00 37.70 ? 20  ASP A OD1 1 
ATOM   152 O  OD2 . ASP A 1 21 ? 0.069   3.415   -11.538 1.00 40.21 ? 20  ASP A OD2 1 
ATOM   153 N  N   . SER A 1 22 ? -1.176  0.802   -7.884  1.00 29.94 ? 21  SER A N   1 
ATOM   154 C  CA  . SER A 1 22 ? -0.524  0.562   -6.599  1.00 25.91 ? 21  SER A CA  1 
ATOM   155 C  C   . SER A 1 22 ? 0.436   -0.616  -6.685  1.00 22.75 ? 21  SER A C   1 
ATOM   156 O  O   . SER A 1 22 ? 1.584   -0.524  -6.249  1.00 25.49 ? 21  SER A O   1 
ATOM   157 C  CB  . SER A 1 22 ? -1.571  0.309   -5.512  1.00 22.48 ? 21  SER A CB  1 
ATOM   158 O  OG  . SER A 1 22 ? -2.294  1.483   -5.203  1.00 22.49 ? 21  SER A OG  1 
ATOM   159 N  N   . VAL A 1 23 ? -0.030  -1.739  -7.231  1.00 26.89 ? 22  VAL A N   1 
ATOM   160 C  CA  . VAL A 1 23 ? 0.812   -2.922  -7.382  1.00 23.42 ? 22  VAL A CA  1 
ATOM   161 C  C   . VAL A 1 23 ? 2.023   -2.614  -8.255  1.00 27.71 ? 22  VAL A C   1 
ATOM   162 O  O   . VAL A 1 23 ? 3.127   -3.123  -8.012  1.00 23.17 ? 22  VAL A O   1 
ATOM   163 C  CB  . VAL A 1 23 ? -0.021  -4.085  -7.951  1.00 28.69 ? 22  VAL A CB  1 
ATOM   164 C  CG1 . VAL A 1 23 ? 0.869   -5.114  -8.633  1.00 24.83 ? 22  VAL A CG1 1 
ATOM   165 C  CG2 . VAL A 1 23 ? -0.844  -4.740  -6.848  1.00 26.01 ? 22  VAL A CG2 1 
ATOM   166 N  N   . GLU A 1 24 ? 1.841   -1.776  -9.281  1.00 28.12 ? 23  GLU A N   1 
ATOM   167 C  CA  . GLU A 1 24 ? 2.953   -1.447  -10.171 1.00 29.13 ? 23  GLU A CA  1 
ATOM   168 C  C   . GLU A 1 24 ? 3.984   -0.602  -9.450  1.00 27.83 ? 23  GLU A C   1 
ATOM   169 O  O   . GLU A 1 24 ? 5.191   -0.840  -9.567  1.00 29.58 ? 23  GLU A O   1 
ATOM   170 C  CB  . GLU A 1 24 ? 2.448   -0.705  -11.411 1.00 33.99 ? 23  GLU A CB  1 
ATOM   171 C  CG  . GLU A 1 24 ? 3.563   -0.136  -12.298 1.00 39.70 ? 23  GLU A CG  1 
ATOM   172 C  CD  . GLU A 1 24 ? 3.041   0.499   -13.594 1.00 44.14 ? 23  GLU A CD  1 
ATOM   173 O  OE1 . GLU A 1 24 ? 1.999   1.199   -13.550 1.00 44.09 ? 23  GLU A OE1 1 
ATOM   174 O  OE2 . GLU A 1 24 ? 3.674   0.286   -14.659 1.00 46.00 ? 23  GLU A OE2 1 
ATOM   175 N  N   . CYS A 1 25 ? 3.523   0.402   -8.715  1.00 24.30 ? 24  CYS A N   1 
ATOM   176 C  CA  . CYS A 1 25 ? 4.443   1.293   -8.034  1.00 25.29 ? 24  CYS A CA  1 
ATOM   177 C  C   . CYS A 1 25 ? 5.182   0.559   -6.923  1.00 26.98 ? 24  CYS A C   1 
ATOM   178 O  O   . CYS A 1 25 ? 6.390   0.760   -6.739  1.00 27.51 ? 24  CYS A O   1 
ATOM   179 C  CB  . CYS A 1 25 ? 3.678   2.493   -7.500  1.00 27.69 ? 24  CYS A CB  1 
ATOM   180 S  SG  . CYS A 1 25 ? 4.631   3.467   -6.392  1.00 27.09 ? 24  CYS A SG  1 
ATOM   181 N  N   . ALA A 1 26 ? 4.485   -0.323  -6.200  1.00 28.20 ? 25  ALA A N   1 
ATOM   182 C  CA  . ALA A 1 26 ? 5.159   -1.190  -5.240  1.00 19.80 ? 25  ALA A CA  1 
ATOM   183 C  C   . ALA A 1 26 ? 6.155   -2.109  -5.934  1.00 25.00 ? 25  ALA A C   1 
ATOM   184 O  O   . ALA A 1 26 ? 7.209   -2.427  -5.371  1.00 19.35 ? 25  ALA A O   1 
ATOM   185 C  CB  . ALA A 1 26 ? 4.136   -2.005  -4.457  1.00 19.57 ? 25  ALA A CB  1 
ATOM   186 N  N   . THR A 1 27 ? 5.834   -2.564  -7.147  1.00 25.05 ? 26  THR A N   1 
ATOM   187 C  CA  . THR A 1 27 ? 6.771   -3.406  -7.887  1.00 27.08 ? 26  THR A CA  1 
ATOM   188 C  C   . THR A 1 27 ? 8.057   -2.654  -8.186  1.00 21.63 ? 26  THR A C   1 
ATOM   189 O  O   . THR A 1 27 ? 9.151   -3.199  -8.009  1.00 22.65 ? 26  THR A O   1 
ATOM   190 C  CB  . THR A 1 27 ? 6.147   -3.913  -9.181  1.00 28.38 ? 26  THR A CB  1 
ATOM   191 O  OG1 . THR A 1 27 ? 4.964   -4.663  -8.886  1.00 30.79 ? 26  THR A OG1 1 
ATOM   192 C  CG2 . THR A 1 27 ? 7.117   -4.823  -9.911  1.00 23.88 ? 26  THR A CG2 1 
ATOM   193 N  N   A GLN A 1 28 ? 7.952   -1.389  -8.604  0.54 21.91 ? 27  GLN A N   1 
ATOM   194 N  N   B GLN A 1 28 ? 7.947   -1.407  -8.670  0.46 21.98 ? 27  GLN A N   1 
ATOM   195 C  CA  A GLN A 1 28 ? 9.158   -0.605  -8.856  0.54 22.45 ? 27  GLN A CA  1 
ATOM   196 C  CA  B GLN A 1 28 ? 9.136   -0.569  -8.824  0.46 22.46 ? 27  GLN A CA  1 
ATOM   197 C  C   A GLN A 1 28 ? 9.917   -0.309  -7.565  0.54 22.84 ? 27  GLN A C   1 
ATOM   198 C  C   B GLN A 1 28 ? 9.911   -0.511  -7.524  0.46 22.89 ? 27  GLN A C   1 
ATOM   199 O  O   A GLN A 1 28 ? 11.151  -0.213  -7.580  0.54 19.87 ? 27  GLN A O   1 
ATOM   200 O  O   B GLN A 1 28 ? 11.128  -0.732  -7.492  0.46 19.84 ? 27  GLN A O   1 
ATOM   201 C  CB  A GLN A 1 28 ? 8.802   0.686   -9.597  0.54 24.81 ? 27  GLN A CB  1 
ATOM   202 C  CB  B GLN A 1 28 ? 8.775   0.863   -9.212  0.46 24.37 ? 27  GLN A CB  1 
ATOM   203 C  CG  A GLN A 1 28 ? 8.699   0.512   -11.123 0.54 25.83 ? 27  GLN A CG  1 
ATOM   204 C  CG  B GLN A 1 28 ? 7.907   1.100   -10.405 0.46 27.30 ? 27  GLN A CG  1 
ATOM   205 C  CD  A GLN A 1 28 ? 7.389   1.021   -11.704 0.54 30.26 ? 27  GLN A CD  1 
ATOM   206 C  CD  B GLN A 1 28 ? 7.416   2.536   -10.398 0.46 29.69 ? 27  GLN A CD  1 
ATOM   207 O  OE1 A GLN A 1 28 ? 6.795   0.387   -12.581 0.54 31.72 ? 27  GLN A OE1 1 
ATOM   208 O  OE1 B GLN A 1 28 ? 8.033   3.405   -9.765  0.46 24.89 ? 27  GLN A OE1 1 
ATOM   209 N  NE2 A GLN A 1 28 ? 6.934   2.172   -11.221 0.54 31.30 ? 27  GLN A NE2 1 
ATOM   210 N  NE2 B GLN A 1 28 ? 6.286   2.791   -11.061 0.46 31.52 ? 27  GLN A NE2 1 
ATOM   211 N  N   . ALA A 1 29 ? 9.205   -0.183  -6.438  1.00 19.43 ? 28  ALA A N   1 
ATOM   212 C  CA  . ALA A 1 29 ? 9.861   0.053   -5.162  1.00 18.09 ? 28  ALA A CA  1 
ATOM   213 C  C   . ALA A 1 29 ? 10.663  -1.159  -4.716  1.00 24.39 ? 28  ALA A C   1 
ATOM   214 O  O   . ALA A 1 29 ? 11.790  -1.012  -4.234  1.00 23.49 ? 28  ALA A O   1 
ATOM   215 C  CB  . ALA A 1 29 ? 8.818   0.428   -4.102  1.00 18.07 ? 28  ALA A CB  1 
ATOM   216 N  N   . LEU A 1 30 ? 10.104  -2.367  -4.868  1.00 17.99 ? 29  LEU A N   1 
ATOM   217 C  CA  . LEU A 1 30 ? 10.871  -3.559  -4.526  1.00 23.19 ? 29  LEU A CA  1 
ATOM   218 C  C   . LEU A 1 30 ? 12.025  -3.774  -5.494  1.00 23.24 ? 29  LEU A C   1 
ATOM   219 O  O   . LEU A 1 30 ? 13.052  -4.354  -5.117  1.00 23.50 ? 29  LEU A O   1 
ATOM   220 C  CB  . LEU A 1 30 ? 9.983   -4.804  -4.506  1.00 18.10 ? 29  LEU A CB  1 
ATOM   221 C  CG  . LEU A 1 30 ? 8.920   -5.009  -3.419  1.00 21.43 ? 29  LEU A CG  1 
ATOM   222 C  CD1 . LEU A 1 30 ? 8.567   -6.489  -3.272  1.00 21.78 ? 29  LEU A CD1 1 
ATOM   223 C  CD2 . LEU A 1 30 ? 9.330   -4.438  -2.097  1.00 19.71 ? 29  LEU A CD2 1 
ATOM   224 N  N   . GLU A 1 31 ? 11.864  -3.360  -6.753  1.00 25.82 ? 30  GLU A N   1 
ATOM   225 C  CA  . GLU A 1 31 ? 12.975  -3.455  -7.689  1.00 26.08 ? 30  GLU A CA  1 
ATOM   226 C  C   . GLU A 1 31 ? 14.123  -2.551  -7.272  1.00 26.51 ? 30  GLU A C   1 
ATOM   227 O  O   . GLU A 1 31 ? 15.289  -2.899  -7.472  1.00 27.54 ? 30  GLU A O   1 
ATOM   228 C  CB  . GLU A 1 31 ? 12.515  -3.114  -9.107  1.00 27.97 ? 30  GLU A CB  1 
ATOM   229 C  CG  . GLU A 1 31 ? 11.736  -4.237  -9.774  1.00 33.51 ? 30  GLU A CG  1 
ATOM   230 C  CD  . GLU A 1 31 ? 11.141  -3.825  -11.102 1.00 41.49 ? 30  GLU A CD  1 
ATOM   231 O  OE1 . GLU A 1 31 ? 11.278  -2.642  -11.483 1.00 43.82 ? 30  GLU A OE1 1 
ATOM   232 O  OE2 . GLU A 1 31 ? 10.538  -4.688  -11.771 1.00 45.63 ? 30  GLU A OE2 1 
ATOM   233 N  N   . LYS A 1 32 ? 13.820  -1.404  -6.667  1.00 23.72 ? 31  LYS A N   1 
ATOM   234 C  CA  . LYS A 1 32 ? 14.871  -0.440  -6.379  1.00 23.19 ? 31  LYS A CA  1 
ATOM   235 C  C   . LYS A 1 32 ? 15.444  -0.584  -4.977  1.00 19.39 ? 31  LYS A C   1 
ATOM   236 O  O   . LYS A 1 32 ? 16.644  -0.405  -4.800  1.00 15.87 ? 31  LYS A O   1 
ATOM   237 C  CB  . LYS A 1 32 ? 14.349  0.983   -6.596  1.00 17.96 ? 31  LYS A CB  1 
ATOM   238 C  CG  . LYS A 1 32 ? 15.261  2.037   -6.068  1.00 17.19 ? 31  LYS A CG  1 
ATOM   239 C  CD  . LYS A 1 32 ? 15.009  3.395   -6.686  1.00 24.72 ? 31  LYS A CD  1 
ATOM   240 C  CE  . LYS A 1 32 ? 15.887  4.450   -6.010  1.00 24.62 ? 31  LYS A CE  1 
ATOM   241 N  NZ  . LYS A 1 32 ? 15.872  5.791   -6.663  1.00 23.65 ? 31  LYS A NZ  1 
ATOM   242 N  N   . TYR A 1 33 ? 14.633  -0.935  -3.981  1.00 21.92 ? 32  TYR A N   1 
ATOM   243 C  CA  . TYR A 1 33 ? 15.031  -0.888  -2.580  1.00 19.72 ? 32  TYR A CA  1 
ATOM   244 C  C   . TYR A 1 33 ? 14.763  -2.222  -1.906  1.00 21.78 ? 32  TYR A C   1 
ATOM   245 O  O   . TYR A 1 33 ? 13.808  -2.927  -2.253  1.00 20.20 ? 32  TYR A O   1 
ATOM   246 C  CB  . TYR A 1 33 ? 14.251  0.155   -1.798  1.00 21.12 ? 32  TYR A CB  1 
ATOM   247 C  CG  . TYR A 1 33 ? 14.370  1.572   -2.254  1.00 19.87 ? 32  TYR A CG  1 
ATOM   248 C  CD1 . TYR A 1 33 ? 15.478  2.321   -1.919  1.00 19.56 ? 32  TYR A CD1 1 
ATOM   249 C  CD2 . TYR A 1 33 ? 13.344  2.187   -2.963  1.00 19.46 ? 32  TYR A CD2 1 
ATOM   250 C  CE1 . TYR A 1 33 ? 15.594  3.639   -2.297  1.00 18.58 ? 32  TYR A CE1 1 
ATOM   251 C  CE2 . TYR A 1 33 ? 13.455  3.519   -3.353  1.00 25.84 ? 32  TYR A CE2 1 
ATOM   252 C  CZ  . TYR A 1 33 ? 14.594  4.237   -2.999  1.00 21.17 ? 32  TYR A CZ  1 
ATOM   253 O  OH  . TYR A 1 33 ? 14.769  5.555   -3.365  1.00 20.93 ? 32  TYR A OH  1 
ATOM   254 N  N   . ASN A 1 34 ? 15.573  -2.527  -0.883  1.00 21.66 ? 33  ASN A N   1 
ATOM   255 C  CA  . ASN A 1 34 ? 15.404  -3.740  -0.091  1.00 22.56 ? 33  ASN A CA  1 
ATOM   256 C  C   . ASN A 1 34 ? 14.946  -3.492  1.336   1.00 21.47 ? 33  ASN A C   1 
ATOM   257 O  O   . ASN A 1 34 ? 14.463  -4.429  1.969   1.00 23.63 ? 33  ASN A O   1 
ATOM   258 C  CB  . ASN A 1 34 ? 16.711  -4.548  -0.012  1.00 19.81 ? 33  ASN A CB  1 
ATOM   259 C  CG  . ASN A 1 34 ? 17.110  -5.147  -1.327  1.00 20.18 ? 33  ASN A CG  1 
ATOM   260 O  OD1 . ASN A 1 34 ? 16.287  -5.727  -2.033  1.00 25.22 ? 33  ASN A OD1 1 
ATOM   261 N  ND2 . ASN A 1 34 ? 18.390  -5.013  -1.671  1.00 18.10 ? 33  ASN A ND2 1 
ATOM   262 N  N   . ILE A 1 35 ? 15.115  -2.295  1.871   1.00 18.83 ? 34  ILE A N   1 
ATOM   263 C  CA  . ILE A 1 35 ? 14.733  -2.012  3.254   1.00 16.52 ? 34  ILE A CA  1 
ATOM   264 C  C   . ILE A 1 35 ? 13.305  -1.468  3.304   1.00 15.97 ? 34  ILE A C   1 
ATOM   265 O  O   . ILE A 1 35 ? 12.933  -0.600  2.502   1.00 13.76 ? 34  ILE A O   1 
ATOM   266 C  CB  . ILE A 1 35 ? 15.724  -1.028  3.899   1.00 14.27 ? 34  ILE A CB  1 
ATOM   267 C  CG1 . ILE A 1 35 ? 17.144  -1.614  3.872   1.00 15.37 ? 34  ILE A CG1 1 
ATOM   268 C  CG2 . ILE A 1 35 ? 15.313  -0.755  5.316   1.00 8.76  ? 34  ILE A CG2 1 
ATOM   269 C  CD1 . ILE A 1 35 ? 18.259  -0.568  4.025   1.00 15.98 ? 34  ILE A CD1 1 
ATOM   270 N  N   . GLU A 1 36 ? 12.522  -1.937  4.288   1.00 11.58 ? 35  GLU A N   1 
ATOM   271 C  CA  . GLU A 1 36 ? 11.074  -1.697  4.311   1.00 14.82 ? 35  GLU A CA  1 
ATOM   272 C  C   . GLU A 1 36 ? 10.719  -0.207  4.314   1.00 11.87 ? 35  GLU A C   1 
ATOM   273 O  O   . GLU A 1 36 ? 9.838   0.227   3.572   1.00 12.52 ? 35  GLU A O   1 
ATOM   274 C  CB  . GLU A 1 36 ? 10.447  -2.385  5.524   1.00 17.58 ? 35  GLU A CB  1 
ATOM   275 C  CG  . GLU A 1 36 ? 10.213  -3.877  5.345   1.00 26.56 ? 35  GLU A CG  1 
ATOM   276 C  CD  . GLU A 1 36 ? 11.353  -4.735  5.882   1.00 30.15 ? 35  GLU A CD  1 
ATOM   277 O  OE1 . GLU A 1 36 ? 12.513  -4.274  5.939   1.00 25.82 ? 35  GLU A OE1 1 
ATOM   278 O  OE2 . GLU A 1 36 ? 11.072  -5.885  6.257   1.00 35.61 ? 35  GLU A OE2 1 
ATOM   279 N  N   . LYS A 1 37 ? 11.364  0.590   5.166   1.00 13.08 ? 36  LYS A N   1 
ATOM   280 C  CA  . LYS A 1 37 ? 11.041  2.016   5.188   1.00 12.78 ? 36  LYS A CA  1 
ATOM   281 C  C   . LYS A 1 37 ? 11.322  2.671   3.847   1.00 10.68 ? 36  LYS A C   1 
ATOM   282 O  O   . LYS A 1 37 ? 10.608  3.596   3.452   1.00 11.17 ? 36  LYS A O   1 
ATOM   283 C  CB  . LYS A 1 37 ? 11.822  2.734   6.295   1.00 13.20 ? 36  LYS A CB  1 
ATOM   284 C  CG  . LYS A 1 37 ? 13.313  2.842   6.023   1.00 14.86 ? 36  LYS A CG  1 
ATOM   285 C  CD  . LYS A 1 37 ? 14.075  3.587   7.106   1.00 18.48 ? 36  LYS A CD  1 
ATOM   286 C  CE  . LYS A 1 37 ? 15.561  3.624   6.772   1.00 26.52 ? 36  LYS A CE  1 
ATOM   287 N  NZ  . LYS A 1 37 ? 16.392  4.211   7.876   1.00 32.62 ? 36  LYS A NZ  1 
ATOM   288 N  N   . ASP A 1 38 ? 12.366  2.214   3.139   1.00 13.53 ? 37  ASP A N   1 
ATOM   289 C  CA  . ASP A 1 38 ? 12.699  2.793   1.837   1.00 13.76 ? 37  ASP A CA  1 
ATOM   290 C  C   . ASP A 1 38 ? 11.652  2.436   0.792   1.00 16.48 ? 37  ASP A C   1 
ATOM   291 O  O   . ASP A 1 38 ? 11.259  3.280   -0.026  1.00 13.40 ? 37  ASP A O   1 
ATOM   292 C  CB  . ASP A 1 38 ? 14.078  2.309   1.384   1.00 14.02 ? 37  ASP A CB  1 
ATOM   293 C  CG  . ASP A 1 38 ? 15.188  2.916   2.194   1.00 16.01 ? 37  ASP A CG  1 
ATOM   294 O  OD1 . ASP A 1 38 ? 14.973  4.046   2.691   1.00 18.03 ? 37  ASP A OD1 1 
ATOM   295 O  OD2 . ASP A 1 38 ? 16.266  2.283   2.326   1.00 16.10 ? 37  ASP A OD2 1 
ATOM   296 N  N   . ILE A 1 39 ? 11.202  1.181   0.792   1.00 12.87 ? 38  ILE A N   1 
ATOM   297 C  CA  . ILE A 1 39 ? 10.109  0.796   -0.085  1.00 15.42 ? 38  ILE A CA  1 
ATOM   298 C  C   . ILE A 1 39 ? 8.883   1.650   0.211   1.00 16.94 ? 38  ILE A C   1 
ATOM   299 O  O   . ILE A 1 39 ? 8.257   2.194   -0.700  1.00 20.07 ? 38  ILE A O   1 
ATOM   300 C  CB  . ILE A 1 39 ? 9.820   -0.705  0.071   1.00 17.91 ? 38  ILE A CB  1 
ATOM   301 C  CG1 . ILE A 1 39 ? 11.060  -1.500  -0.357  1.00 16.85 ? 38  ILE A CG1 1 
ATOM   302 C  CG2 . ILE A 1 39 ? 8.537   -1.111  -0.707  1.00 16.84 ? 38  ILE A CG2 1 
ATOM   303 C  CD1 . ILE A 1 39 ? 11.176  -2.819  0.313   1.00 17.71 ? 38  ILE A CD1 1 
ATOM   304 N  N   . ALA A 1 40 ? 8.548   1.804   1.497   1.00 13.21 ? 39  ALA A N   1 
ATOM   305 C  CA  . ALA A 1 40 ? 7.369   2.573   1.883   1.00 13.33 ? 39  ALA A CA  1 
ATOM   306 C  C   . ALA A 1 40 ? 7.472   4.030   1.447   1.00 14.45 ? 39  ALA A C   1 
ATOM   307 O  O   . ALA A 1 40 ? 6.493   4.607   0.959   1.00 14.39 ? 39  ALA A O   1 
ATOM   308 C  CB  . ALA A 1 40 ? 7.166   2.487   3.395   1.00 12.39 ? 39  ALA A CB  1 
ATOM   309 N  N   . ALA A 1 41 ? 8.641   4.651   1.628   1.00 15.96 ? 40  ALA A N   1 
ATOM   310 C  CA  . ALA A 1 41 ? 8.812   6.044   1.209   1.00 13.40 ? 40  ALA A CA  1 
ATOM   311 C  C   . ALA A 1 41 ? 8.649   6.203   -0.306  1.00 19.92 ? 40  ALA A C   1 
ATOM   312 O  O   . ALA A 1 41 ? 8.055   7.181   -0.769  1.00 20.85 ? 40  ALA A O   1 
ATOM   313 C  CB  . ALA A 1 41 ? 10.177  6.565   1.665   1.00 12.65 ? 40  ALA A CB  1 
ATOM   314 N  N   . HIS A 1 42 ? 9.165   5.248   -1.089  1.00 14.94 ? 41  HIS A N   1 
ATOM   315 C  CA  . HIS A 1 42 ? 9.033   5.302   -2.544  1.00 16.13 ? 41  HIS A CA  1 
ATOM   316 C  C   . HIS A 1 42 ? 7.570   5.279   -2.960  1.00 19.13 ? 41  HIS A C   1 
ATOM   317 O  O   . HIS A 1 42 ? 7.139   6.077   -3.801  1.00 18.11 ? 41  HIS A O   1 
ATOM   318 C  CB  . HIS A 1 42 ? 9.785   4.128   -3.173  1.00 16.35 ? 41  HIS A CB  1 
ATOM   319 C  CG  . HIS A 1 42 ? 9.750   4.092   -4.671  1.00 19.96 ? 41  HIS A CG  1 
ATOM   320 N  ND1 . HIS A 1 42 ? 10.819  4.487   -5.449  1.00 17.95 ? 41  HIS A ND1 1 
ATOM   321 C  CD2 . HIS A 1 42 ? 8.801   3.664   -5.533  1.00 24.97 ? 41  HIS A CD2 1 
ATOM   322 C  CE1 . HIS A 1 42 ? 10.517  4.331   -6.723  1.00 25.06 ? 41  HIS A CE1 1 
ATOM   323 N  NE2 . HIS A 1 42 ? 9.295   3.840   -6.803  1.00 26.21 ? 41  HIS A NE2 1 
ATOM   324 N  N   . ILE A 1 43 ? 6.785   4.375   -2.372  1.00 16.73 ? 42  ILE A N   1 
ATOM   325 C  CA  . ILE A 1 43 ? 5.366   4.294   -2.715  1.00 20.18 ? 42  ILE A CA  1 
ATOM   326 C  C   . ILE A 1 43 ? 4.635   5.542   -2.241  1.00 22.17 ? 42  ILE A C   1 
ATOM   327 O  O   . ILE A 1 43 ? 3.813   6.110   -2.971  1.00 25.99 ? 42  ILE A O   1 
ATOM   328 C  CB  . ILE A 1 43 ? 4.745   3.011   -2.135  1.00 17.25 ? 42  ILE A CB  1 
ATOM   329 C  CG1 . ILE A 1 43 ? 5.469   1.789   -2.673  1.00 17.42 ? 42  ILE A CG1 1 
ATOM   330 C  CG2 . ILE A 1 43 ? 3.300   2.888   -2.508  1.00 18.08 ? 42  ILE A CG2 1 
ATOM   331 C  CD1 . ILE A 1 43 ? 5.105   0.531   -1.937  1.00 20.56 ? 42  ILE A CD1 1 
ATOM   332 N  N   . LYS A 1 44 ? 4.931   5.994   -1.018  1.00 21.94 ? 43  LYS A N   1 
ATOM   333 C  CA  . LYS A 1 44 ? 4.259   7.170   -0.465  1.00 22.13 ? 43  LYS A CA  1 
ATOM   334 C  C   . LYS A 1 44 ? 4.490   8.392   -1.346  1.00 22.75 ? 43  LYS A C   1 
ATOM   335 O  O   . LYS A 1 44 ? 3.542   9.092   -1.720  1.00 23.11 ? 43  LYS A O   1 
ATOM   336 C  CB  . LYS A 1 44 ? 4.750   7.421   0.973   1.00 19.88 ? 43  LYS A CB  1 
ATOM   337 C  CG  . LYS A 1 44 ? 4.021   8.532   1.776   1.00 18.14 ? 43  LYS A CG  1 
ATOM   338 C  CD  . LYS A 1 44 ? 4.541   9.944   1.440   1.00 18.20 ? 43  LYS A CD  1 
ATOM   339 C  CE  . LYS A 1 44 ? 4.326   10.960  2.556   1.00 16.99 ? 43  LYS A CE  1 
ATOM   340 N  NZ  . LYS A 1 44 ? 2.920   11.440  2.654   1.00 15.39 ? 43  LYS A NZ  1 
ATOM   341 N  N   . LYS A 1 45 ? 5.749   8.663   -1.696  1.00 16.96 ? 44  LYS A N   1 
ATOM   342 C  CA  . LYS A 1 45 ? 6.062   9.875   -2.448  1.00 17.63 ? 44  LYS A CA  1 
ATOM   343 C  C   . LYS A 1 45 ? 5.463   9.837   -3.849  1.00 18.99 ? 44  LYS A C   1 
ATOM   344 O  O   . LYS A 1 45 ? 4.923   10.843  -4.321  1.00 21.94 ? 44  LYS A O   1 
ATOM   345 C  CB  . LYS A 1 45 ? 7.575   10.079  -2.505  1.00 22.88 ? 44  LYS A CB  1 
ATOM   346 C  CG  . LYS A 1 45 ? 8.179   10.321  -1.135  1.00 24.56 ? 44  LYS A CG  1 
ATOM   347 C  CD  . LYS A 1 45 ? 9.674   10.130  -1.133  1.00 28.17 ? 44  LYS A CD  1 
ATOM   348 C  CE  . LYS A 1 45 ? 10.282  10.615  0.181   1.00 28.85 ? 44  LYS A CE  1 
ATOM   349 N  NZ  . LYS A 1 45 ? 11.749  10.759  0.010   1.00 29.46 ? 44  LYS A NZ  1 
ATOM   350 N  N   A GLU A 1 46 ? 5.541   8.690   -4.530  0.47 20.60 ? 45  GLU A N   1 
ATOM   351 N  N   B GLU A 1 46 ? 5.535   8.688   -4.526  0.53 20.57 ? 45  GLU A N   1 
ATOM   352 C  CA  A GLU A 1 46 ? 4.955   8.600   -5.864  0.47 23.32 ? 45  GLU A CA  1 
ATOM   353 C  CA  B GLU A 1 46 ? 4.962   8.598   -5.865  0.53 23.34 ? 45  GLU A CA  1 
ATOM   354 C  C   A GLU A 1 46 ? 3.448   8.804   -5.816  0.47 25.31 ? 45  GLU A C   1 
ATOM   355 C  C   B GLU A 1 46 ? 3.446   8.758   -5.836  0.53 25.35 ? 45  GLU A C   1 
ATOM   356 O  O   A GLU A 1 46 ? 2.871   9.415   -6.724  0.47 26.72 ? 45  GLU A O   1 
ATOM   357 O  O   B GLU A 1 46 ? 2.867   9.307   -6.780  0.53 26.74 ? 45  GLU A O   1 
ATOM   358 C  CB  A GLU A 1 46 ? 5.283   7.254   -6.521  0.47 23.69 ? 45  GLU A CB  1 
ATOM   359 C  CB  B GLU A 1 46 ? 5.354   7.275   -6.537  0.53 23.63 ? 45  GLU A CB  1 
ATOM   360 C  CG  A GLU A 1 46 ? 6.763   6.968   -6.726  0.47 24.63 ? 45  GLU A CG  1 
ATOM   361 C  CG  B GLU A 1 46 ? 4.764   7.097   -7.937  0.53 27.52 ? 45  GLU A CG  1 
ATOM   362 C  CD  A GLU A 1 46 ? 7.376   7.675   -7.925  0.47 27.33 ? 45  GLU A CD  1 
ATOM   363 C  CD  B GLU A 1 46 ? 5.481   6.045   -8.769  0.53 30.33 ? 45  GLU A CD  1 
ATOM   364 O  OE1 A GLU A 1 46 ? 8.496   7.283   -8.329  0.47 28.57 ? 45  GLU A OE1 1 
ATOM   365 O  OE1 B GLU A 1 46 ? 6.730   6.077   -8.830  0.53 29.29 ? 45  GLU A OE1 1 
ATOM   366 O  OE2 A GLU A 1 46 ? 6.750   8.614   -8.457  0.47 28.51 ? 45  GLU A OE2 1 
ATOM   367 O  OE2 B GLU A 1 46 ? 4.794   5.186   -9.369  0.53 31.92 ? 45  GLU A OE2 1 
ATOM   368 N  N   . PHE A 1 47 ? 2.785   8.305   -4.767  1.00 23.90 ? 46  PHE A N   1 
ATOM   369 C  CA  . PHE A 1 47 ? 1.333   8.470   -4.710  1.00 26.94 ? 46  PHE A CA  1 
ATOM   370 C  C   . PHE A 1 47 ? 0.948   9.894   -4.321  1.00 26.00 ? 46  PHE A C   1 
ATOM   371 O  O   . PHE A 1 47 ? -0.009  10.441  -4.879  1.00 23.46 ? 46  PHE A O   1 
ATOM   372 C  CB  . PHE A 1 47 ? 0.684   7.433   -3.788  1.00 23.02 ? 46  PHE A CB  1 
ATOM   373 C  CG  . PHE A 1 47 ? 0.077   6.275   -4.536  1.00 21.20 ? 46  PHE A CG  1 
ATOM   374 C  CD1 . PHE A 1 47 ? 0.872   5.464   -5.341  1.00 25.62 ? 46  PHE A CD1 1 
ATOM   375 C  CD2 . PHE A 1 47 ? -1.287  6.015   -4.474  1.00 21.69 ? 46  PHE A CD2 1 
ATOM   376 C  CE1 . PHE A 1 47 ? 0.318   4.396   -6.064  1.00 22.26 ? 46  PHE A CE1 1 
ATOM   377 C  CE2 . PHE A 1 47 ? -1.852  4.946   -5.189  1.00 22.43 ? 46  PHE A CE2 1 
ATOM   378 C  CZ  . PHE A 1 47 ? -1.039  4.142   -5.993  1.00 22.73 ? 46  PHE A CZ  1 
ATOM   379 N  N   . ASP A 1 48 ? 1.701   10.535  -3.417  1.00 20.25 ? 47  ASP A N   1 
ATOM   380 C  CA  . ASP A 1 48 ? 1.505   11.966  -3.196  1.00 20.46 ? 47  ASP A CA  1 
ATOM   381 C  C   . ASP A 1 48 ? 1.605   12.739  -4.507  1.00 33.43 ? 47  ASP A C   1 
ATOM   382 O  O   . ASP A 1 48 ? 0.835   13.671  -4.747  1.00 31.81 ? 47  ASP A O   1 
ATOM   383 C  CB  . ASP A 1 48 ? 2.531   12.502  -2.194  1.00 31.99 ? 47  ASP A CB  1 
ATOM   384 C  CG  . ASP A 1 48 ? 2.066   12.395  -0.736  1.00 28.70 ? 47  ASP A CG  1 
ATOM   385 O  OD1 . ASP A 1 48 ? 0.928   11.952  -0.491  1.00 27.62 ? 47  ASP A OD1 1 
ATOM   386 O  OD2 . ASP A 1 48 ? 2.843   12.778  0.165   1.00 25.97 ? 47  ASP A OD2 1 
ATOM   387 N  N   . LYS A 1 49 ? 2.541   12.355  -5.380  1.00 32.95 ? 48  LYS A N   1 
ATOM   388 C  CA  . LYS A 1 49 ? 2.676   13.068  -6.648  1.00 32.59 ? 48  LYS A CA  1 
ATOM   389 C  C   . LYS A 1 49 ? 1.565   12.699  -7.621  1.00 33.95 ? 48  LYS A C   1 
ATOM   390 O  O   . LYS A 1 49 ? 0.884   13.581  -8.152  1.00 34.87 ? 48  LYS A O   1 
ATOM   391 C  CB  . LYS A 1 49 ? 4.049   12.800  -7.275  1.00 30.41 ? 48  LYS A CB  1 
ATOM   392 C  CG  . LYS A 1 49 ? 5.186   13.584  -6.615  1.00 31.34 ? 48  LYS A CG  1 
ATOM   393 C  CD  . LYS A 1 49 ? 6.388   13.743  -7.538  1.00 35.84 ? 48  LYS A CD  1 
ATOM   394 C  CE  . LYS A 1 49 ? 7.321   12.546  -7.473  1.00 39.20 ? 48  LYS A CE  1 
ATOM   395 N  NZ  . LYS A 1 49 ? 7.737   12.234  -6.074  1.00 39.14 ? 48  LYS A NZ  1 
ATOM   396 N  N   . LYS A 1 50 ? 1.360   11.399  -7.866  1.00 34.18 ? 49  LYS A N   1 
ATOM   397 C  CA  . LYS A 1 50 ? 0.407   10.988  -8.894  1.00 37.25 ? 49  LYS A CA  1 
ATOM   398 C  C   . LYS A 1 50 ? -1.048  11.170  -8.470  1.00 37.68 ? 49  LYS A C   1 
ATOM   399 O  O   . LYS A 1 50 ? -1.926  11.253  -9.340  1.00 40.25 ? 49  LYS A O   1 
ATOM   400 C  CB  . LYS A 1 50 ? 0.641   9.527   -9.292  1.00 38.31 ? 49  LYS A CB  1 
ATOM   401 C  CG  . LYS A 1 50 ? 2.010   9.254   -9.877  1.00 41.24 ? 49  LYS A CG  1 
ATOM   402 C  CD  . LYS A 1 50 ? 2.009   7.984   -10.717 1.00 45.94 ? 49  LYS A CD  1 
ATOM   403 C  CE  . LYS A 1 50 ? 1.510   6.780   -9.925  1.00 48.15 ? 49  LYS A CE  1 
ATOM   404 N  NZ  . LYS A 1 50 ? 1.643   5.509   -10.703 1.00 48.74 ? 49  LYS A NZ  1 
ATOM   405 N  N   . TYR A 1 51 ? -1.330  11.234  -7.161  1.00 33.27 ? 50  TYR A N   1 
ATOM   406 C  CA  . TYR A 1 51 ? -2.714  11.298  -6.715  1.00 30.95 ? 50  TYR A CA  1 
ATOM   407 C  C   . TYR A 1 51 ? -2.950  12.339  -5.629  1.00 33.66 ? 50  TYR A C   1 
ATOM   408 O  O   . TYR A 1 51 ? -4.013  12.309  -4.990  1.00 37.60 ? 50  TYR A O   1 
ATOM   409 C  CB  . TYR A 1 51 ? -3.165  9.936   -6.217  1.00 29.32 ? 50  TYR A CB  1 
ATOM   410 C  CG  . TYR A 1 51 ? -3.186  8.876   -7.290  1.00 32.22 ? 50  TYR A CG  1 
ATOM   411 C  CD1 . TYR A 1 51 ? -4.228  8.814   -8.207  1.00 32.73 ? 50  TYR A CD1 1 
ATOM   412 C  CD2 . TYR A 1 51 ? -2.166  7.922   -7.382  1.00 33.43 ? 50  TYR A CD2 1 
ATOM   413 C  CE1 . TYR A 1 51 ? -4.261  7.834   -9.196  1.00 35.06 ? 50  TYR A CE1 1 
ATOM   414 C  CE2 . TYR A 1 51 ? -2.190  6.939   -8.370  1.00 35.25 ? 50  TYR A CE2 1 
ATOM   415 C  CZ  . TYR A 1 51 ? -3.244  6.904   -9.277  1.00 36.03 ? 50  TYR A CZ  1 
ATOM   416 O  OH  . TYR A 1 51 ? -3.286  5.939   -10.261 1.00 37.83 ? 50  TYR A OH  1 
ATOM   417 N  N   . ASN A 1 52 ? -1.980  13.233  -5.378  1.00 31.51 ? 51  ASN A N   1 
ATOM   418 C  CA  . ASN A 1 52 ? -2.095  14.373  -4.470  1.00 31.64 ? 51  ASN A CA  1 
ATOM   419 C  C   . ASN A 1 52 ? -2.005  13.888  -3.023  1.00 30.76 ? 51  ASN A C   1 
ATOM   420 O  O   . ASN A 1 52 ? -2.316  12.723  -2.739  1.00 32.76 ? 51  ASN A O   1 
ATOM   421 C  CB  . ASN A 1 52 ? -3.383  15.154  -4.780  1.00 36.74 ? 51  ASN A CB  1 
ATOM   422 C  CG  . ASN A 1 52 ? -3.467  15.565  -6.268  1.00 45.00 ? 51  ASN A CG  1 
ATOM   423 O  OD1 . ASN A 1 52 ? -2.452  15.554  -6.986  1.00 48.83 ? 51  ASN A OD1 1 
ATOM   424 N  ND2 . ASN A 1 52 ? -4.666  15.925  -6.732  1.00 46.93 ? 51  ASN A ND2 1 
ATOM   425 N  N   . PRO A 1 53 ? -1.526  14.723  -2.082  1.00 27.04 ? 52  PRO A N   1 
ATOM   426 C  CA  . PRO A 1 53 ? -1.364  14.354  -0.663  1.00 24.14 ? 52  PRO A CA  1 
ATOM   427 C  C   . PRO A 1 53 ? -2.712  14.119  0.008   1.00 27.57 ? 52  PRO A C   1 
ATOM   428 O  O   . PRO A 1 53 ? -3.706  14.554  -0.562  1.00 30.00 ? 52  PRO A O   1 
ATOM   429 C  CB  . PRO A 1 53 ? -0.649  15.577  -0.058  1.00 21.43 ? 52  PRO A CB  1 
ATOM   430 C  CG  . PRO A 1 53 ? -0.071  16.306  -1.214  1.00 22.99 ? 52  PRO A CG  1 
ATOM   431 C  CD  . PRO A 1 53 ? -1.019  16.076  -2.354  1.00 25.22 ? 52  PRO A CD  1 
ATOM   432 N  N   . THR A 1 54 ? -2.776  13.453  1.163   1.00 26.98 ? 53  THR A N   1 
ATOM   433 C  CA  . THR A 1 54 ? -1.620  12.938  1.881   1.00 24.98 ? 53  THR A CA  1 
ATOM   434 C  C   . THR A 1 54 ? -1.665  11.430  2.104   1.00 26.48 ? 53  THR A C   1 
ATOM   435 O  O   . THR A 1 54 ? -2.540  10.923  2.804   1.00 27.13 ? 53  THR A O   1 
ATOM   436 C  CB  . THR A 1 54 ? -1.494  13.626  3.239   1.00 23.15 ? 53  THR A CB  1 
ATOM   437 O  OG1 . THR A 1 54 ? -1.425  15.040  3.033   1.00 24.90 ? 53  THR A OG1 1 
ATOM   438 C  CG2 . THR A 1 54 ? -0.229  13.167  3.954   1.00 17.39 ? 53  THR A CG2 1 
ATOM   439 N  N   . TRP A 1 55 ? -0.709  10.714  1.523   1.00 23.29 ? 54  TRP A N   1 
ATOM   440 C  CA  . TRP A 1 55 ? -0.667  9.265   1.617   1.00 20.54 ? 54  TRP A CA  1 
ATOM   441 C  C   . TRP A 1 55 ? 0.319   8.823   2.692   1.00 16.71 ? 54  TRP A C   1 
ATOM   442 O  O   . TRP A 1 55 ? 1.188   9.582   3.114   1.00 12.37 ? 54  TRP A O   1 
ATOM   443 C  CB  . TRP A 1 55 ? -0.289  8.640   0.277   1.00 20.01 ? 54  TRP A CB  1 
ATOM   444 C  CG  . TRP A 1 55 ? -1.289  8.908   -0.824  1.00 22.98 ? 54  TRP A CG  1 
ATOM   445 C  CD1 . TRP A 1 55 ? -1.393  10.039  -1.585  1.00 16.79 ? 54  TRP A CD1 1 
ATOM   446 C  CD2 . TRP A 1 55 ? -2.304  8.013   -1.294  1.00 19.41 ? 54  TRP A CD2 1 
ATOM   447 N  NE1 . TRP A 1 55 ? -2.411  9.904   -2.496  1.00 17.99 ? 54  TRP A NE1 1 
ATOM   448 C  CE2 . TRP A 1 55 ? -2.989  8.673   -2.340  1.00 17.46 ? 54  TRP A CE2 1 
ATOM   449 C  CE3 . TRP A 1 55 ? -2.713  6.726   -0.919  1.00 15.19 ? 54  TRP A CE3 1 
ATOM   450 C  CZ2 . TRP A 1 55 ? -4.051  8.087   -3.025  1.00 18.34 ? 54  TRP A CZ2 1 
ATOM   451 C  CZ3 . TRP A 1 55 ? -3.775  6.138   -1.605  1.00 16.04 ? 54  TRP A CZ3 1 
ATOM   452 C  CH2 . TRP A 1 55 ? -4.425  6.820   -2.653  1.00 17.60 ? 54  TRP A CH2 1 
ATOM   453 N  N   . HIS A 1 56 ? 0.142   7.581   3.149   1.00 11.70 ? 55  HIS A N   1 
ATOM   454 C  CA  . HIS A 1 56 ? 0.971   6.947   4.165   1.00 10.54 ? 55  HIS A CA  1 
ATOM   455 C  C   . HIS A 1 56 ? 1.164   5.490   3.763   1.00 17.77 ? 55  HIS A C   1 
ATOM   456 O  O   . HIS A 1 56 ? 0.229   4.846   3.270   1.00 11.83 ? 55  HIS A O   1 
ATOM   457 C  CB  . HIS A 1 56 ? 0.328   7.015   5.558   1.00 10.29 ? 55  HIS A CB  1 
ATOM   458 C  CG  . HIS A 1 56 ? -0.172  8.375   5.932   1.00 11.52 ? 55  HIS A CG  1 
ATOM   459 N  ND1 . HIS A 1 56 ? -1.403  8.850   5.531   1.00 16.43 ? 55  HIS A ND1 1 
ATOM   460 C  CD2 . HIS A 1 56 ? 0.400   9.372   6.653   1.00 11.25 ? 55  HIS A CD2 1 
ATOM   461 C  CE1 . HIS A 1 56 ? -1.570  10.079  5.990   1.00 17.61 ? 55  HIS A CE1 1 
ATOM   462 N  NE2 . HIS A 1 56 ? -0.495  10.414  6.685   1.00 14.95 ? 55  HIS A NE2 1 
ATOM   463 N  N   . CYS A 1 57 ? 2.366   4.962   3.958   1.00 9.24  ? 56  CYS A N   1 
ATOM   464 C  CA  . CYS A 1 57 ? 2.617   3.611   3.494   1.00 8.94  ? 56  CYS A CA  1 
ATOM   465 C  C   . CYS A 1 57 ? 3.404   2.841   4.535   1.00 10.50 ? 56  CYS A C   1 
ATOM   466 O  O   . CYS A 1 57 ? 4.346   3.378   5.127   1.00 10.91 ? 56  CYS A O   1 
ATOM   467 C  CB  . CYS A 1 57 ? 3.361   3.620   2.154   1.00 9.37  ? 56  CYS A CB  1 
ATOM   468 S  SG  . CYS A 1 57 ? 3.651   1.987   1.447   1.00 10.78 ? 56  CYS A SG  1 
ATOM   469 N  N   . ILE A 1 58 ? 3.012   1.578   4.739   1.00 11.41 ? 57  ILE A N   1 
ATOM   470 C  CA  . ILE A 1 58 ? 3.632   0.662   5.689   1.00 10.90 ? 57  ILE A CA  1 
ATOM   471 C  C   . ILE A 1 58 ? 3.954   -0.637  4.967   1.00 12.45 ? 57  ILE A C   1 
ATOM   472 O  O   . ILE A 1 58 ? 3.102   -1.186  4.257   1.00 7.78  ? 57  ILE A O   1 
ATOM   473 C  CB  . ILE A 1 58 ? 2.718   0.388   6.900   1.00 10.42 ? 57  ILE A CB  1 
ATOM   474 C  CG1 . ILE A 1 58 ? 2.503   1.681   7.708   1.00 10.23 ? 57  ILE A CG1 1 
ATOM   475 C  CG2 . ILE A 1 58 ? 3.312   -0.667  7.784   1.00 6.38  ? 57  ILE A CG2 1 
ATOM   476 C  CD1 . ILE A 1 58 ? 1.223   2.349   7.395   1.00 12.04 ? 57  ILE A CD1 1 
ATOM   477 N  N   . VAL A 1 59 ? 5.169   -1.145  5.177   1.00 9.81  ? 58  VAL A N   1 
ATOM   478 C  CA  . VAL A 1 59 ? 5.705   -2.278  4.435   1.00 10.31 ? 58  VAL A CA  1 
ATOM   479 C  C   . VAL A 1 59 ? 6.320   -3.246  5.432   1.00 11.45 ? 58  VAL A C   1 
ATOM   480 O  O   . VAL A 1 59 ? 7.151   -2.840  6.258   1.00 10.83 ? 58  VAL A O   1 
ATOM   481 C  CB  . VAL A 1 59 ? 6.761   -1.824  3.404   1.00 8.09  ? 58  VAL A CB  1 
ATOM   482 C  CG1 . VAL A 1 59 ? 7.369   -3.027  2.660   1.00 8.00  ? 58  VAL A CG1 1 
ATOM   483 C  CG2 . VAL A 1 59 ? 6.146   -0.852  2.404   1.00 9.02  ? 58  VAL A CG2 1 
ATOM   484 N  N   . GLY A 1 60 ? 5.937   -4.524  5.357   1.00 9.68  ? 59  GLY A N   1 
ATOM   485 C  CA  . GLY A 1 60 ? 6.535   -5.476  6.277   1.00 11.25 ? 59  GLY A CA  1 
ATOM   486 C  C   . GLY A 1 60 ? 5.856   -6.821  6.244   1.00 10.00 ? 59  GLY A C   1 
ATOM   487 O  O   . GLY A 1 60 ? 4.866   -7.033  5.546   1.00 14.13 ? 59  GLY A O   1 
ATOM   488 N  N   . ARG A 1 61 ? 6.383   -7.728  7.061   1.00 9.87  ? 60  ARG A N   1 
ATOM   489 C  CA  . ARG A 1 61 ? 5.866   -9.087  7.102   1.00 14.34 ? 60  ARG A CA  1 
ATOM   490 C  C   . ARG A 1 61 ? 5.044   -9.428  8.345   1.00 15.17 ? 60  ARG A C   1 
ATOM   491 O  O   . ARG A 1 61 ? 4.443   -10.505 8.381   1.00 13.14 ? 60  ARG A O   1 
ATOM   492 C  CB  . ARG A 1 61 ? 7.028   -10.089 6.977   1.00 18.10 ? 60  ARG A CB  1 
ATOM   493 C  CG  . ARG A 1 61 ? 7.580   -10.227 5.558   1.00 22.11 ? 60  ARG A CG  1 
ATOM   494 C  CD  . ARG A 1 61 ? 9.049   -10.600 5.570   1.00 25.20 ? 60  ARG A CD  1 
ATOM   495 N  NE  . ARG A 1 61 ? 9.402   -11.358 4.376   1.00 32.43 ? 60  ARG A NE  1 
ATOM   496 C  CZ  . ARG A 1 61 ? 10.029  -10.854 3.320   1.00 37.97 ? 60  ARG A CZ  1 
ATOM   497 N  NH1 . ARG A 1 61 ? 10.387  -9.571  3.313   1.00 42.40 ? 60  ARG A NH1 1 
ATOM   498 N  NH2 . ARG A 1 61 ? 10.311  -11.638 2.281   1.00 36.73 ? 60  ARG A NH2 1 
ATOM   499 N  N   . ASN A 1 62 ? 5.008   -8.577  9.370   1.00 9.59  ? 61  ASN A N   1 
ATOM   500 C  CA  . ASN A 1 62 ? 4.218   -8.894  10.558  1.00 11.78 ? 61  ASN A CA  1 
ATOM   501 C  C   . ASN A 1 62 ? 3.747   -7.587  11.182  1.00 13.17 ? 61  ASN A C   1 
ATOM   502 O  O   . ASN A 1 62 ? 4.538   -6.883  11.822  1.00 16.21 ? 61  ASN A O   1 
ATOM   503 C  CB  . ASN A 1 62 ? 5.016   -9.713  11.571  1.00 11.36 ? 61  ASN A CB  1 
ATOM   504 C  CG  . ASN A 1 62 ? 4.289   -9.856  12.907  1.00 16.18 ? 61  ASN A CG  1 
ATOM   505 O  OD1 . ASN A 1 62 ? 4.625   -9.192  13.890  1.00 21.37 ? 61  ASN A OD1 1 
ATOM   506 N  ND2 . ASN A 1 62 ? 3.272   -10.702 12.939  1.00 15.01 ? 61  ASN A ND2 1 
ATOM   507 N  N   . PHE A 1 63 ? 2.472   -7.270  10.996  1.00 8.59  ? 62  PHE A N   1 
ATOM   508 C  CA  . PHE A 1 63 ? 1.881   -6.099  11.624  1.00 10.08 ? 62  PHE A CA  1 
ATOM   509 C  C   . PHE A 1 63 ? 0.381   -6.157  11.404  1.00 8.22  ? 62  PHE A C   1 
ATOM   510 O  O   . PHE A 1 63 ? -0.092  -6.765  10.444  1.00 10.35 ? 62  PHE A O   1 
ATOM   511 C  CB  . PHE A 1 63 ? 2.460   -4.773  11.081  1.00 5.92  ? 62  PHE A CB  1 
ATOM   512 C  CG  . PHE A 1 63 ? 2.124   -4.488  9.634   1.00 8.55  ? 62  PHE A CG  1 
ATOM   513 C  CD1 . PHE A 1 63 ? 2.964   -4.939  8.608   1.00 6.46  ? 62  PHE A CD1 1 
ATOM   514 C  CD2 . PHE A 1 63 ? 1.002   -3.772  9.296   1.00 6.50  ? 62  PHE A CD2 1 
ATOM   515 C  CE1 . PHE A 1 63 ? 2.692   -4.691  7.274   1.00 8.96  ? 62  PHE A CE1 1 
ATOM   516 C  CE2 . PHE A 1 63 ? 0.710   -3.511  7.930   1.00 8.11  ? 62  PHE A CE2 1 
ATOM   517 C  CZ  . PHE A 1 63 ? 1.558   -3.978  6.932   1.00 8.96  ? 62  PHE A CZ  1 
ATOM   518 N  N   . GLY A 1 64 ? -0.348  -5.530  12.312  1.00 7.61  ? 63  GLY A N   1 
ATOM   519 C  CA  . GLY A 1 64 ? -1.753  -5.241  12.122  1.00 9.50  ? 63  GLY A CA  1 
ATOM   520 C  C   . GLY A 1 64 ? -1.953  -3.743  12.247  1.00 8.07  ? 63  GLY A C   1 
ATOM   521 O  O   . GLY A 1 64 ? -1.102  -3.048  12.814  1.00 6.92  ? 63  GLY A O   1 
ATOM   522 N  N   . SER A 1 65 ? -3.063  -3.218  11.742  1.00 7.80  ? 64  SER A N   1 
ATOM   523 C  CA  . SER A 1 65 ? -3.242  -1.785  11.791  1.00 7.27  ? 64  SER A CA  1 
ATOM   524 C  C   . SER A 1 65 ? -4.715  -1.454  11.964  1.00 10.20 ? 64  SER A C   1 
ATOM   525 O  O   . SER A 1 65 ? -5.597  -2.296  11.770  1.00 10.77 ? 64  SER A O   1 
ATOM   526 C  CB  . SER A 1 65 ? -2.678  -1.145  10.530  1.00 7.39  ? 64  SER A CB  1 
ATOM   527 O  OG  . SER A 1 65 ? -3.453  -1.507  9.415   1.00 14.96 ? 64  SER A OG  1 
ATOM   528 N  N   . TYR A 1 66 ? -4.966  -0.199  12.318  1.00 8.17  ? 65  TYR A N   1 
ATOM   529 C  CA  . TYR A 1 66 ? -6.301  0.390   12.289  1.00 13.28 ? 65  TYR A CA  1 
ATOM   530 C  C   . TYR A 1 66 ? -6.117  1.857   11.912  1.00 12.11 ? 65  TYR A C   1 
ATOM   531 O  O   . TYR A 1 66 ? -5.504  2.631   12.649  1.00 9.29  ? 65  TYR A O   1 
ATOM   532 C  CB  . TYR A 1 66 ? -7.009  0.237   13.634  1.00 11.93 ? 65  TYR A CB  1 
ATOM   533 C  CG  . TYR A 1 66 ? -8.479  0.626   13.624  1.00 9.99  ? 65  TYR A CG  1 
ATOM   534 C  CD1 . TYR A 1 66 ? -9.432  -0.209  13.065  1.00 17.75 ? 65  TYR A CD1 1 
ATOM   535 C  CD2 . TYR A 1 66 ? -8.902  1.818   14.185  1.00 14.76 ? 65  TYR A CD2 1 
ATOM   536 C  CE1 . TYR A 1 66 ? -10.770 0.133   13.056  1.00 19.05 ? 65  TYR A CE1 1 
ATOM   537 C  CE2 . TYR A 1 66 ? -10.231 2.175   14.188  1.00 19.25 ? 65  TYR A CE2 1 
ATOM   538 C  CZ  . TYR A 1 66 ? -11.169 1.332   13.621  1.00 23.46 ? 65  TYR A CZ  1 
ATOM   539 O  OH  . TYR A 1 66 ? -12.505 1.694   13.627  1.00 25.45 ? 65  TYR A OH  1 
ATOM   540 N  N   . VAL A 1 67 ? -6.612  2.232   10.741  1.00 15.66 ? 66  VAL A N   1 
ATOM   541 C  CA  . VAL A 1 67 ? -6.348  3.542   10.163  1.00 16.73 ? 66  VAL A CA  1 
ATOM   542 C  C   . VAL A 1 67 ? -7.668  4.121   9.669   1.00 16.84 ? 66  VAL A C   1 
ATOM   543 O  O   . VAL A 1 67 ? -8.637  3.403   9.429   1.00 15.81 ? 66  VAL A O   1 
ATOM   544 C  CB  . VAL A 1 67 ? -5.321  3.470   9.001   1.00 13.85 ? 66  VAL A CB  1 
ATOM   545 C  CG1 . VAL A 1 67 ? -4.043  2.782   9.465   1.00 9.22  ? 66  VAL A CG1 1 
ATOM   546 C  CG2 . VAL A 1 67 ? -5.927  2.746   7.785   1.00 10.69 ? 66  VAL A CG2 1 
ATOM   547 N  N   . THR A 1 68 ? -7.690  5.436   9.534   1.00 19.62 ? 67  THR A N   1 
ATOM   548 C  CA  . THR A 1 68 ? -8.798  6.144   8.913   1.00 20.61 ? 67  THR A CA  1 
ATOM   549 C  C   . THR A 1 68 ? -8.332  6.669   7.568   1.00 20.10 ? 67  THR A C   1 
ATOM   550 O  O   . THR A 1 68 ? -7.219  7.182   7.452   1.00 17.81 ? 67  THR A O   1 
ATOM   551 C  CB  . THR A 1 68 ? -9.278  7.309   9.778   1.00 23.03 ? 67  THR A CB  1 
ATOM   552 O  OG1 . THR A 1 68 ? -9.588  6.843   11.102  1.00 24.59 ? 67  THR A OG1 1 
ATOM   553 C  CG2 . THR A 1 68 ? -10.525 7.953   9.150   1.00 22.15 ? 67  THR A CG2 1 
ATOM   554 N  N   . HIS A 1 69 ? -9.182  6.547   6.552   1.00 25.27 ? 68  HIS A N   1 
ATOM   555 C  CA  . HIS A 1 69 ? -8.781  6.885   5.194   1.00 26.89 ? 68  HIS A CA  1 
ATOM   556 C  C   . HIS A 1 69 ? -9.974  7.403   4.419   1.00 28.12 ? 68  HIS A C   1 
ATOM   557 O  O   . HIS A 1 69 ? -11.095 6.920   4.604   1.00 30.47 ? 68  HIS A O   1 
ATOM   558 C  CB  . HIS A 1 69 ? -8.211  5.663   4.470   1.00 24.26 ? 68  HIS A CB  1 
ATOM   559 C  CG  . HIS A 1 69 ? -9.211  4.566   4.291   1.00 21.54 ? 68  HIS A CG  1 
ATOM   560 N  ND1 . HIS A 1 69 ? -10.140 4.570   3.274   1.00 20.55 ? 68  HIS A ND1 1 
ATOM   561 C  CD2 . HIS A 1 69 ? -9.451  3.452   5.021   1.00 16.59 ? 68  HIS A CD2 1 
ATOM   562 C  CE1 . HIS A 1 69 ? -10.887 3.483   3.364   1.00 21.07 ? 68  HIS A CE1 1 
ATOM   563 N  NE2 . HIS A 1 69 ? -10.492 2.786   4.415   1.00 16.89 ? 68  HIS A NE2 1 
ATOM   564 N  N   . GLU A 1 70 ? -9.722  8.379   3.550   1.00 27.02 ? 69  GLU A N   1 
ATOM   565 C  CA  . GLU A 1 70 ? -10.725 8.786   2.579   1.00 27.76 ? 69  GLU A CA  1 
ATOM   566 C  C   . GLU A 1 70 ? -11.250 7.565   1.832   1.00 30.22 ? 69  GLU A C   1 
ATOM   567 O  O   . GLU A 1 70 ? -10.498 6.634   1.530   1.00 29.82 ? 69  GLU A O   1 
ATOM   568 C  CB  . GLU A 1 70 ? -10.128 9.784   1.589   1.00 27.54 ? 69  GLU A CB  1 
ATOM   569 C  CG  . GLU A 1 70 ? -9.519  11.011  2.234   1.00 32.31 ? 69  GLU A CG  1 
ATOM   570 C  CD  . GLU A 1 70 ? -8.947  11.971  1.201   1.00 38.46 ? 69  GLU A CD  1 
ATOM   571 O  OE1 . GLU A 1 70 ? -9.253  11.786  0.002   1.00 43.15 ? 69  GLU A OE1 1 
ATOM   572 O  OE2 . GLU A 1 70 ? -8.188  12.895  1.580   1.00 36.84 ? 69  GLU A OE2 1 
ATOM   573 N  N   . THR A 1 71 ? -12.551 7.557   1.554   1.00 31.91 ? 70  THR A N   1 
ATOM   574 C  CA  . THR A 1 71 ? -13.121 6.442   0.812   1.00 33.51 ? 70  THR A CA  1 
ATOM   575 C  C   . THR A 1 71 ? -12.464 6.344   -0.561  1.00 33.08 ? 70  THR A C   1 
ATOM   576 O  O   . THR A 1 71 ? -12.050 7.352   -1.153  1.00 33.17 ? 70  THR A O   1 
ATOM   577 C  CB  . THR A 1 71 ? -14.640 6.604   0.659   1.00 35.45 ? 70  THR A CB  1 
ATOM   578 O  OG1 . THR A 1 71 ? -14.924 7.862   0.034   1.00 38.30 ? 70  THR A OG1 1 
ATOM   579 C  CG2 . THR A 1 71 ? -15.322 6.547   2.004   1.00 34.30 ? 70  THR A CG2 1 
ATOM   580 N  N   . LYS A 1 72 ? -12.359 5.112   -1.063  1.00 30.42 ? 71  LYS A N   1 
ATOM   581 C  CA  . LYS A 1 72 ? -11.765 4.798   -2.361  1.00 32.08 ? 71  LYS A CA  1 
ATOM   582 C  C   . LYS A 1 72 ? -10.255 5.001   -2.383  1.00 32.32 ? 71  LYS A C   1 
ATOM   583 O  O   . LYS A 1 72 ? -9.650  4.928   -3.463  1.00 35.62 ? 71  LYS A O   1 
ATOM   584 C  CB  . LYS A 1 72 ? -12.388 5.610   -3.509  1.00 35.33 ? 71  LYS A CB  1 
ATOM   585 C  CG  . LYS A 1 72 ? -13.826 5.250   -3.831  1.00 42.96 ? 71  LYS A CG  1 
ATOM   586 C  CD  . LYS A 1 72 ? -13.936 3.999   -4.700  1.00 45.41 ? 71  LYS A CD  1 
ATOM   587 C  CE  . LYS A 1 72 ? -15.388 3.566   -4.827  1.00 46.59 ? 71  LYS A CE  1 
ATOM   588 N  NZ  . LYS A 1 72 ? -15.502 2.084   -4.903  1.00 47.62 ? 71  LYS A NZ  1 
ATOM   589 N  N   . HIS A 1 73 ? -9.614  5.236   -1.233  1.00 28.23 ? 72  HIS A N   1 
ATOM   590 C  CA  . HIS A 1 73 ? -8.165  5.454   -1.174  1.00 26.44 ? 72  HIS A CA  1 
ATOM   591 C  C   . HIS A 1 73 ? -7.536  4.569   -0.101  1.00 20.64 ? 72  HIS A C   1 
ATOM   592 O  O   . HIS A 1 73 ? -6.841  5.037   0.797   1.00 17.87 ? 72  HIS A O   1 
ATOM   593 C  CB  . HIS A 1 73 ? -7.854  6.917   -0.916  1.00 29.14 ? 72  HIS A CB  1 
ATOM   594 C  CG  . HIS A 1 73 ? -8.332  7.824   -2.007  1.00 34.81 ? 72  HIS A CG  1 
ATOM   595 N  ND1 . HIS A 1 73 ? -9.670  7.990   -2.302  1.00 33.03 ? 72  HIS A ND1 1 
ATOM   596 C  CD2 . HIS A 1 73 ? -7.651  8.598   -2.888  1.00 35.36 ? 72  HIS A CD2 1 
ATOM   597 C  CE1 . HIS A 1 73 ? -9.792  8.836   -3.311  1.00 35.46 ? 72  HIS A CE1 1 
ATOM   598 N  NE2 . HIS A 1 73 ? -8.584  9.217   -3.686  1.00 36.52 ? 72  HIS A NE2 1 
ATOM   599 N  N   . PHE A 1 74 ? -7.761  3.266   -0.215  1.00 18.48 ? 73  PHE A N   1 
ATOM   600 C  CA  . PHE A 1 74 ? -7.208  2.299   0.723   1.00 19.04 ? 73  PHE A CA  1 
ATOM   601 C  C   . PHE A 1 74 ? -6.915  1.029   -0.051  1.00 22.17 ? 73  PHE A C   1 
ATOM   602 O  O   . PHE A 1 74 ? -7.803  0.527   -0.749  1.00 24.29 ? 73  PHE A O   1 
ATOM   603 C  CB  . PHE A 1 74 ? -8.185  2.000   1.875   1.00 14.73 ? 73  PHE A CB  1 
ATOM   604 C  CG  . PHE A 1 74 ? -7.737  0.879   2.788   1.00 15.99 ? 73  PHE A CG  1 
ATOM   605 C  CD1 . PHE A 1 74 ? -7.988  -0.444  2.473   1.00 17.93 ? 73  PHE A CD1 1 
ATOM   606 C  CD2 . PHE A 1 74 ? -7.075  1.152   3.975   1.00 12.52 ? 73  PHE A CD2 1 
ATOM   607 C  CE1 . PHE A 1 74 ? -7.564  -1.465  3.312   1.00 17.03 ? 73  PHE A CE1 1 
ATOM   608 C  CE2 . PHE A 1 74 ? -6.675  0.136   4.811   1.00 13.52 ? 73  PHE A CE2 1 
ATOM   609 C  CZ  . PHE A 1 74 ? -6.903  -1.168  4.480   1.00 14.53 ? 73  PHE A CZ  1 
ATOM   610 N  N   . ILE A 1 75 ? -5.698  0.504   0.080   1.00 14.05 ? 74  ILE A N   1 
ATOM   611 C  CA  . ILE A 1 75 ? -5.379  -0.813  -0.460  1.00 14.06 ? 74  ILE A CA  1 
ATOM   612 C  C   . ILE A 1 75 ? -4.423  -1.518  0.490   1.00 20.79 ? 74  ILE A C   1 
ATOM   613 O  O   . ILE A 1 75 ? -3.570  -0.886  1.118   1.00 21.91 ? 74  ILE A O   1 
ATOM   614 C  CB  . ILE A 1 75 ? -4.796  -0.741  -1.885  1.00 18.64 ? 74  ILE A CB  1 
ATOM   615 C  CG1 . ILE A 1 75 ? -4.760  -2.134  -2.515  1.00 15.31 ? 74  ILE A CG1 1 
ATOM   616 C  CG2 . ILE A 1 75 ? -3.411  -0.138  -1.886  1.00 16.29 ? 74  ILE A CG2 1 
ATOM   617 C  CD1 . ILE A 1 75 ? -4.227  -2.139  -3.912  1.00 27.60 ? 74  ILE A CD1 1 
ATOM   618 N  N   . TYR A 1 76 ? -4.599  -2.831  0.617   1.00 17.12 ? 75  TYR A N   1 
ATOM   619 C  CA  . TYR A 1 76 ? -3.758  -3.657  1.470   1.00 17.88 ? 75  TYR A CA  1 
ATOM   620 C  C   . TYR A 1 76 ? -3.508  -4.962  0.722   1.00 19.18 ? 75  TYR A C   1 
ATOM   621 O  O   . TYR A 1 76 ? -4.414  -5.781  0.557   1.00 18.22 ? 75  TYR A O   1 
ATOM   622 C  CB  . TYR A 1 76 ? -4.406  -3.895  2.839   1.00 17.30 ? 75  TYR A CB  1 
ATOM   623 C  CG  . TYR A 1 76 ? -3.661  -4.920  3.662   1.00 13.78 ? 75  TYR A CG  1 
ATOM   624 C  CD1 . TYR A 1 76 ? -2.353  -4.691  4.086   1.00 12.78 ? 75  TYR A CD1 1 
ATOM   625 C  CD2 . TYR A 1 76 ? -4.254  -6.130  3.990   1.00 12.84 ? 75  TYR A CD2 1 
ATOM   626 C  CE1 . TYR A 1 76 ? -1.649  -5.664  4.824   1.00 10.27 ? 75  TYR A CE1 1 
ATOM   627 C  CE2 . TYR A 1 76 ? -3.578  -7.093  4.719   1.00 12.13 ? 75  TYR A CE2 1 
ATOM   628 C  CZ  . TYR A 1 76 ? -2.280  -6.851  5.133   1.00 13.01 ? 75  TYR A CZ  1 
ATOM   629 O  OH  . TYR A 1 76 ? -1.629  -7.809  5.855   1.00 14.96 ? 75  TYR A OH  1 
ATOM   630 N  N   . PHE A 1 77 ? -2.276  -5.155  0.265   1.00 19.73 ? 76  PHE A N   1 
ATOM   631 C  CA  . PHE A 1 77 ? -1.976  -6.248  -0.638  1.00 18.01 ? 76  PHE A CA  1 
ATOM   632 C  C   . PHE A 1 77 ? -0.604  -6.815  -0.312  1.00 21.92 ? 76  PHE A C   1 
ATOM   633 O  O   . PHE A 1 77 ? 0.233   -6.168  0.327   1.00 17.29 ? 76  PHE A O   1 
ATOM   634 C  CB  . PHE A 1 77 ? -2.042  -5.793  -2.105  1.00 16.75 ? 76  PHE A CB  1 
ATOM   635 C  CG  . PHE A 1 77 ? -1.092  -4.629  -2.453  1.00 19.00 ? 76  PHE A CG  1 
ATOM   636 C  CD1 . PHE A 1 77 ? -1.400  -3.321  -2.095  1.00 20.00 ? 76  PHE A CD1 1 
ATOM   637 C  CD2 . PHE A 1 77 ? 0.079   -4.854  -3.170  1.00 19.23 ? 76  PHE A CD2 1 
ATOM   638 C  CE1 . PHE A 1 77 ? -0.552  -2.261  -2.423  1.00 18.97 ? 76  PHE A CE1 1 
ATOM   639 C  CE2 . PHE A 1 77 ? 0.936   -3.806  -3.504  1.00 19.22 ? 76  PHE A CE2 1 
ATOM   640 C  CZ  . PHE A 1 77 ? 0.619   -2.509  -3.130  1.00 20.68 ? 76  PHE A CZ  1 
ATOM   641 N  N   . TYR A 1 78 ? -0.399  -8.051  -0.754  1.00 26.40 ? 77  TYR A N   1 
ATOM   642 C  CA  . TYR A 1 78 ? 0.879   -8.724  -0.651  1.00 24.83 ? 77  TYR A CA  1 
ATOM   643 C  C   . TYR A 1 78 ? 1.556   -8.694  -2.006  1.00 27.65 ? 77  TYR A C   1 
ATOM   644 O  O   . TYR A 1 78 ? 0.912   -8.941  -3.032  1.00 28.24 ? 77  TYR A O   1 
ATOM   645 C  CB  . TYR A 1 78 ? 0.705   -10.168 -0.190  1.00 25.37 ? 77  TYR A CB  1 
ATOM   646 C  CG  . TYR A 1 78 ? 0.787   -10.349 1.307   1.00 24.85 ? 77  TYR A CG  1 
ATOM   647 C  CD1 . TYR A 1 78 ? -0.342  -10.193 2.109   1.00 24.09 ? 77  TYR A CD1 1 
ATOM   648 C  CD2 . TYR A 1 78 ? 2.002   -10.679 1.920   1.00 24.69 ? 77  TYR A CD2 1 
ATOM   649 C  CE1 . TYR A 1 78 ? -0.267  -10.366 3.487   1.00 21.18 ? 77  TYR A CE1 1 
ATOM   650 C  CE2 . TYR A 1 78 ? 2.091   -10.851 3.301   1.00 22.65 ? 77  TYR A CE2 1 
ATOM   651 C  CZ  . TYR A 1 78 ? 0.951   -10.687 4.073   1.00 22.97 ? 77  TYR A CZ  1 
ATOM   652 O  OH  . TYR A 1 78 ? 1.033   -10.864 5.434   1.00 24.50 ? 77  TYR A OH  1 
ATOM   653 N  N   . LEU A 1 79 ? 2.838   -8.374  -2.005  1.00 27.04 ? 78  LEU A N   1 
ATOM   654 C  CA  . LEU A 1 79 ? 3.702   -8.526  -3.169  1.00 28.37 ? 78  LEU A CA  1 
ATOM   655 C  C   . LEU A 1 79 ? 4.722   -9.592  -2.773  1.00 28.74 ? 78  LEU A C   1 
ATOM   656 O  O   . LEU A 1 79 ? 5.676   -9.312  -2.048  1.00 30.28 ? 78  LEU A O   1 
ATOM   657 C  CB  . LEU A 1 79 ? 4.351   -7.199  -3.521  1.00 26.37 ? 78  LEU A CB  1 
ATOM   658 C  CG  . LEU A 1 79 ? 4.487   -6.813  -4.969  1.00 31.73 ? 78  LEU A CG  1 
ATOM   659 C  CD1 . LEU A 1 79 ? 3.220   -7.125  -5.740  1.00 34.62 ? 78  LEU A CD1 1 
ATOM   660 C  CD2 . LEU A 1 79 ? 4.817   -5.337  -5.034  1.00 31.24 ? 78  LEU A CD2 1 
ATOM   661 N  N   . GLY A 1 80 ? 4.489   -10.827 -3.187  1.00 28.89 ? 79  GLY A N   1 
ATOM   662 C  CA  . GLY A 1 80 ? 5.337   -11.897 -2.710  1.00 31.02 ? 79  GLY A CA  1 
ATOM   663 C  C   . GLY A 1 80 ? 5.130   -12.196 -1.240  1.00 31.85 ? 79  GLY A C   1 
ATOM   664 O  O   . GLY A 1 80 ? 4.022   -12.555 -0.831  1.00 35.55 ? 79  GLY A O   1 
ATOM   665 N  N   . GLN A 1 81 ? 6.188   -12.085 -0.440  1.00 33.34 ? 80  GLN A N   1 
ATOM   666 C  CA  . GLN A 1 81 ? 6.082   -12.270 1.005   1.00 37.34 ? 80  GLN A CA  1 
ATOM   667 C  C   . GLN A 1 81 ? 5.873   -10.963 1.758   1.00 36.31 ? 80  GLN A C   1 
ATOM   668 O  O   . GLN A 1 81 ? 5.618   -11.002 2.967   1.00 38.10 ? 80  GLN A O   1 
ATOM   669 C  CB  . GLN A 1 81 ? 7.339   -12.958 1.560   1.00 44.20 ? 80  GLN A CB  1 
ATOM   670 C  CG  . GLN A 1 81 ? 7.555   -14.394 1.095   1.00 50.77 ? 80  GLN A CG  1 
ATOM   671 C  CD  . GLN A 1 81 ? 6.421   -15.317 1.505   1.00 52.94 ? 80  GLN A CD  1 
ATOM   672 O  OE1 . GLN A 1 81 ? 5.607   -15.723 0.677   1.00 54.73 ? 80  GLN A OE1 1 
ATOM   673 N  NE2 . GLN A 1 81 ? 6.365   -15.652 2.790   1.00 52.97 ? 80  GLN A NE2 1 
ATOM   674 N  N   . VAL A 1 82 ? 5.982   -9.818  1.079   1.00 30.00 ? 81  VAL A N   1 
ATOM   675 C  CA  . VAL A 1 82 ? 5.917   -8.517  1.725   1.00 22.58 ? 81  VAL A CA  1 
ATOM   676 C  C   . VAL A 1 82 ? 4.485   -8.009  1.699   1.00 17.68 ? 81  VAL A C   1 
ATOM   677 O  O   . VAL A 1 82 ? 3.821   -8.061  0.662   1.00 15.48 ? 81  VAL A O   1 
ATOM   678 C  CB  . VAL A 1 82 ? 6.856   -7.526  1.033   1.00 26.34 ? 81  VAL A CB  1 
ATOM   679 C  CG1 . VAL A 1 82 ? 6.594   -6.166  1.542   1.00 29.67 ? 81  VAL A CG1 1 
ATOM   680 C  CG2 . VAL A 1 82 ? 8.288   -7.887  1.329   1.00 31.08 ? 81  VAL A CG2 1 
ATOM   681 N  N   . ALA A 1 83 ? 4.008   -7.509  2.837   1.00 9.54  ? 82  ALA A N   1 
ATOM   682 C  CA  . ALA A 1 83 ? 2.694   -6.896  2.916   1.00 12.10 ? 82  ALA A CA  1 
ATOM   683 C  C   . ALA A 1 83 ? 2.808   -5.375  2.841   1.00 13.67 ? 82  ALA A C   1 
ATOM   684 O  O   . ALA A 1 83 ? 3.731   -4.786  3.404   1.00 14.24 ? 82  ALA A O   1 
ATOM   685 C  CB  . ALA A 1 83 ? 1.968   -7.320  4.196   1.00 10.87 ? 82  ALA A CB  1 
ATOM   686 N  N   . ILE A 1 84 ? 1.863   -4.745  2.135   1.00 16.89 ? 83  ILE A N   1 
ATOM   687 C  CA  . ILE A 1 84 ? 1.897   -3.312  1.845   1.00 13.87 ? 83  ILE A CA  1 
ATOM   688 C  C   . ILE A 1 84 ? 0.514   -2.715  2.094   1.00 13.45 ? 83  ILE A C   1 
ATOM   689 O  O   . ILE A 1 84 ? -0.490  -3.200  1.557   1.00 14.42 ? 83  ILE A O   1 
ATOM   690 C  CB  . ILE A 1 84 ? 2.355   -3.041  0.395   1.00 14.35 ? 83  ILE A CB  1 
ATOM   691 C  CG1 . ILE A 1 84 ? 3.684   -3.773  0.123   1.00 10.27 ? 83  ILE A CG1 1 
ATOM   692 C  CG2 . ILE A 1 84 ? 2.400   -1.537  0.114   1.00 10.36 ? 83  ILE A CG2 1 
ATOM   693 C  CD1 . ILE A 1 84 ? 4.204   -3.639  -1.254  1.00 14.81 ? 83  ILE A CD1 1 
ATOM   694 N  N   . LEU A 1 85 ? 0.475   -1.670  2.923   1.00 12.77 ? 84  LEU A N   1 
ATOM   695 C  CA  . LEU A 1 85 ? -0.715  -0.898  3.267   1.00 9.48  ? 84  LEU A CA  1 
ATOM   696 C  C   . LEU A 1 85 ? -0.464  0.516   2.794   1.00 10.55 ? 84  LEU A C   1 
ATOM   697 O  O   . LEU A 1 85 ? 0.516   1.142   3.215   1.00 9.29  ? 84  LEU A O   1 
ATOM   698 C  CB  . LEU A 1 85 ? -0.978  -0.895  4.775   1.00 11.07 ? 84  LEU A CB  1 
ATOM   699 C  CG  . LEU A 1 85 ? -1.886  0.175   5.399   1.00 9.00  ? 84  LEU A CG  1 
ATOM   700 C  CD1 . LEU A 1 85 ? -3.283  0.129   4.796   1.00 9.88  ? 84  LEU A CD1 1 
ATOM   701 C  CD2 . LEU A 1 85 ? -1.972  0.043   6.920   1.00 8.38  ? 84  LEU A CD2 1 
ATOM   702 N  N   . LEU A 1 86 ? -1.342  1.007   1.931   1.00 10.73 ? 85  LEU A N   1 
ATOM   703 C  CA  . LEU A 1 86 ? -1.227  2.301   1.294   1.00 11.34 ? 85  LEU A CA  1 
ATOM   704 C  C   . LEU A 1 86 ? -2.579  2.979   1.404   1.00 14.70 ? 85  LEU A C   1 
ATOM   705 O  O   . LEU A 1 86 ? -3.608  2.369   1.087   1.00 13.83 ? 85  LEU A O   1 
ATOM   706 C  CB  . LEU A 1 86 ? -0.826  2.152   -0.166  1.00 12.08 ? 85  LEU A CB  1 
ATOM   707 C  CG  . LEU A 1 86 ? -0.775  3.458   -0.946  1.00 18.17 ? 85  LEU A CG  1 
ATOM   708 C  CD1 . LEU A 1 86 ? 0.278   4.418   -0.339  1.00 14.80 ? 85  LEU A CD1 1 
ATOM   709 C  CD2 . LEU A 1 86 ? -0.451  3.141   -2.399  1.00 21.35 ? 85  LEU A CD2 1 
ATOM   710 N  N   . PHE A 1 87 ? -2.591  4.223   1.866   1.00 12.24 ? 86  PHE A N   1 
ATOM   711 C  CA  . PHE A 1 87 ? -3.877  4.871   2.082   1.00 16.49 ? 86  PHE A CA  1 
ATOM   712 C  C   . PHE A 1 87 ? -3.675  6.359   2.238   1.00 17.80 ? 86  PHE A C   1 
ATOM   713 O  O   . PHE A 1 87 ? -2.569  6.843   2.517   1.00 15.85 ? 86  PHE A O   1 
ATOM   714 C  CB  . PHE A 1 87 ? -4.626  4.312   3.303   1.00 16.18 ? 86  PHE A CB  1 
ATOM   715 C  CG  . PHE A 1 87 ? -4.053  4.731   4.634   1.00 14.31 ? 86  PHE A CG  1 
ATOM   716 C  CD1 . PHE A 1 87 ? -2.989  4.038   5.189   1.00 10.66 ? 86  PHE A CD1 1 
ATOM   717 C  CD2 . PHE A 1 87 ? -4.620  5.782   5.352   1.00 12.26 ? 86  PHE A CD2 1 
ATOM   718 C  CE1 . PHE A 1 87 ? -2.479  4.393   6.413   1.00 10.06 ? 86  PHE A CE1 1 
ATOM   719 C  CE2 . PHE A 1 87 ? -4.112  6.152   6.589   1.00 16.08 ? 86  PHE A CE2 1 
ATOM   720 C  CZ  . PHE A 1 87 ? -3.034  5.452   7.119   1.00 10.56 ? 86  PHE A CZ  1 
ATOM   721 N  N   . LYS A 1 88 ? -4.777  7.075   2.069   1.00 23.34 ? 87  LYS A N   1 
ATOM   722 C  CA  . LYS A 1 88 ? -4.801  8.525   2.039   1.00 26.24 ? 87  LYS A CA  1 
ATOM   723 C  C   . LYS A 1 88 ? -5.676  8.994   3.187   1.00 28.21 ? 87  LYS A C   1 
ATOM   724 O  O   . LYS A 1 88 ? -6.839  8.588   3.283   1.00 27.04 ? 87  LYS A O   1 
ATOM   725 C  CB  . LYS A 1 88 ? -5.338  9.010   0.692   1.00 28.61 ? 87  LYS A CB  1 
ATOM   726 C  CG  . LYS A 1 88 ? -5.392  10.506  0.515   1.00 27.38 ? 87  LYS A CG  1 
ATOM   727 C  CD  . LYS A 1 88 ? -5.856  10.812  -0.880  1.00 28.21 ? 87  LYS A CD  1 
ATOM   728 C  CE  . LYS A 1 88 ? -5.647  12.268  -1.226  1.00 30.39 ? 87  LYS A CE  1 
ATOM   729 N  NZ  . LYS A 1 88 ? -6.258  13.122  -0.191  1.00 33.58 ? 87  LYS A NZ  1 
ATOM   730 N  N   . SER A 1 89 ? -5.106  9.814   4.069   1.00 30.00 ? 88  SER A N   1 
ATOM   731 C  CA  . SER A 1 89 ? -5.835  10.438  5.167   1.00 36.09 ? 88  SER A CA  1 
ATOM   732 C  C   . SER A 1 89 ? -5.323  11.861  5.304   1.00 41.03 ? 88  SER A C   1 
ATOM   733 O  O   . SER A 1 89 ? -4.215  12.077  5.812   1.00 39.51 ? 88  SER A O   1 
ATOM   734 C  CB  . SER A 1 89 ? -5.642  9.687   6.473   1.00 38.52 ? 88  SER A CB  1 
ATOM   735 O  OG  . SER A 1 89 ? -6.031  10.512  7.558   1.00 42.18 ? 88  SER A OG  1 
ATOM   736 N  N   . GLY A 1 90 ? -6.128  12.822  4.863   1.00 45.47 ? 89  GLY A N   1 
ATOM   737 C  CA  . GLY A 1 90 ? -5.657  14.185  4.730   1.00 48.43 ? 89  GLY A CA  1 
ATOM   738 C  C   . GLY A 1 90 ? -5.062  14.440  3.352   1.00 46.39 ? 89  GLY A C   1 
ATOM   739 O  O   . GLY A 1 90 ? -5.361  13.735  2.384   1.00 37.90 ? 89  GLY A O   1 
ATOM   740 O  OXT . GLY A 1 90 ? -4.267  15.364  3.170   1.00 53.43 ? 89  GLY A OXT 1 
ATOM   741 N  N   . PRO B 2 3  ? -14.653 12.560  2.839   1.00 40.31 ? 606 PRO B N   1 
ATOM   742 C  CA  . PRO B 2 3  ? -15.416 11.498  3.514   1.00 40.70 ? 606 PRO B CA  1 
ATOM   743 C  C   . PRO B 2 3  ? -14.533 10.310  3.865   1.00 38.69 ? 606 PRO B C   1 
ATOM   744 O  O   . PRO B 2 3  ? -13.950 9.717   2.963   1.00 39.34 ? 606 PRO B O   1 
ATOM   745 C  CB  . PRO B 2 3  ? -16.483 11.107  2.477   1.00 38.77 ? 606 PRO B CB  1 
ATOM   746 C  CG  . PRO B 2 3  ? -15.859 11.430  1.163   1.00 38.75 ? 606 PRO B CG  1 
ATOM   747 C  CD  . PRO B 2 3  ? -14.978 12.649  1.403   1.00 42.63 ? 606 PRO B CD  1 
ATOM   748 N  N   . THR B 2 4  ? -14.460 9.954   5.143   1.00 38.21 ? 607 THR B N   1 
ATOM   749 C  CA  . THR B 2 4  ? -13.491 8.993   5.649   1.00 37.57 ? 607 THR B CA  1 
ATOM   750 C  C   . THR B 2 4  ? -14.168 7.700   6.095   1.00 37.15 ? 607 THR B C   1 
ATOM   751 O  O   . THR B 2 4  ? -15.391 7.597   6.183   1.00 37.93 ? 607 THR B O   1 
ATOM   752 C  CB  . THR B 2 4  ? -12.688 9.595   6.812   1.00 39.57 ? 607 THR B CB  1 
ATOM   753 O  OG1 . THR B 2 4  ? -13.535 9.786   7.959   1.00 42.99 ? 607 THR B OG1 1 
ATOM   754 C  CG2 . THR B 2 4  ? -12.070 10.935  6.407   1.00 39.21 ? 607 THR B CG2 1 
ATOM   755 N  N   . LYS B 2 5  ? -13.335 6.708   6.394   1.00 36.38 ? 608 LYS B N   1 
ATOM   756 C  CA  . LYS B 2 5  ? -13.782 5.384   6.803   1.00 34.96 ? 608 LYS B CA  1 
ATOM   757 C  C   . LYS B 2 5  ? -12.613 4.681   7.489   1.00 29.87 ? 608 LYS B C   1 
ATOM   758 O  O   . LYS B 2 5  ? -11.450 4.932   7.163   1.00 27.08 ? 608 LYS B O   1 
ATOM   759 C  CB  . LYS B 2 5  ? -14.293 4.588   5.596   1.00 39.36 ? 608 LYS B CB  1 
ATOM   760 C  CG  . LYS B 2 5  ? -14.479 3.112   5.841   1.00 46.17 ? 608 LYS B CG  1 
ATOM   761 C  CD  . LYS B 2 5  ? -14.908 2.380   4.578   1.00 53.36 ? 608 LYS B CD  1 
ATOM   762 C  CE  . LYS B 2 5  ? -14.565 0.891   4.663   1.00 53.90 ? 608 LYS B CE  1 
ATOM   763 N  NZ  . LYS B 2 5  ? -13.114 0.640   4.410   1.00 52.00 ? 608 LYS B NZ  1 
ATOM   764 N  N   . ASP B 2 6  ? -12.935 3.811   8.450   1.00 31.52 ? 609 ASP B N   1 
ATOM   765 C  CA  . ASP B 2 6  ? -11.956 3.103   9.264   1.00 20.07 ? 609 ASP B CA  1 
ATOM   766 C  C   . ASP B 2 6  ? -11.753 1.675   8.765   1.00 25.62 ? 609 ASP B C   1 
ATOM   767 O  O   . ASP B 2 6  ? -12.715 0.987   8.402   1.00 25.68 ? 609 ASP B O   1 
ATOM   768 C  CB  . ASP B 2 6  ? -12.402 3.079   10.722  1.00 24.28 ? 609 ASP B CB  1 
ATOM   769 C  CG  . ASP B 2 6  ? -12.497 4.465   11.328  1.00 32.18 ? 609 ASP B CG  1 
ATOM   770 O  OD1 . ASP B 2 6  ? -12.764 4.555   12.549  1.00 35.49 ? 609 ASP B OD1 1 
ATOM   771 O  OD2 . ASP B 2 6  ? -12.298 5.464   10.593  1.00 33.04 ? 609 ASP B OD2 1 
ATOM   772 N  N   . SER B 2 7  ? -10.491 1.223   8.755   1.00 20.66 ? 610 SER B N   1 
ATOM   773 C  CA  . SER B 2 7  ? -10.169 -0.098  8.232   1.00 19.43 ? 610 SER B CA  1 
ATOM   774 C  C   . SER B 2 7  ? -9.088  -0.756  9.076   1.00 18.35 ? 610 SER B C   1 
ATOM   775 O  O   . SER B 2 7  ? -8.210  -0.078  9.627   1.00 15.06 ? 610 SER B O   1 
ATOM   776 C  CB  . SER B 2 7  ? -9.704  -0.027  6.767   1.00 17.44 ? 610 SER B CB  1 
ATOM   777 O  OG  . SER B 2 7  ? -10.744 0.459   5.914   1.00 17.83 ? 610 SER B OG  1 
ATOM   778 N  N   . TYR B 2 8  ? -9.184  -2.090  9.173   1.00 21.93 ? 611 TYR B N   1 
ATOM   779 C  CA  . TYR B 2 8  ? -8.206  -2.987  9.771   1.00 14.25 ? 611 TYR B CA  1 
ATOM   780 C  C   . TYR B 2 8  ? -7.326  -3.568  8.675   1.00 16.94 ? 611 TYR B C   1 
ATOM   781 O  O   . TYR B 2 8  ? -7.763  -3.705  7.531   1.00 18.69 ? 611 TYR B O   1 
ATOM   782 C  CB  . TYR B 2 8  ? -8.881  -4.164  10.475  1.00 21.54 ? 611 TYR B CB  1 
ATOM   783 C  CG  . TYR B 2 8  ? -9.600  -3.904  11.774  1.00 26.49 ? 611 TYR B CG  1 
ATOM   784 C  CD1 . TYR B 2 8  ? -10.945 -3.542  11.798  1.00 26.48 ? 611 TYR B CD1 1 
ATOM   785 C  CD2 . TYR B 2 8  ? -8.949  -4.093  12.988  1.00 29.62 ? 611 TYR B CD2 1 
ATOM   786 C  CE1 . TYR B 2 8  ? -11.604 -3.342  13.008  1.00 25.02 ? 611 TYR B CE1 1 
ATOM   787 C  CE2 . TYR B 2 8  ? -9.591  -3.901  14.186  1.00 23.89 ? 611 TYR B CE2 1 
ATOM   788 C  CZ  . TYR B 2 8  ? -10.913 -3.525  14.196  1.00 24.42 ? 611 TYR B CZ  1 
ATOM   789 O  OH  . TYR B 2 8  ? -11.530 -3.330  15.405  1.00 26.42 ? 611 TYR B OH  1 
ATOM   790 N  N   . THR B 2 9  ? -6.093  -3.938  9.036   1.00 12.11 ? 612 THR B N   1 
ATOM   791 C  CA  . THR B 2 9  ? -5.305  -4.906  8.282   1.00 11.78 ? 612 THR B CA  1 
ATOM   792 C  C   . THR B 2 9  ? -4.579  -5.823  9.262   1.00 21.52 ? 612 THR B C   1 
ATOM   793 O  O   . THR B 2 9  ? -4.258  -5.420  10.388  1.00 11.23 ? 612 THR B O   1 
ATOM   794 C  CB  . THR B 2 9  ? -4.230  -4.288  7.354   1.00 10.33 ? 612 THR B CB  1 
ATOM   795 O  OG1 . THR B 2 9  ? -3.122  -3.862  8.149   1.00 9.09  ? 612 THR B OG1 1 
ATOM   796 C  CG2 . THR B 2 9  ? -4.770  -3.112  6.583   1.00 10.38 ? 612 THR B CG2 1 
ATOM   797 N  N   . LEU B 2 10 ? -4.300  -7.054  8.809   1.00 12.42 ? 613 LEU B N   1 
ATOM   798 C  CA  . LEU B 2 10 ? -3.479  -7.998  9.555   1.00 17.37 ? 613 LEU B CA  1 
ATOM   799 C  C   . LEU B 2 10 ? -2.652  -8.834  8.582   1.00 17.66 ? 613 LEU B C   1 
ATOM   800 O  O   . LEU B 2 10 ? -3.134  -9.198  7.512   1.00 22.23 ? 613 LEU B O   1 
ATOM   801 C  CB  . LEU B 2 10 ? -4.349  -8.896  10.425  1.00 14.50 ? 613 LEU B CB  1 
ATOM   802 C  CG  . LEU B 2 10 ? -3.613  -9.775  11.419  1.00 30.94 ? 613 LEU B CG  1 
ATOM   803 C  CD1 . LEU B 2 10 ? -2.765  -8.939  12.414  1.00 13.74 ? 613 LEU B CD1 1 
ATOM   804 C  CD2 . LEU B 2 10 ? -4.632  -10.665 12.149  1.00 17.30 ? 613 LEU B CD2 1 
ATOM   805 N  N   . THR B 2 11 ? -1.405  -9.128  8.941   1.00 19.03 ? 614 THR B N   1 
ATOM   806 C  CA  . THR B 2 11 ? -0.577  -10.004 8.116   1.00 18.91 ? 614 THR B CA  1 
ATOM   807 C  C   . THR B 2 11 ? -0.892  -11.461 8.390   1.00 24.49 ? 614 THR B C   1 
ATOM   808 O  O   . THR B 2 11 ? -1.412  -11.831 9.447   1.00 26.25 ? 614 THR B O   1 
ATOM   809 C  CB  . THR B 2 11 ? 0.919   -9.807  8.370   1.00 17.35 ? 614 THR B CB  1 
ATOM   810 O  OG1 . THR B 2 11 ? 1.165   -9.793  9.783   1.00 20.69 ? 614 THR B OG1 1 
ATOM   811 C  CG2 . THR B 2 11 ? 1.427   -8.517  7.714   1.00 15.51 ? 614 THR B CG2 1 
ATOM   812 N  N   . GLU B 2 12 ? -0.537  -12.295 7.419   1.00 27.33 ? 615 GLU B N   1 
ATOM   813 C  CA  . GLU B 2 12 ? -0.662  -13.733 7.567   1.00 30.95 ? 615 GLU B CA  1 
ATOM   814 C  C   . GLU B 2 12 ? 0.275   -14.222 8.660   1.00 33.40 ? 615 GLU B C   1 
ATOM   815 O  O   . GLU B 2 12 ? 1.353   -13.663 8.887   1.00 34.09 ? 615 GLU B O   1 
ATOM   816 C  CB  . GLU B 2 12 ? -0.340  -14.423 6.242   1.00 34.73 ? 615 GLU B CB  1 
ATOM   817 C  CG  . GLU B 2 12 ? -1.198  -13.930 5.074   1.00 37.14 ? 615 GLU B CG  1 
ATOM   818 C  CD  . GLU B 2 12 ? -2.660  -14.316 5.230   1.00 38.29 ? 615 GLU B CD  1 
ATOM   819 O  OE1 . GLU B 2 12 ? -3.546  -13.491 4.894   1.00 33.03 ? 615 GLU B OE1 1 
ATOM   820 O  OE2 . GLU B 2 12 ? -2.908  -15.451 5.704   1.00 41.60 ? 615 GLU B OE2 1 
ATOM   821 N  N   . GLU B 2 13 ? -0.151  -15.266 9.353   1.00 39.31 ? 616 GLU B N   1 
ATOM   822 C  CA  . GLU B 2 13 ? 0.628   -15.767 10.473  1.00 42.52 ? 616 GLU B CA  1 
ATOM   823 C  C   . GLU B 2 13 ? 1.915   -16.415 9.981   1.00 45.25 ? 616 GLU B C   1 
ATOM   824 O  O   . GLU B 2 13 ? 1.934   -17.107 8.956   1.00 47.65 ? 616 GLU B O   1 
ATOM   825 C  CB  . GLU B 2 13 ? -0.200  -16.761 11.283  1.00 45.89 ? 616 GLU B CB  1 
ATOM   826 C  CG  . GLU B 2 13 ? 0.426   -17.149 12.599  1.00 50.37 ? 616 GLU B CG  1 
ATOM   827 C  CD  . GLU B 2 13 ? -0.307  -18.294 13.250  1.00 56.17 ? 616 GLU B CD  1 
ATOM   828 O  OE1 . GLU B 2 13 ? 0.193   -18.833 14.267  1.00 59.72 ? 616 GLU B OE1 1 
ATOM   829 O  OE2 . GLU B 2 13 ? -1.385  -18.657 12.734  1.00 57.47 ? 616 GLU B OE2 1 
ATOM   830 N  N   . LEU B 2 14 ? 2.998   -16.173 10.709  1.00 45.88 ? 617 LEU B N   1 
ATOM   831 C  CA  . LEU B 2 14 ? 4.289   -16.750 10.367  1.00 47.39 ? 617 LEU B CA  1 
ATOM   832 C  C   . LEU B 2 14 ? 4.964   -17.308 11.616  1.00 48.31 ? 617 LEU B C   1 
ATOM   833 O  O   . LEU B 2 14 ? 5.446   -18.439 11.616  1.00 51.34 ? 617 LEU B O   1 
ATOM   834 C  CB  . LEU B 2 14 ? 5.190   -15.710 9.691   1.00 45.46 ? 617 LEU B CB  1 
ATOM   835 C  CG  . LEU B 2 14 ? 4.848   -15.167 8.298   1.00 42.96 ? 617 LEU B CG  1 
ATOM   836 C  CD1 . LEU B 2 14 ? 6.000   -14.288 7.785   1.00 37.87 ? 617 LEU B CD1 1 
ATOM   837 C  CD2 . LEU B 2 14 ? 4.516   -16.291 7.299   1.00 45.97 ? 617 LEU B CD2 1 
HETATM 838 CL CL  . CL  C 3 .  ? -6.564  -7.761  6.696   1.00 57.73 ? 101 CL  A CL  1 
HETATM 839 O  O   . HOH D 4 .  ? 5.494   -14.194 -5.546  1.00 23.98 ? 201 HOH A O   1 
HETATM 840 O  O   . HOH D 4 .  ? -11.901 -2.180  2.582   1.00 49.19 ? 202 HOH A O   1 
HETATM 841 O  O   . HOH D 4 .  ? 8.381   9.816   -6.121  1.00 39.19 ? 203 HOH A O   1 
HETATM 842 O  O   . HOH D 4 .  ? 10.195  3.365   -11.051 1.00 45.07 ? 204 HOH A O   1 
HETATM 843 O  O   . HOH D 4 .  ? -9.097  -10.800 1.924   1.00 44.65 ? 205 HOH A O   1 
HETATM 844 O  O   . HOH D 4 .  ? 3.301   -11.728 6.214   1.00 24.25 ? 206 HOH A O   1 
HETATM 845 O  O   . HOH D 4 .  ? -9.803  4.716   -6.355  1.00 31.85 ? 207 HOH A O   1 
HETATM 846 O  O   . HOH D 4 .  ? 16.357  0.103   0.918   1.00 13.74 ? 208 HOH A O   1 
HETATM 847 O  O   . HOH D 4 .  ? -1.255  -5.884  8.248   1.00 4.98  ? 209 HOH A O   1 
HETATM 848 O  O   . HOH D 4 .  ? 12.404  6.497   -4.783  1.00 21.17 ? 210 HOH A O   1 
HETATM 849 O  O   . HOH D 4 .  ? 5.973   -10.310 -10.328 1.00 43.22 ? 211 HOH A O   1 
HETATM 850 O  O   . HOH D 4 .  ? 18.058  7.217   -5.872  1.00 38.44 ? 212 HOH A O   1 
HETATM 851 O  O   . HOH D 4 .  ? 13.607  -5.680  -2.751  1.00 27.01 ? 213 HOH A O   1 
HETATM 852 O  O   . HOH D 4 .  ? -11.177 -5.660  -1.581  1.00 30.97 ? 214 HOH A O   1 
HETATM 853 O  O   . HOH D 4 .  ? -11.676 -2.016  4.943   1.00 60.63 ? 215 HOH A O   1 
HETATM 854 O  O   . HOH D 4 .  ? 1.638   -12.731 -2.409  1.00 34.01 ? 216 HOH A O   1 
HETATM 855 O  O   . HOH D 4 .  ? 18.755  5.284   6.577   1.00 49.59 ? 217 HOH A O   1 
HETATM 856 O  O   . HOH D 4 .  ? 18.019  3.401   4.437   1.00 25.63 ? 218 HOH A O   1 
HETATM 857 O  O   . HOH D 4 .  ? 9.384   7.519   -5.110  1.00 26.69 ? 219 HOH A O   1 
HETATM 858 O  O   . HOH D 4 .  ? 5.755   13.159  -0.319  1.00 27.68 ? 220 HOH A O   1 
HETATM 859 O  O   . HOH D 4 .  ? 3.281   -8.423  -9.483  1.00 27.47 ? 221 HOH A O   1 
HETATM 860 O  O   . HOH D 4 .  ? 8.812   13.448  -3.472  1.00 19.95 ? 222 HOH A O   1 
HETATM 861 O  O   . HOH D 4 .  ? 6.120   13.498  -3.185  1.00 28.84 ? 223 HOH A O   1 
HETATM 862 O  O   . HOH D 4 .  ? 14.628  6.488   -9.527  1.00 26.14 ? 224 HOH A O   1 
HETATM 863 O  O   . HOH D 4 .  ? 13.611  11.409  2.572   1.00 33.06 ? 225 HOH A O   1 
HETATM 864 O  O   . HOH D 4 .  ? -0.810  -13.847 0.598   1.00 27.89 ? 226 HOH A O   1 
HETATM 865 O  O   . HOH D 4 .  ? 11.828  -6.724  0.911   1.00 35.11 ? 227 HOH A O   1 
HETATM 866 O  O   . HOH D 4 .  ? 12.286  5.267   -9.434  1.00 36.52 ? 228 HOH A O   1 
HETATM 867 O  O   . HOH D 4 .  ? 11.639  8.616   -4.232  1.00 26.66 ? 229 HOH A O   1 
HETATM 868 O  O   . HOH D 4 .  ? 12.173  11.442  -4.346  1.00 28.61 ? 230 HOH A O   1 
HETATM 869 O  O   . HOH D 4 .  ? 1.473   -14.857 2.067   1.00 36.52 ? 231 HOH A O   1 
HETATM 870 O  O   . HOH D 4 .  ? 8.424   -14.104 -4.023  1.00 34.24 ? 232 HOH A O   1 
HETATM 871 O  O   . HOH E 4 .  ? -10.935 -4.594  17.231  1.00 23.64 ? 701 HOH B O   1 
HETATM 872 O  O   . HOH E 4 .  ? -13.128 4.045   14.827  1.00 24.88 ? 702 HOH B O   1 
HETATM 873 O  O   . HOH E 4 .  ? -3.253  -11.080 5.282   1.00 21.34 ? 703 HOH B O   1 
HETATM 874 O  O   . HOH E 4 .  ? -13.828 7.255   9.325   1.00 32.12 ? 704 HOH B O   1 
HETATM 875 O  O   . HOH E 4 .  ? -16.874 10.790  6.532   1.00 37.29 ? 705 HOH B O   1 
HETATM 876 O  O   . HOH E 4 .  ? -11.555 -3.321  7.889   1.00 24.28 ? 706 HOH B O   1 
HETATM 877 O  O   . HOH E 4 .  ? -5.556  -10.925 5.642   1.00 32.09 ? 707 HOH B O   1 
# 
loop_
_atom_site_anisotrop.id 
_atom_site_anisotrop.type_symbol 
_atom_site_anisotrop.pdbx_label_atom_id 
_atom_site_anisotrop.pdbx_label_alt_id 
_atom_site_anisotrop.pdbx_label_comp_id 
_atom_site_anisotrop.pdbx_label_asym_id 
_atom_site_anisotrop.pdbx_label_seq_id 
_atom_site_anisotrop.pdbx_PDB_ins_code 
_atom_site_anisotrop.U[1][1] 
_atom_site_anisotrop.U[2][2] 
_atom_site_anisotrop.U[3][3] 
_atom_site_anisotrop.U[1][2] 
_atom_site_anisotrop.U[1][3] 
_atom_site_anisotrop.U[2][3] 
_atom_site_anisotrop.pdbx_auth_seq_id 
_atom_site_anisotrop.pdbx_auth_comp_id 
_atom_site_anisotrop.pdbx_auth_asym_id 
_atom_site_anisotrop.pdbx_auth_atom_id 
9   N N   . ARG A 5  ? 0.5980 0.9138 0.6063 -0.0569 -0.0004 -0.1339 4   ARG A N   
10  C CA  . ARG A 5  ? 0.4916 0.7927 0.5019 -0.0571 -0.0017 -0.1284 4   ARG A CA  
11  C C   . ARG A 5  ? 0.4403 0.7564 0.4503 -0.0595 -0.0050 -0.1264 4   ARG A C   
12  O O   . ARG A 5  ? 0.4571 0.7959 0.4617 -0.0591 -0.0057 -0.1192 4   ARG A O   
13  C CB  . ARG A 5  ? 0.4825 0.7799 0.4882 -0.0540 0.0000  -0.1168 4   ARG A CB  
14  C CG  . ARG A 5  ? 0.5090 0.8242 0.5085 -0.0517 0.0015  -0.1113 4   ARG A CG  
15  C CD  . ARG A 5  ? 0.5146 0.8218 0.5107 -0.0480 0.0034  -0.1007 4   ARG A CD  
16  N NE  . ARG A 5  ? 0.5179 0.7997 0.5169 -0.0468 0.0058  -0.1052 4   ARG A NE  
17  C CZ  . ARG A 5  ? 0.4992 0.7769 0.4960 -0.0444 0.0078  -0.1046 4   ARG A CZ  
18  N NH1 . ARG A 5  ? 0.4852 0.7386 0.4853 -0.0432 0.0098  -0.1082 4   ARG A NH1 
19  N NH2 . ARG A 5  ? 0.4786 0.7761 0.4704 -0.0432 0.0076  -0.0995 4   ARG A NH2 
20  N N   . LYS A 6  ? 0.3617 0.6652 0.3780 -0.0619 -0.0070 -0.1317 5   LYS A N   
21  C CA  . LYS A 6  ? 0.3390 0.6552 0.3563 -0.0646 -0.0104 -0.1306 5   LYS A CA  
22  C C   . LYS A 6  ? 0.3211 0.6376 0.3370 -0.0637 -0.0116 -0.1183 5   LYS A C   
23  O O   . LYS A 6  ? 0.3440 0.6407 0.3631 -0.0630 -0.0109 -0.1150 5   LYS A O   
24  C CB  . LYS A 6  ? 0.3271 0.6296 0.3526 -0.0674 -0.0125 -0.1402 5   LYS A CB  
25  C CG  . LYS A 6  ? 0.3176 0.6299 0.3453 -0.0703 -0.0163 -0.1383 5   LYS A CG  
26  C CD  . LYS A 6  ? 0.3162 0.6225 0.3516 -0.0735 -0.0186 -0.1494 5   LYS A CD  
27  C CE  . LYS A 6  ? 0.3213 0.5988 0.3645 -0.0740 -0.0188 -0.1513 5   LYS A CE  
28  N NZ  . LYS A 6  ? 0.3277 0.6011 0.3791 -0.0774 -0.0222 -0.1578 5   LYS A NZ  
29  N N   . ALA A 7  ? 0.2831 0.6225 0.2952 -0.0637 -0.0135 -0.1109 6   ALA A N   
30  C CA  . ALA A 7  ? 0.2802 0.6232 0.2922 -0.0626 -0.0149 -0.0981 6   ALA A CA  
31  C C   . ALA A 7  ? 0.2878 0.6278 0.3062 -0.0657 -0.0183 -0.0997 6   ALA A C   
32  O O   . ALA A 7  ? 0.3263 0.6801 0.3450 -0.0680 -0.0206 -0.1044 6   ALA A O   
33  C CB  . ALA A 7  ? 0.1845 0.5533 0.1899 -0.0604 -0.0152 -0.0872 6   ALA A CB  
34  N N   . VAL A 8  ? 0.2744 0.5977 0.2985 -0.0657 -0.0187 -0.0953 7   VAL A N   
35  C CA  . VAL A 8  ? 0.2360 0.5554 0.2673 -0.0685 -0.0217 -0.0950 7   VAL A CA  
36  C C   . VAL A 8  ? 0.2218 0.5431 0.2556 -0.0664 -0.0219 -0.0811 7   VAL A C   
37  O O   . VAL A 8  ? 0.2209 0.5274 0.2567 -0.0645 -0.0197 -0.0766 7   VAL A O   
38  C CB  . VAL A 8  ? 0.2320 0.5267 0.2706 -0.0711 -0.0216 -0.1036 7   VAL A CB  
39  C CG1 . VAL A 8  ? 0.1791 0.4704 0.2255 -0.0740 -0.0246 -0.1020 7   VAL A CG1 
40  C CG2 . VAL A 8  ? 0.1882 0.4799 0.2262 -0.0724 -0.0212 -0.1165 7   VAL A CG2 
41  N N   . ILE A 9  ? 0.2131 0.5518 0.2475 -0.0663 -0.0245 -0.0742 8   ILE A N   
42  C CA  . ILE A 9  ? 0.2260 0.5674 0.2646 -0.0636 -0.0247 -0.0604 8   ILE A CA  
43  C C   . ILE A 9  ? 0.2324 0.5606 0.2806 -0.0664 -0.0260 -0.0614 8   ILE A C   
44  O O   . ILE A 9  ? 0.2788 0.6118 0.3300 -0.0697 -0.0289 -0.0665 8   ILE A O   
45  C CB  . ILE A 9  ? 0.1674 0.5335 0.2026 -0.0615 -0.0267 -0.0509 8   ILE A CB  
46  C CG1 . ILE A 9  ? 0.2167 0.5951 0.2424 -0.0587 -0.0248 -0.0482 8   ILE A CG1 
47  C CG2 . ILE A 9  ? 0.1597 0.5265 0.2014 -0.0582 -0.0268 -0.0367 8   ILE A CG2 
48  C CD1 . ILE A 9  ? 0.2038 0.6062 0.2259 -0.0563 -0.0261 -0.0369 8   ILE A CD1 
49  N N   . LYS A 10 ? 0.2372 0.5489 0.2907 -0.0650 -0.0237 -0.0565 9   LYS A N   
50  C CA  . LYS A 10 ? 0.2669 0.5640 0.3296 -0.0677 -0.0239 -0.0573 9   LYS A CA  
51  C C   . LYS A 10 ? 0.2210 0.5260 0.2902 -0.0658 -0.0245 -0.0460 9   LYS A C   
52  O O   . LYS A 10 ? 0.2475 0.5507 0.3231 -0.0688 -0.0264 -0.0475 9   LYS A O   
53  C CB  . LYS A 10 ? 0.3458 0.6197 0.4111 -0.0674 -0.0204 -0.0583 9   LYS A CB  
54  C CG  . LYS A 10 ? 0.4102 0.6713 0.4714 -0.0692 -0.0196 -0.0699 9   LYS A CG  
55  C CD  . LYS A 10 ? 0.4928 0.7446 0.5583 -0.0738 -0.0220 -0.0794 9   LYS A CD  
56  C CE  . LYS A 10 ? 0.5416 0.7751 0.6057 -0.0746 -0.0206 -0.0886 9   LYS A CE  
57  N NZ  . LYS A 10 ? 0.5499 0.7723 0.6198 -0.0783 -0.0231 -0.0961 9   LYS A NZ  
58  N N   A ASN A 11 ? 0.1927 0.5063 0.2610 -0.0607 -0.0230 -0.0345 10  ASN A N   
59  N N   B ASN A 11 ? 0.1980 0.5105 0.2664 -0.0607 -0.0228 -0.0346 10  ASN A N   
60  C CA  A ASN A 11 ? 0.1349 0.4558 0.2100 -0.0579 -0.0234 -0.0233 10  ASN A CA  
61  C CA  B ASN A 11 ? 0.1931 0.5132 0.2679 -0.0576 -0.0230 -0.0229 10  ASN A CA  
62  C C   A ASN A 11 ? 0.1961 0.5303 0.2676 -0.0521 -0.0226 -0.0117 10  ASN A C   
63  C C   B ASN A 11 ? 0.1933 0.5296 0.2630 -0.0524 -0.0230 -0.0130 10  ASN A C   
64  O O   A ASN A 11 ? 0.1778 0.5062 0.2464 -0.0487 -0.0196 -0.0083 10  ASN A O   
65  O O   B ASN A 11 ? 0.1771 0.5122 0.2410 -0.0500 -0.0209 -0.0120 10  ASN A O   
66  C CB  A ASN A 11 ? 0.1261 0.4290 0.2102 -0.0573 -0.0202 -0.0196 10  ASN A CB  
67  C CB  B ASN A 11 ? 0.1241 0.4269 0.2070 -0.0555 -0.0192 -0.0172 10  ASN A CB  
68  C CG  A ASN A 11 ? 0.1633 0.4723 0.2552 -0.0543 -0.0202 -0.0091 10  ASN A CG  
69  C CG  B ASN A 11 ? 0.1471 0.4312 0.2338 -0.0603 -0.0185 -0.0259 10  ASN A CG  
70  O OD1 A ASN A 11 ? 0.1691 0.4952 0.2607 -0.0536 -0.0233 -0.0056 10  ASN A OD1 
71  O OD1 B ASN A 11 ? 0.1619 0.4467 0.2518 -0.0647 -0.0212 -0.0314 10  ASN A OD1 
72  N ND2 A ASN A 11 ? 0.1599 0.4546 0.2588 -0.0522 -0.0164 -0.0045 10  ASN A ND2 
73  N ND2 B ASN A 11 ? 0.1319 0.3987 0.2186 -0.0594 -0.0146 -0.0264 10  ASN A ND2 
74  N N   . ALA A 12 ? 0.2322 0.5839 0.3045 -0.0509 -0.0254 -0.0054 11  ALA A N   
75  C CA  . ALA A 12 ? 0.2552 0.6211 0.3239 -0.0457 -0.0253 0.0062  11  ALA A CA  
76  C C   . ALA A 12 ? 0.3092 0.6837 0.3854 -0.0431 -0.0268 0.0166  11  ALA A C   
77  O O   . ALA A 12 ? 0.4292 0.8108 0.5083 -0.0465 -0.0299 0.0129  11  ALA A O   
78  C CB  . ALA A 12 ? 0.2744 0.6576 0.3323 -0.0475 -0.0277 0.0016  11  ALA A CB  
79  N N   . ASP A 13 ? 0.2108 0.5832 0.2908 -0.0369 -0.0244 0.0293  12  ASP A N   
80  C CA  . ASP A 13 ? 0.2180 0.5997 0.3045 -0.0332 -0.0255 0.0411  12  ASP A CA  
81  C C   . ASP A 13 ? 0.2366 0.6280 0.3176 -0.0286 -0.0249 0.0514  12  ASP A C   
82  O O   . ASP A 13 ? 0.2638 0.6447 0.3478 -0.0234 -0.0215 0.0594  12  ASP A O   
83  C CB  . ASP A 13 ? 0.2386 0.6049 0.3371 -0.0298 -0.0225 0.0461  12  ASP A CB  
84  C CG  . ASP A 13 ? 0.3051 0.6791 0.4105 -0.0245 -0.0230 0.0593  12  ASP A CG  
85  O OD1 . ASP A 13 ? 0.3643 0.7564 0.4686 -0.0257 -0.0269 0.0621  12  ASP A OD1 
86  O OD2 . ASP A 13 ? 0.2948 0.6567 0.4071 -0.0193 -0.0194 0.0665  12  ASP A OD2 
87  N N   . MET A 14 ? 0.2273 0.6381 0.3001 -0.0307 -0.0281 0.0507  13  MET A N   
88  C CA  . MET A 14 ? 0.1576 0.5788 0.2224 -0.0282 -0.0273 0.0577  13  MET A CA  
89  C C   . MET A 14 ? 0.1694 0.6132 0.2265 -0.0320 -0.0308 0.0545  13  MET A C   
90  O O   . MET A 14 ? 0.1729 0.6191 0.2269 -0.0374 -0.0329 0.0415  13  MET A O   
91  C CB  . MET A 14 ? 0.2139 0.6234 0.2722 -0.0284 -0.0242 0.0511  13  MET A CB  
92  C CG  . MET A 14 ? 0.1902 0.6105 0.2391 -0.0265 -0.0231 0.0562  13  MET A CG  
93  S SD  . MET A 14 ? 0.1555 0.5610 0.1987 -0.0256 -0.0191 0.0501  13  MET A SD  
94  C CE  . MET A 14 ? 0.1365 0.5182 0.1913 -0.0196 -0.0152 0.0593  13  MET A CE  
95  N N   . SER A 15 ? 0.2080 0.6676 0.2625 -0.0294 -0.0313 0.0662  14  SER A N   
96  C CA  . SER A 15 ? 0.2653 0.7477 0.3124 -0.0330 -0.0340 0.0637  14  SER A CA  
97  C C   . SER A 15 ? 0.3178 0.8027 0.3541 -0.0374 -0.0334 0.0494  14  SER A C   
98  O O   . SER A 15 ? 0.3260 0.7976 0.3595 -0.0366 -0.0305 0.0452  14  SER A O   
99  C CB  . SER A 15 ? 0.2816 0.7796 0.3283 -0.0295 -0.0336 0.0796  14  SER A CB  
100 O OG  . SER A 15 ? 0.3405 0.8386 0.3806 -0.0277 -0.0304 0.0826  14  SER A OG  
101 N N   . GLU A 16 ? 0.3440 0.8452 0.3751 -0.0420 -0.0359 0.0412  15  GLU A N   
102 C CA  . GLU A 16 ? 0.3892 0.8914 0.4120 -0.0463 -0.0352 0.0255  15  GLU A CA  
103 C C   . GLU A 16 ? 0.3664 0.8758 0.3816 -0.0446 -0.0321 0.0291  15  GLU A C   
104 O O   . GLU A 16 ? 0.3320 0.8341 0.3421 -0.0464 -0.0299 0.0181  15  GLU A O   
105 C CB  . GLU A 16 ? 0.4726 0.9911 0.4928 -0.0514 -0.0384 0.0161  15  GLU A CB  
106 C CG  . GLU A 16 ? 0.5396 1.0636 0.5517 -0.0556 -0.0375 0.0009  15  GLU A CG  
107 C CD  . GLU A 16 ? 0.6092 1.1125 0.6227 -0.0585 -0.0369 -0.0151 15  GLU A CD  
108 O OE1 . GLU A 16 ? 0.6376 1.1220 0.6529 -0.0564 -0.0345 -0.0143 15  GLU A OE1 
109 O OE2 . GLU A 16 ? 0.6366 1.1424 0.6502 -0.0630 -0.0387 -0.0281 15  GLU A OE2 
110 N N   . GLU A 17 ? 0.3522 0.8753 0.3677 -0.0414 -0.0316 0.0446  16  GLU A N   
111 C CA  . GLU A 17 ? 0.3520 0.8822 0.3620 -0.0397 -0.0283 0.0498  16  GLU A CA  
112 C C   . GLU A 17 ? 0.3395 0.8485 0.3504 -0.0363 -0.0250 0.0505  16  GLU A C   
113 O O   . GLU A 17 ? 0.3724 0.8786 0.3775 -0.0373 -0.0226 0.0424  16  GLU A O   
114 C CB  . GLU A 17 ? 0.3979 0.9450 0.4106 -0.0367 -0.0285 0.0680  16  GLU A CB  
115 C CG  . GLU A 17 ? 0.4999 1.0726 0.5099 -0.0403 -0.0315 0.0673  16  GLU A CG  
116 C CD  . GLU A 17 ? 0.5472 1.1204 0.5615 -0.0426 -0.0357 0.0627  16  GLU A CD  
117 O OE1 . GLU A 17 ? 0.5317 1.0908 0.5539 -0.0398 -0.0367 0.0687  16  GLU A OE1 
118 O OE2 . GLU A 17 ? 0.5455 1.1335 0.5555 -0.0471 -0.0380 0.0529  16  GLU A OE2 
119 N N   . MET A 18 ? 0.2791 0.7723 0.2978 -0.0322 -0.0247 0.0594  17  MET A N   
120 C CA  . MET A 18 ? 0.2690 0.7419 0.2893 -0.0288 -0.0215 0.0609  17  MET A CA  
121 C C   . MET A 18 ? 0.3090 0.7671 0.3264 -0.0323 -0.0212 0.0433  17  MET A C   
122 O O   . MET A 18 ? 0.1678 0.6154 0.1823 -0.0311 -0.0184 0.0402  17  MET A O   
123 C CB  . MET A 18 ? 0.2785 0.7369 0.3096 -0.0238 -0.0211 0.0726  17  MET A CB  
124 C CG  . MET A 18 ? 0.3609 0.8276 0.3972 -0.0192 -0.0204 0.0912  17  MET A CG  
125 S SD  . MET A 18 ? 0.4198 0.8609 0.4685 -0.0127 -0.0179 0.1009  17  MET A SD  
126 C CE  . MET A 18 ? 0.4071 0.8595 0.4639 -0.0086 -0.0180 0.1207  17  MET A CE  
127 N N   . GLN A 19 ? 0.1761 0.6328 0.1952 -0.0366 -0.0240 0.0321  18  GLN A N   
128 C CA  . GLN A 19 ? 0.2523 0.6944 0.2698 -0.0406 -0.0236 0.0152  18  GLN A CA  
129 C C   . GLN A 19 ? 0.2503 0.6989 0.2586 -0.0427 -0.0219 0.0054  18  GLN A C   
130 O O   . GLN A 19 ? 0.2760 0.7102 0.2823 -0.0431 -0.0196 -0.0027 18  GLN A O   
131 C CB  . GLN A 19 ? 0.2216 0.6632 0.2429 -0.0452 -0.0268 0.0054  18  GLN A CB  
132 C CG  . GLN A 19 ? 0.1694 0.5981 0.2011 -0.0440 -0.0278 0.0100  18  GLN A CG  
133 C CD  . GLN A 19 ? 0.2700 0.7026 0.3051 -0.0487 -0.0311 0.0016  18  GLN A CD  
134 O OE1 . GLN A 19 ? 0.2473 0.6781 0.2793 -0.0534 -0.0319 -0.0128 18  GLN A OE1 
135 N NE2 . GLN A 19 ? 0.2726 0.7106 0.3147 -0.0474 -0.0331 0.0104  18  GLN A NE2 
136 N N   . GLN A 20 ? 0.2382 0.7084 0.2416 -0.0444 -0.0227 0.0057  19  GLN A N   
137 C CA  . GLN A 20 ? 0.2935 0.7712 0.2898 -0.0462 -0.0206 -0.0030 19  GLN A CA  
138 C C   . GLN A 20 ? 0.2403 0.7161 0.2347 -0.0418 -0.0171 0.0067  19  GLN A C   
139 O O   . GLN A 20 ? 0.2312 0.7009 0.2223 -0.0425 -0.0147 -0.0018 19  GLN A O   
140 C CB  . GLN A 20 ? 0.3737 0.8767 0.3667 -0.0489 -0.0222 -0.0044 19  GLN A CB  
141 C CG  . GLN A 20 ? 0.4640 0.9711 0.4523 -0.0529 -0.0211 -0.0213 19  GLN A CG  
142 C CD  . GLN A 20 ? 0.5060 0.9910 0.4966 -0.0555 -0.0212 -0.0373 19  GLN A CD  
143 O OE1 . GLN A 20 ? 0.4905 0.9654 0.4859 -0.0570 -0.0236 -0.0400 19  GLN A OE1 
144 N NE2 . GLN A 20 ? 0.5283 1.0048 0.5166 -0.0561 -0.0185 -0.0476 19  GLN A NE2 
145 N N   . ASP A 21 ? 0.2265 0.7068 0.2244 -0.0374 -0.0168 0.0247  20  ASP A N   
146 C CA  . ASP A 21 ? 0.1798 0.6566 0.1779 -0.0329 -0.0134 0.0352  20  ASP A CA  
147 C C   . ASP A 21 ? 0.2758 0.7280 0.2753 -0.0311 -0.0115 0.0307  20  ASP A C   
148 O O   . ASP A 21 ? 0.2554 0.7024 0.2525 -0.0298 -0.0087 0.0285  20  ASP A O   
149 C CB  . ASP A 21 ? 0.1803 0.6644 0.1842 -0.0285 -0.0134 0.0553  20  ASP A CB  
150 C CG  . ASP A 21 ? 0.3448 0.8316 0.3503 -0.0245 -0.0101 0.0671  20  ASP A CG  
151 O OD1 . ASP A 21 ? 0.3138 0.7925 0.3260 -0.0195 -0.0086 0.0818  20  ASP A OD1 
152 O OD2 . ASP A 21 ? 0.3432 0.8398 0.3449 -0.0262 -0.0090 0.0618  20  ASP A OD2 
153 N N   . SER A 22 ? 0.2320 0.6690 0.2365 -0.0309 -0.0131 0.0291  21  SER A N   
154 C CA  . SER A 22 ? 0.1877 0.6016 0.1950 -0.0298 -0.0116 0.0238  21  SER A CA  
155 C C   . SER A 22 ? 0.1517 0.5594 0.1531 -0.0340 -0.0107 0.0061  21  SER A C   
156 O O   . SER A 22 ? 0.1907 0.5874 0.1903 -0.0324 -0.0080 0.0040  21  SER A O   
157 C CB  . SER A 22 ? 0.1457 0.5463 0.1620 -0.0304 -0.0134 0.0229  21  SER A CB  
158 O OG  . SER A 22 ? 0.1436 0.5438 0.1673 -0.0255 -0.0133 0.0390  21  SER A OG  
159 N N   . VAL A 23 ? 0.2030 0.6166 0.2023 -0.0393 -0.0127 -0.0069 22  VAL A N   
160 C CA  . VAL A 23 ? 0.1627 0.5688 0.1583 -0.0430 -0.0115 -0.0242 22  VAL A CA  
161 C C   . VAL A 23 ? 0.2160 0.6307 0.2062 -0.0416 -0.0088 -0.0240 22  VAL A C   
162 O O   . VAL A 23 ? 0.1632 0.5652 0.1520 -0.0421 -0.0067 -0.0337 22  VAL A O   
163 C CB  . VAL A 23 ? 0.2271 0.6397 0.2231 -0.0480 -0.0141 -0.0363 22  VAL A CB  
164 C CG1 . VAL A 23 ? 0.1795 0.5919 0.1722 -0.0509 -0.0126 -0.0516 22  VAL A CG1 
165 C CG2 . VAL A 23 ? 0.1965 0.5925 0.1994 -0.0503 -0.0162 -0.0413 22  VAL A CG2 
166 N N   . GLU A 24 ? 0.2145 0.6504 0.2033 -0.0398 -0.0089 -0.0128 23  GLU A N   
167 C CA  . GLU A 24 ? 0.2253 0.6705 0.2110 -0.0388 -0.0069 -0.0118 23  GLU A CA  
168 C C   . GLU A 24 ? 0.2131 0.6443 0.2002 -0.0342 -0.0046 -0.0039 23  GLU A C   
169 O O   . GLU A 24 ? 0.2385 0.6620 0.2234 -0.0340 -0.0030 -0.0105 23  GLU A O   
170 C CB  . GLU A 24 ? 0.2782 0.7496 0.2636 -0.0384 -0.0079 -0.0005 23  GLU A CB  
171 C CG  . GLU A 24 ? 0.3475 0.8292 0.3316 -0.0369 -0.0064 0.0039  23  GLU A CG  
172 C CD  . GLU A 24 ? 0.3947 0.9038 0.3788 -0.0373 -0.0075 0.0141  23  GLU A CD  
173 O OE1 . GLU A 24 ? 0.3905 0.9068 0.3778 -0.0358 -0.0086 0.0268  23  GLU A OE1 
174 O OE2 . GLU A 24 ? 0.4144 0.9377 0.3956 -0.0393 -0.0072 0.0095  23  GLU A OE2 
175 N N   . CYS A 25 ? 0.1683 0.5951 0.1596 -0.0300 -0.0044 0.0107  24  CYS A N   
176 C CA  . CYS A 25 ? 0.1847 0.5977 0.1786 -0.0248 -0.0025 0.0196  24  CYS A CA  
177 C C   . CYS A 25 ? 0.2153 0.6031 0.2067 -0.0255 -0.0010 0.0075  24  CYS A C   
178 O O   . CYS A 25 ? 0.2282 0.6004 0.2167 -0.0230 0.0011  0.0064  24  CYS A O   
179 C CB  . CYS A 25 ? 0.2124 0.6263 0.2134 -0.0200 -0.0023 0.0378  24  CYS A CB  
180 S SG  . CYS A 25 ? 0.2128 0.5999 0.2165 -0.0128 -0.0009 0.0469  24  CYS A SG  
181 N N   . ALA A 26 ? 0.2330 0.6136 0.2248 -0.0291 -0.0020 -0.0020 25  ALA A N   
182 C CA  . ALA A 26 ? 0.1348 0.4926 0.1249 -0.0310 -0.0003 -0.0154 25  ALA A CA  
183 C C   . ALA A 26 ? 0.2029 0.5574 0.1896 -0.0339 0.0006  -0.0299 25  ALA A C   
184 O O   . ALA A 26 ? 0.1385 0.4728 0.1238 -0.0333 0.0032  -0.0367 25  ALA A O   
185 C CB  . ALA A 26 ? 0.1320 0.4828 0.1288 -0.0349 -0.0033 -0.0227 25  ALA A CB  
186 N N   . THR A 27 ? 0.1975 0.5708 0.1834 -0.0369 -0.0010 -0.0346 26  THR A N   
187 C CA  . THR A 27 ? 0.2240 0.5968 0.2081 -0.0392 0.0001  -0.0475 26  THR A CA  
188 C C   . THR A 27 ? 0.1570 0.5265 0.1382 -0.0355 0.0018  -0.0417 26  THR A C   
189 O O   . THR A 27 ? 0.1753 0.5295 0.1557 -0.0358 0.0037  -0.0511 26  THR A O   
190 C CB  . THR A 27 ? 0.2332 0.6286 0.2164 -0.0426 -0.0017 -0.0521 26  THR A CB  
191 O OG1 . THR A 27 ? 0.2632 0.6579 0.2488 -0.0457 -0.0038 -0.0579 26  THR A OG1 
192 C CG2 . THR A 27 ? 0.1766 0.5716 0.1590 -0.0448 -0.0004 -0.0658 26  THR A CG2 
193 N N   A GLN A 28 ? 0.1567 0.5386 0.1374 -0.0318 0.0014  -0.0256 27  GLN A N   
194 N N   B GLN A 28 ? 0.1572 0.5401 0.1378 -0.0319 0.0013  -0.0259 27  GLN A N   
195 C CA  A GLN A 28 ? 0.1664 0.5423 0.1445 -0.0280 0.0030  -0.0191 27  GLN A CA  
196 C CA  B GLN A 28 ? 0.1665 0.5422 0.1447 -0.0278 0.0029  -0.0186 27  GLN A CA  
197 C C   A GLN A 28 ? 0.1815 0.5274 0.1590 -0.0243 0.0058  -0.0175 27  GLN A C   
198 C C   B GLN A 28 ? 0.1824 0.5273 0.1600 -0.0250 0.0058  -0.0200 27  GLN A C   
199 O O   A GLN A 28 ? 0.1492 0.4818 0.1240 -0.0225 0.0081  -0.0196 27  GLN A O   
200 O O   B GLN A 28 ? 0.1494 0.4801 0.1243 -0.0243 0.0080  -0.0260 27  GLN A O   
201 C CB  A GLN A 28 ? 0.1894 0.5842 0.1690 -0.0247 0.0017  -0.0015 27  GLN A CB  
202 C CB  B GLN A 28 ? 0.1856 0.5743 0.1658 -0.0235 0.0020  0.0008  27  GLN A CB  
203 C CG  A GLN A 28 ? 0.1934 0.6160 0.1718 -0.0279 0.0003  -0.0032 27  GLN A CG  
204 C CG  B GLN A 28 ? 0.2121 0.6308 0.1942 -0.0255 -0.0002 0.0067  27  GLN A CG  
205 C CD  A GLN A 28 ? 0.2405 0.6866 0.2224 -0.0284 -0.0016 0.0075  27  GLN A CD  
206 C CD  B GLN A 28 ? 0.2383 0.6641 0.2258 -0.0206 -0.0008 0.0269  27  GLN A CD  
207 O OE1 A GLN A 28 ? 0.2532 0.7181 0.2337 -0.0326 -0.0027 0.0011  27  GLN A OE1 
208 O OE1 B GLN A 28 ? 0.1826 0.5914 0.1717 -0.0155 0.0006  0.0360  27  GLN A OE1 
209 N NE2 A GLN A 28 ? 0.2527 0.6969 0.2395 -0.0239 -0.0019 0.0240  27  GLN A NE2 
210 N NE2 B GLN A 28 ? 0.2528 0.7011 0.2436 -0.0220 -0.0024 0.0341  27  GLN A NE2 
211 N N   . ALA A 29 ? 0.1412 0.4755 0.1215 -0.0232 0.0065  -0.0139 28  ALA A N   
212 C CA  . ALA A 29 ? 0.1339 0.4385 0.1147 -0.0198 0.0105  -0.0128 28  ALA A CA  
213 C C   . ALA A 29 ? 0.2201 0.5072 0.1996 -0.0230 0.0120  -0.0297 28  ALA A C   
214 O O   . ALA A 29 ? 0.2159 0.4822 0.1945 -0.0205 0.0153  -0.0305 28  ALA A O   
215 C CB  . ALA A 29 ? 0.1341 0.4320 0.1206 -0.0183 0.0116  -0.0053 28  ALA A CB  
216 N N   . LEU A 30 ? 0.1360 0.4306 0.1171 -0.0286 0.0097  -0.0430 29  LEU A N   
217 C CA  . LEU A 30 ? 0.2070 0.4845 0.1896 -0.0315 0.0107  -0.0585 29  LEU A CA  
218 C C   . LEU A 30 ? 0.2072 0.4879 0.1878 -0.0316 0.0110  -0.0634 29  LEU A C   
219 O O   . LEU A 30 ? 0.2163 0.4782 0.1984 -0.0316 0.0129  -0.0713 29  LEU A O   
220 C CB  . LEU A 30 ? 0.1394 0.4215 0.1266 -0.0371 0.0083  -0.0707 29  LEU A CB  
221 C CG  . LEU A 30 ? 0.1829 0.4580 0.1735 -0.0388 0.0074  -0.0707 29  LEU A CG  
222 C CD1 . LEU A 30 ? 0.1880 0.4545 0.1849 -0.0436 0.0058  -0.0847 29  LEU A CD1 
223 C CD2 . LEU A 30 ? 0.1685 0.4216 0.1587 -0.0355 0.0114  -0.0650 29  LEU A CD2 
224 N N   . GLU A 31 ? 0.2327 0.5376 0.2109 -0.0316 0.0093  -0.0588 30  GLU A N   
225 C CA  . GLU A 31 ? 0.2352 0.5446 0.2112 -0.0316 0.0100  -0.0625 30  GLU A CA  
226 C C   . GLU A 31 ? 0.2476 0.5396 0.2201 -0.0268 0.0127  -0.0544 30  GLU A C   
227 O O   . GLU A 31 ? 0.2639 0.5469 0.2357 -0.0267 0.0142  -0.0607 30  GLU A O   
228 C CB  . GLU A 31 ? 0.2495 0.5897 0.2238 -0.0328 0.0079  -0.0581 30  GLU A CB  
229 C CG  . GLU A 31 ? 0.3133 0.6693 0.2906 -0.0378 0.0062  -0.0697 30  GLU A CG  
230 C CD  . GLU A 31 ? 0.4048 0.7916 0.3803 -0.0390 0.0045  -0.0641 30  GLU A CD  
231 O OE1 . GLU A 31 ? 0.4319 0.8283 0.4048 -0.0360 0.0041  -0.0504 30  GLU A OE1 
232 O OE2 . GLU A 31 ? 0.4520 0.8527 0.4291 -0.0428 0.0036  -0.0733 30  GLU A OE2 
233 N N   . LYS A 32 ? 0.2144 0.5006 0.1861 -0.0225 0.0137  -0.0404 31  LYS A N   
234 C CA  . LYS A 32 ? 0.2138 0.4843 0.1832 -0.0176 0.0169  -0.0315 31  LYS A CA  
235 C C   . LYS A 32 ? 0.1756 0.4148 0.1466 -0.0155 0.0204  -0.0340 31  LYS A C   
236 O O   . LYS A 32 ? 0.1365 0.3601 0.1062 -0.0134 0.0231  -0.0344 31  LYS A O   
237 C CB  . LYS A 32 ? 0.1441 0.4246 0.1140 -0.0134 0.0166  -0.0136 31  LYS A CB  
238 C CG  . LYS A 32 ? 0.1406 0.4017 0.1107 -0.0082 0.0202  -0.0038 31  LYS A CG  
239 C CD  . LYS A 32 ? 0.2307 0.5057 0.2029 -0.0045 0.0194  0.0126  31  LYS A CD  
240 C CE  . LYS A 32 ? 0.2360 0.4888 0.2105 0.0007  0.0233  0.0215  31  LYS A CE  
241 N NZ  . LYS A 32 ? 0.2187 0.4833 0.1965 0.0043  0.0224  0.0370  31  LYS A NZ  
242 N N   . TYR A 33 ? 0.2092 0.4397 0.1838 -0.0165 0.0207  -0.0358 32  TYR A N   
243 C CA  . TYR A 33 ? 0.1898 0.3921 0.1673 -0.0142 0.0244  -0.0355 32  TYR A CA  
244 C C   . TYR A 33 ? 0.2177 0.4111 0.1987 -0.0187 0.0236  -0.0491 32  TYR A C   
245 O O   . TYR A 33 ? 0.1921 0.4009 0.1745 -0.0229 0.0205  -0.0555 32  TYR A O   
246 C CB  . TYR A 33 ? 0.2079 0.4055 0.1892 -0.0104 0.0263  -0.0222 32  TYR A CB  
247 C CG  . TYR A 33 ? 0.1901 0.3934 0.1714 -0.0056 0.0271  -0.0071 32  TYR A CG  
248 C CD1 . TYR A 33 ? 0.1921 0.3775 0.1735 -0.0017 0.0305  -0.0021 32  TYR A CD1 
249 C CD2 . TYR A 33 ? 0.1769 0.4031 0.1594 -0.0051 0.0240  0.0023  32  TYR A CD2 
250 C CE1 . TYR A 33 ? 0.1777 0.3674 0.1609 0.0024  0.0309  0.0113  32  TYR A CE1 
251 C CE2 . TYR A 33 ? 0.2555 0.4862 0.2400 -0.0006 0.0242  0.0168  32  TYR A CE2 
252 C CZ  . TYR A 33 ? 0.2025 0.4143 0.1876 0.0032  0.0278  0.0208  32  TYR A CZ  
253 O OH  . TYR A 33 ? 0.1971 0.4125 0.1855 0.0074  0.0278  0.0343  32  TYR A OH  
254 N N   . ASN A 34 ? 0.2240 0.3916 0.2073 -0.0177 0.0261  -0.0526 33  ASN A N   
255 C CA  . ASN A 34 ? 0.2377 0.3932 0.2263 -0.0216 0.0252  -0.0638 33  ASN A CA  
256 C C   . ASN A 34 ? 0.2281 0.3666 0.2209 -0.0204 0.0279  -0.0593 33  ASN A C   
257 O O   . ASN A 34 ? 0.2557 0.3884 0.2536 -0.0242 0.0267  -0.0671 33  ASN A O   
258 C CB  . ASN A 34 ? 0.2075 0.3468 0.1982 -0.0223 0.0252  -0.0716 33  ASN A CB  
259 C CG  . ASN A 34 ? 0.2073 0.3624 0.1971 -0.0246 0.0229  -0.0789 33  ASN A CG  
260 O OD1 . ASN A 34 ? 0.2644 0.4379 0.2559 -0.0281 0.0203  -0.0847 33  ASN A OD1 
261 N ND2 . ASN A 34 ? 0.1839 0.3322 0.1717 -0.0225 0.0240  -0.0786 33  ASN A ND2 
262 N N   . ILE A 35 ? 0.1977 0.3274 0.1903 -0.0151 0.0313  -0.0468 34  ILE A N   
263 C CA  . ILE A 35 ? 0.1720 0.2853 0.1703 -0.0135 0.0341  -0.0420 34  ILE A CA  
264 C C   . ILE A 35 ? 0.1588 0.2869 0.1610 -0.0135 0.0339  -0.0344 34  ILE A C   
265 O O   . ILE A 35 ? 0.1261 0.2699 0.1266 -0.0111 0.0331  -0.0255 34  ILE A O   
266 C CB  . ILE A 35 ? 0.1500 0.2437 0.1484 -0.0077 0.0377  -0.0328 34  ILE A CB  
267 C CG1 . ILE A 35 ? 0.1697 0.2494 0.1649 -0.0079 0.0372  -0.0394 34  ILE A CG1 
268 C CG2 . ILE A 35 ? 0.0835 0.1616 0.0880 -0.0062 0.0398  -0.0281 34  ILE A CG2 
269 C CD1 . ILE A 35 ? 0.1824 0.2495 0.1755 -0.0021 0.0401  -0.0305 34  ILE A CD1 
270 N N   . GLU A 36 ? 0.1031 0.2253 0.1117 -0.0161 0.0343  -0.0368 35  GLU A N   
271 C CA  . GLU A 36 ? 0.1371 0.2747 0.1510 -0.0174 0.0331  -0.0314 35  GLU A CA  
272 C C   . GLU A 36 ? 0.0983 0.2380 0.1148 -0.0114 0.0343  -0.0157 35  GLU A C   
273 O O   . GLU A 36 ? 0.0996 0.2590 0.1170 -0.0111 0.0318  -0.0096 35  GLU A O   
274 C CB  . GLU A 36 ? 0.1738 0.2991 0.1952 -0.0210 0.0330  -0.0355 35  GLU A CB  
275 C CG  . GLU A 36 ? 0.2874 0.4129 0.3088 -0.0277 0.0286  -0.0491 35  GLU A CG  
276 C CD  . GLU A 36 ? 0.3399 0.4453 0.3603 -0.0293 0.0297  -0.0591 35  GLU A CD  
277 O OE1 . GLU A 36 ? 0.2893 0.3859 0.3058 -0.0256 0.0334  -0.0580 35  GLU A OE1 
278 O OE2 . GLU A 36 ? 0.4100 0.5087 0.4343 -0.0346 0.0266  -0.0680 35  GLU A OE2 
279 N N   . LYS A 37 ? 0.1197 0.2389 0.1385 -0.0067 0.0378  -0.0092 36  LYS A N   
280 C CA  . LYS A 37 ? 0.1146 0.2337 0.1374 -0.0017 0.0388  0.0036  36  LYS A CA  
281 C C   . LYS A 37 ? 0.0844 0.2193 0.1020 0.0005  0.0370  0.0092  36  LYS A C   
282 O O   . LYS A 37 ? 0.0856 0.2318 0.1068 0.0032  0.0354  0.0193  36  LYS A O   
283 C CB  . LYS A 37 ? 0.1273 0.2212 0.1531 0.0016  0.0427  0.0062  36  LYS A CB  
284 C CG  . LYS A 37 ? 0.1539 0.2371 0.1738 0.0029  0.0446  0.0036  36  LYS A CG  
285 C CD  . LYS A 37 ? 0.2053 0.2689 0.2277 0.0032  0.0459  0.0030  36  LYS A CD  
286 C CE  . LYS A 37 ? 0.3115 0.3680 0.3283 0.0030  0.0464  -0.0008 36  LYS A CE  
287 N NZ  . LYS A 37 ? 0.3919 0.4387 0.4087 0.0050  0.0416  0.0001  36  LYS A NZ  
288 N N   . ASP A 38 ? 0.1226 0.2588 0.1325 -0.0006 0.0369  0.0031  37  ASP A N   
289 C CA  . ASP A 38 ? 0.1220 0.2741 0.1266 0.0010  0.0350  0.0082  37  ASP A CA  
290 C C   . ASP A 38 ? 0.1478 0.3281 0.1504 -0.0019 0.0306  0.0082  37  ASP A C   
291 O O   . ASP A 38 ? 0.1033 0.2999 0.1059 0.0003  0.0284  0.0182  37  ASP A O   
292 C CB  . ASP A 38 ? 0.1299 0.2757 0.1272 0.0002  0.0358  0.0004  37  ASP A CB  
293 C CG  . ASP A 38 ? 0.1627 0.2837 0.1618 0.0035  0.0399  0.0028  37  ASP A CG  
294 O OD1 . ASP A 38 ? 0.1887 0.3028 0.1934 0.0068  0.0413  0.0121  37  ASP A OD1 
295 O OD2 . ASP A 38 ? 0.1692 0.2779 0.1644 0.0026  0.0412  -0.0051 37  ASP A OD2 
296 N N   . ILE A 39 ? 0.1002 0.2875 0.1014 -0.0073 0.0288  -0.0034 38  ILE A N   
297 C CA  . ILE A 39 ? 0.1239 0.3381 0.1240 -0.0109 0.0246  -0.0046 38  ILE A CA  
298 C C   . ILE A 39 ? 0.1382 0.3590 0.1462 -0.0085 0.0238  0.0079  38  ILE A C   
299 O O   . ILE A 39 ? 0.1710 0.4131 0.1784 -0.0077 0.0207  0.0159  38  ILE A O   
300 C CB  . ILE A 39 ? 0.1549 0.3715 0.1541 -0.0175 0.0232  -0.0206 38  ILE A CB  
301 C CG1 . ILE A 39 ? 0.1459 0.3558 0.1385 -0.0195 0.0231  -0.0329 38  ILE A CG1 
302 C CG2 . ILE A 39 ? 0.1318 0.3765 0.1315 -0.0217 0.0191  -0.0223 38  ILE A CG2 
303 C CD1 . ILE A 39 ? 0.1601 0.3579 0.1549 -0.0243 0.0232  -0.0479 38  ILE A CD1 
304 N N   . ALA A 40 ? 0.0946 0.2970 0.1104 -0.0071 0.0263  0.0098  39  ALA A N   
305 C CA  . ALA A 40 ? 0.0920 0.2980 0.1166 -0.0048 0.0254  0.0203  39  ALA A CA  
306 C C   . ALA A 40 ? 0.1047 0.3133 0.1310 0.0013  0.0254  0.0346  39  ALA A C   
307 O O   . ALA A 40 ? 0.0972 0.3223 0.1274 0.0025  0.0226  0.0437  39  ALA A O   
308 C CB  . ALA A 40 ? 0.0851 0.2685 0.1172 -0.0044 0.0283  0.0186  39  ALA A CB  
309 N N   . ALA A 41 ? 0.1298 0.3225 0.1541 0.0048  0.0283  0.0368  40  ALA A N   
310 C CA  . ALA A 41 ? 0.0957 0.2907 0.1228 0.0103  0.0280  0.0499  40  ALA A CA  
311 C C   . ALA A 41 ? 0.1708 0.3934 0.1929 0.0097  0.0240  0.0554  40  ALA A C   
312 O O   . ALA A 41 ? 0.1768 0.4116 0.2039 0.0131  0.0219  0.0681  40  ALA A O   
313 C CB  . ALA A 41 ? 0.0939 0.2670 0.1197 0.0132  0.0315  0.0493  40  ALA A CB  
314 N N   . HIS A 42 ? 0.1072 0.3405 0.1200 0.0055  0.0228  0.0458  41  HIS A N   
315 C CA  . HIS A 42 ? 0.1148 0.3758 0.1224 0.0041  0.0187  0.0492  41  HIS A CA  
316 C C   . HIS A 42 ? 0.1439 0.4281 0.1550 0.0025  0.0147  0.0545  41  HIS A C   
317 O O   . HIS A 42 ? 0.1238 0.4273 0.1371 0.0046  0.0116  0.0663  41  HIS A O   
318 C CB  . HIS A 42 ? 0.1190 0.3852 0.1168 -0.0008 0.0180  0.0347  41  HIS A CB  
319 C CG  . HIS A 42 ? 0.1571 0.4514 0.1499 -0.0029 0.0139  0.0358  41  HIS A CG  
320 N ND1 . HIS A 42 ? 0.1320 0.4286 0.1214 -0.0016 0.0142  0.0376  41  HIS A ND1 
321 C CD2 . HIS A 42 ? 0.2117 0.5333 0.2036 -0.0066 0.0095  0.0346  41  HIS A CD2 
322 C CE1 . HIS A 42 ? 0.2137 0.5377 0.2007 -0.0043 0.0104  0.0377  41  HIS A CE1 
323 N NE2 . HIS A 42 ? 0.2224 0.5622 0.2114 -0.0074 0.0076  0.0359  41  HIS A NE2 
324 N N   . ILE A 43 ? 0.1133 0.3966 0.1259 -0.0014 0.0145  0.0461  42  ILE A N   
325 C CA  . ILE A 43 ? 0.1485 0.4531 0.1650 -0.0033 0.0107  0.0502  42  ILE A CA  
326 C C   . ILE A 43 ? 0.1721 0.4714 0.1987 0.0021  0.0109  0.0654  42  ILE A C   
327 O O   . ILE A 43 ? 0.2131 0.5327 0.2417 0.0031  0.0075  0.0760  42  ILE A O   
328 C CB  . ILE A 43 ? 0.1115 0.4144 0.1295 -0.0091 0.0104  0.0366  42  ILE A CB  
329 C CG1 . ILE A 43 ? 0.1150 0.4235 0.1232 -0.0145 0.0101  0.0209  42  ILE A CG1 
330 C CG2 . ILE A 43 ? 0.1137 0.4372 0.1360 -0.0115 0.0060  0.0398  42  ILE A CG2 
331 C CD1 . ILE A 43 ? 0.1564 0.4567 0.1680 -0.0199 0.0101  0.0066  42  ILE A CD1 
332 N N   . LYS A 44 ? 0.1761 0.4482 0.2092 0.0056  0.0149  0.0664  43  LYS A N   
333 C CA  . LYS A 44 ? 0.1775 0.4421 0.2211 0.0106  0.0155  0.0787  43  LYS A CA  
334 C C   . LYS A 44 ? 0.1815 0.4573 0.2258 0.0153  0.0140  0.0935  43  LYS A C   
335 O O   . LYS A 44 ? 0.1800 0.4685 0.2294 0.0171  0.0118  0.1050  43  LYS A O   
336 C CB  . LYS A 44 ? 0.1578 0.3910 0.2065 0.0131  0.0202  0.0750  43  LYS A CB  
337 C CG  . LYS A 44 ? 0.1358 0.3578 0.1956 0.0177  0.0212  0.0842  43  LYS A CG  
338 C CD  . LYS A 44 ? 0.1365 0.3559 0.1993 0.0236  0.0219  0.0970  43  LYS A CD  
339 C CE  . LYS A 44 ? 0.1249 0.3235 0.1972 0.0276  0.0247  0.1013  43  LYS A CE  
340 N NZ  . LYS A 44 ? 0.0993 0.3053 0.1801 0.0282  0.0233  0.1081  43  LYS A NZ  
341 N N   . LYS A 45 ? 0.1113 0.3822 0.1511 0.0171  0.0154  0.0936  44  LYS A N   
342 C CA  . LYS A 45 ? 0.1154 0.3957 0.1587 0.0219  0.0139  0.1079  44  LYS A CA  
343 C C   . LYS A 45 ? 0.1221 0.4365 0.1630 0.0199  0.0085  0.1146  44  LYS A C   
344 O O   . LYS A 45 ? 0.1547 0.4763 0.2028 0.0222  0.0080  0.1269  44  LYS A O   
345 C CB  . LYS A 45 ? 0.1873 0.4546 0.2273 0.0235  0.0164  0.1045  44  LYS A CB  
346 C CG  . LYS A 45 ? 0.2183 0.4532 0.2616 0.0259  0.0213  0.0999  44  LYS A CG  
347 C CD  . LYS A 45 ? 0.2707 0.4919 0.3076 0.0256  0.0239  0.0925  44  LYS A CD  
348 C CE  . LYS A 45 ? 0.2878 0.4790 0.3293 0.0286  0.0280  0.0901  44  LYS A CE  
349 N NZ  . LYS A 45 ? 0.3005 0.4815 0.3374 0.0293  0.0300  0.0866  44  LYS A NZ  
350 N N   A GLU A 46 ? 0.1401 0.4705 0.1720 0.0140  0.0065  0.1034  45  GLU A N   
351 N N   B GLU A 46 ? 0.1398 0.4702 0.1717 0.0140  0.0065  0.1034  45  GLU A N   
352 C CA  A GLU A 46 ? 0.1646 0.5255 0.1959 0.0108  0.0028  0.1064  45  GLU A CA  
353 C CA  B GLU A 46 ? 0.1648 0.5257 0.1961 0.0108  0.0028  0.1064  45  GLU A CA  
354 C C   A GLU A 46 ? 0.1872 0.5538 0.2209 0.0099  0.0020  0.1132  45  GLU A C   
355 C C   B GLU A 46 ? 0.1875 0.5546 0.2209 0.0097  0.0020  0.1127  45  GLU A C   
356 O O   A GLU A 46 ? 0.1973 0.5812 0.2370 0.0087  0.0044  0.1218  45  GLU A O   
357 O O   B GLU A 46 ? 0.1971 0.5827 0.2361 0.0082  0.0041  0.1208  45  GLU A O   
358 C CB  A GLU A 46 ? 0.1671 0.5439 0.1892 0.0043  0.0010  0.0911  45  GLU A CB  
359 C CB  B GLU A 46 ? 0.1664 0.5430 0.1885 0.0044  0.0010  0.0912  45  GLU A CB  
360 C CG  A GLU A 46 ? 0.1854 0.5504 0.2000 0.0037  0.0034  0.0826  45  GLU A CG  
361 C CG  B GLU A 46 ? 0.2061 0.6118 0.2277 -0.0001 -0.0002 0.0918  45  GLU A CG  
362 C CD  A GLU A 46 ? 0.2136 0.5948 0.2301 0.0048  0.0029  0.0900  45  GLU A CD  
363 C CD  B GLU A 46 ? 0.2398 0.6592 0.2534 -0.0055 -0.0009 0.0776  45  GLU A CD  
364 O OE1 A GLU A 46 ? 0.2336 0.6099 0.2421 0.0031  0.0041  0.0817  45  GLU A OE1 
365 O OE1 B GLU A 46 ? 0.2327 0.6392 0.2409 -0.0042 0.0003  0.0737  45  GLU A OE1 
366 O OE2 A GLU A 46 ? 0.2193 0.6178 0.2461 0.0070  0.0019  0.1040  45  GLU A OE2 
367 O OE2 B GLU A 46 ? 0.2555 0.6919 0.2654 -0.0110 -0.0017 0.0695  45  GLU A OE2 
368 N N   . PHE A 47 ? 0.1730 0.5292 0.2059 0.0092  0.0027  0.1092  46  PHE A N   
369 C CA  . PHE A 47 ? 0.2075 0.5713 0.2449 0.0080  0.0025  0.1152  46  PHE A CA  
370 C C   . PHE A 47 ? 0.1955 0.5483 0.2440 0.0135  0.0049  0.1307  46  PHE A C   
371 O O   . PHE A 47 ? 0.1571 0.5234 0.2108 0.0131  0.0049  0.1400  46  PHE A O   
372 C CB  . PHE A 47 ? 0.1602 0.5133 0.2012 0.0047  0.0015  0.1013  46  PHE A CB  
373 C CG  . PHE A 47 ? 0.1325 0.5064 0.1668 -0.0020 -0.0019 0.0912  46  PHE A CG  
374 C CD1 . PHE A 47 ? 0.1878 0.5750 0.2107 -0.0061 -0.0024 0.0817  46  PHE A CD1 
375 C CD2 . PHE A 47 ? 0.1351 0.5146 0.1744 -0.0042 -0.0046 0.0905  46  PHE A CD2 
376 C CE1 . PHE A 47 ? 0.1412 0.5456 0.1590 -0.0124 -0.0050 0.0707  46  PHE A CE1 
377 C CE2 . PHE A 47 ? 0.1408 0.5375 0.1742 -0.0102 -0.0080 0.0803  46  PHE A CE2 
378 C CZ  . PHE A 47 ? 0.1442 0.5526 0.1669 -0.0143 -0.0081 0.0701  46  PHE A CZ  
379 N N   . ASP A 48 ? 0.1291 0.4575 0.1828 0.0185  0.0076  0.1326  47  ASP A N   
380 C CA  . ASP A 48 ? 0.1316 0.4497 0.1960 0.0231  0.0105  0.1460  47  ASP A CA  
381 C C   . ASP A 48 ? 0.2893 0.6243 0.3566 0.0225  0.0109  0.1548  47  ASP A C   
382 O O   . ASP A 48 ? 0.2637 0.6040 0.3408 0.0236  0.0122  0.1660  47  ASP A O   
383 C CB  . ASP A 48 ? 0.2855 0.5761 0.3538 0.0278  0.0137  0.1446  47  ASP A CB  
384 C CG  . ASP A 48 ? 0.2491 0.5167 0.3248 0.0287  0.0159  0.1374  47  ASP A CG  
385 O OD1 . ASP A 48 ? 0.2325 0.5050 0.3118 0.0262  0.0144  0.1337  47  ASP A OD1 
386 O OD2 . ASP A 48 ? 0.2212 0.4657 0.2998 0.0315  0.0192  0.1344  47  ASP A OD2 
387 N N   . LYS A 49 ? 0.2822 0.6275 0.3424 0.0206  0.0100  0.1500  48  LYS A N   
388 C CA  . LYS A 49 ? 0.2682 0.6346 0.3356 0.0198  0.0109  0.1582  48  LYS A CA  
389 C C   . LYS A 49 ? 0.2768 0.6711 0.3423 0.0154  0.0080  0.1613  48  LYS A C   
390 O O   . LYS A 49 ? 0.2819 0.6872 0.3558 0.0160  0.0084  0.1737  48  LYS A O   
391 C CB  . LYS A 49 ? 0.2391 0.6120 0.3043 0.0200  0.0091  0.1521  48  LYS A CB  
392 C CG  . LYS A 49 ? 0.2566 0.6066 0.3273 0.0255  0.0110  0.1537  48  LYS A CG  
393 C CD  . LYS A 49 ? 0.3111 0.6714 0.3792 0.0255  0.0105  0.1544  48  LYS A CD  
394 C CE  . LYS A 49 ? 0.3582 0.7175 0.4139 0.0235  0.0087  0.1410  48  LYS A CE  
395 N NZ  . LYS A 49 ? 0.3677 0.6989 0.4206 0.0264  0.0101  0.1342  48  LYS A NZ  
396 N N   . LYS A 50 ? 0.2790 0.6853 0.3342 0.0109  0.0054  0.1497  49  LYS A N   
397 C CA  . LYS A 50 ? 0.3094 0.7439 0.3620 0.0062  0.0030  0.1509  49  LYS A CA  
398 C C   . LYS A 50 ? 0.3131 0.7488 0.3699 0.0061  0.0025  0.1576  49  LYS A C   
399 O O   . LYS A 50 ? 0.3379 0.7953 0.3962 0.0035  0.0007  0.1631  49  LYS A O   
400 C CB  . LYS A 50 ? 0.3227 0.7694 0.3637 0.0008  0.0009  0.1348  49  LYS A CB  
401 C CG  . LYS A 50 ? 0.3597 0.8102 0.3970 0.0001  0.0007  0.1278  49  LYS A CG  
402 C CD  . LYS A 50 ? 0.4152 0.8867 0.4434 -0.0064 -0.0013 0.1142  49  LYS A CD  
403 C CE  . LYS A 50 ? 0.4482 0.9114 0.4700 -0.0096 -0.0019 0.1004  49  LYS A CE  
404 N NZ  . LYS A 50 ? 0.4534 0.9318 0.4667 -0.0159 -0.0036 0.0846  49  LYS A NZ  
405 N N   . TYR A 51 ? 0.2638 0.6769 0.3232 0.0090  0.0034  0.1569  50  TYR A N   
406 C CA  . TYR A 51 ? 0.2334 0.6432 0.2993 0.0094  0.0004  0.1584  50  TYR A CA  
407 C C   . TYR A 51 ? 0.2714 0.6578 0.3496 0.0148  0.0027  0.1659  50  TYR A C   
408 O O   . TYR A 51 ? 0.3213 0.7008 0.4065 0.0155  0.0007  0.1642  50  TYR A O   
409 C CB  . TYR A 51 ? 0.2157 0.6227 0.2756 0.0059  -0.0031 0.1425  50  TYR A CB  
410 C CG  . TYR A 51 ? 0.2483 0.6782 0.2976 0.0000  -0.0059 0.1334  50  TYR A CG  
411 C CD1 . TYR A 51 ? 0.2478 0.6982 0.2978 -0.0028 -0.0090 0.1365  50  TYR A CD1 
412 C CD2 . TYR A 51 ? 0.2669 0.6972 0.3061 -0.0030 -0.0052 0.1208  50  TYR A CD2 
413 C CE1 . TYR A 51 ? 0.2737 0.7441 0.3143 -0.0084 -0.0114 0.1267  50  TYR A CE1 
414 C CE2 . TYR A 51 ? 0.2862 0.7363 0.3169 -0.0087 -0.0073 0.1105  50  TYR A CE2 
415 C CZ  . TYR A 51 ? 0.2893 0.7590 0.3206 -0.0113 -0.0104 0.1135  50  TYR A CZ  
416 O OH  . TYR A 51 ? 0.3087 0.7967 0.3320 -0.0169 -0.0124 0.1027  50  TYR A OH  
417 N N   . ASN A 52 ? 0.2630 0.5417 0.3925 0.0340  0.0241  0.1971  51  ASN A N   
418 C CA  . ASN A 52 ? 0.2694 0.5197 0.4132 0.0436  0.0349  0.2039  51  ASN A CA  
419 C C   . ASN A 52 ? 0.2735 0.4893 0.4060 0.0457  0.0401  0.1885  51  ASN A C   
420 O O   . ASN A 52 ? 0.3016 0.5215 0.4217 0.0419  0.0353  0.1779  51  ASN A O   
421 C CB  . ASN A 52 ? 0.3179 0.5886 0.4894 0.0499  0.0401  0.2243  51  ASN A CB  
422 C CG  . ASN A 52 ? 0.4091 0.7132 0.5876 0.0448  0.0346  0.2391  51  ASN A CG  
423 O OD1 . ASN A 52 ? 0.4582 0.7698 0.6275 0.0389  0.0289  0.2364  51  ASN A OD1 
424 N ND2 . ASN A 52 ? 0.4224 0.7453 0.6154 0.0462  0.0362  0.2547  51  ASN A ND2 
425 N N   . PRO A 53 ? 0.2375 0.4183 0.3718 0.0497  0.0498  0.1851  52  PRO A N   
426 C CA  . PRO A 53 ? 0.2152 0.3632 0.3389 0.0492  0.0562  0.1693  52  PRO A CA  
427 C C   . PRO A 53 ? 0.2531 0.4042 0.3903 0.0559  0.0607  0.1734  52  PRO A C   
428 O O   . PRO A 53 ? 0.2683 0.4439 0.4277 0.0627  0.0616  0.1905  52  PRO A O   
429 C CB  . PRO A 53 ? 0.1899 0.3070 0.3174 0.0513  0.0662  0.1682  52  PRO A CB  
430 C CG  . PRO A 53 ? 0.2040 0.3344 0.3352 0.0503  0.0621  0.1792  52  PRO A CG  
431 C CD  . PRO A 53 ? 0.2142 0.3849 0.3593 0.0527  0.0553  0.1947  52  PRO A CD  
432 N N   . THR A 54 ? 0.2565 0.3864 0.3822 0.0529  0.0641  0.1581  53  THR A N   
433 C CA  . THR A 54 ? 0.2468 0.3523 0.3500 0.0435  0.0639  0.1379  53  THR A CA  
434 C C   . THR A 54 ? 0.2693 0.3812 0.3558 0.0352  0.0568  0.1232  53  THR A C   
435 O O   . THR A 54 ? 0.2769 0.3878 0.3663 0.0357  0.0588  0.1188  53  THR A O   
436 C CB  . THR A 54 ? 0.2337 0.3060 0.3399 0.0451  0.0761  0.1301  53  THR A CB  
437 O OG1 . THR A 54 ? 0.2529 0.3173 0.3758 0.0523  0.0842  0.1419  53  THR A OG1 
438 C CG2 . THR A 54 ? 0.1751 0.2266 0.2589 0.0343  0.0747  0.1110  53  THR A CG2 
439 N N   . TRP A 55 ? 0.2323 0.3499 0.3026 0.0273  0.0491  0.1148  54  TRP A N   
440 C CA  . TRP A 55 ? 0.1997 0.3235 0.2569 0.0197  0.0432  0.1007  54  TRP A CA  
441 C C   . TRP A 55 ? 0.1644 0.2619 0.2087 0.0129  0.0458  0.0837  54  TRP A C   
442 O O   . TRP A 55 ? 0.1168 0.1953 0.1580 0.0121  0.0500  0.0820  54  TRP A O   
443 C CB  . TRP A 55 ? 0.1873 0.3357 0.2372 0.0152  0.0340  0.1015  54  TRP A CB  
444 C CG  . TRP A 55 ? 0.2104 0.3910 0.2716 0.0194  0.0291  0.1178  54  TRP A CG  
445 C CD1 . TRP A 55 ? 0.1234 0.3168 0.1977 0.0252  0.0292  0.1352  54  TRP A CD1 
446 C CD2 . TRP A 55 ? 0.1568 0.3629 0.2178 0.0169  0.0228  0.1183  54  TRP A CD2 
447 N NE1 . TRP A 55 ? 0.1239 0.3518 0.2077 0.0267  0.0230  0.1476  54  TRP A NE1 
448 C CE2 . TRP A 55 ? 0.1180 0.3537 0.1918 0.0212  0.0187  0.1374  54  TRP A CE2 
449 C CE3 . TRP A 55 ? 0.1059 0.3132 0.1583 0.0108  0.0203  0.1047  54  TRP A CE3 
450 C CZ2 . TRP A 55 ? 0.1185 0.3852 0.1933 0.0190  0.0114  0.1432  54  TRP A CZ2 
451 C CZ3 . TRP A 55 ? 0.1067 0.3427 0.1601 0.0085  0.0139  0.1089  54  TRP A CZ3 
452 C CH2 . TRP A 55 ? 0.1137 0.3788 0.1761 0.0120  0.0093  0.1282  54  TRP A CH2 
453 N N   . HIS A 56 ? 0.1031 0.2010 0.1406 0.0074  0.0431  0.0717  55  HIS A N   
454 C CA  . HIS A 56 ? 0.0985 0.1764 0.1255 0.0004  0.0442  0.0569  55  HIS A CA  
455 C C   . HIS A 56 ? 0.1889 0.2768 0.2093 -0.0048 0.0383  0.0482  55  HIS A C   
456 O O   . HIS A 56 ? 0.1063 0.2127 0.1305 -0.0043 0.0347  0.0497  55  HIS A O   
457 C CB  . HIS A 56 ? 0.0988 0.1628 0.1291 -0.0002 0.0494  0.0519  55  HIS A CB  
458 C CG  . HIS A 56 ? 0.1138 0.1694 0.1545 0.0067  0.0569  0.0607  55  HIS A CG  
459 N ND1 . HIS A 56 ? 0.1668 0.2351 0.2224 0.0150  0.0595  0.0728  55  HIS A ND1 
460 C CD2 . HIS A 56 ? 0.1172 0.1528 0.1573 0.0067  0.0630  0.0596  55  HIS A CD2 
461 C CE1 . HIS A 56 ? 0.1832 0.2373 0.2485 0.0209  0.0684  0.0789  55  HIS A CE1 
462 N NE2 . HIS A 56 ? 0.1597 0.1931 0.2151 0.0156  0.0710  0.0700  55  HIS A NE2 
463 N N   . CYS A 57 ? 0.0875 0.1641 0.0993 -0.0095 0.0375  0.0393  56  CYS A N   
464 C CA  . CYS A 57 ? 0.0817 0.1677 0.0903 -0.0128 0.0329  0.0323  56  CYS A CA  
465 C C   . CYS A 57 ? 0.1086 0.1764 0.1140 -0.0164 0.0344  0.0231  56  CYS A C   
466 O O   . CYS A 57 ? 0.1206 0.1717 0.1223 -0.0171 0.0374  0.0220  56  CYS A O   
467 C CB  . CYS A 57 ? 0.0839 0.1840 0.0885 -0.0132 0.0290  0.0343  56  CYS A CB  
468 S SG  . CYS A 57 ? 0.0982 0.2125 0.0990 -0.0183 0.0242  0.0238  56  CYS A SG  
469 N N   . ILE A 58 ? 0.1178 0.1908 0.1249 -0.0187 0.0316  0.0174  57  ILE A N   
470 C CA  . ILE A 58 ? 0.1152 0.1764 0.1225 -0.0212 0.0312  0.0116  57  ILE A CA  
471 C C   . ILE A 58 ? 0.1311 0.2042 0.1377 -0.0250 0.0272  0.0048  57  ILE A C   
472 O O   . ILE A 58 ? 0.0666 0.1553 0.0738 -0.0269 0.0249  0.0020  57  ILE A O   
473 C CB  . ILE A 58 ? 0.1099 0.1644 0.1215 -0.0219 0.0322  0.0110  57  ILE A CB  
474 C CG1 . ILE A 58 ? 0.1118 0.1528 0.1243 -0.0189 0.0384  0.0153  57  ILE A CG1 
475 C CG2 . ILE A 58 ? 0.0609 0.1083 0.0729 -0.0249 0.0292  0.0067  57  ILE A CG2 
476 C CD1 . ILE A 58 ? 0.1310 0.1804 0.1460 -0.0187 0.0410  0.0173  57  ILE A CD1 
477 N N   . VAL A 59 ? 0.1004 0.1665 0.1060 -0.0263 0.0269  0.0015  58  VAL A N   
478 C CA  . VAL A 59 ? 0.1035 0.1787 0.1094 -0.0297 0.0256  -0.0065 58  VAL A CA  
479 C C   . VAL A 59 ? 0.1201 0.1843 0.1305 -0.0321 0.0258  -0.0102 58  VAL A C   
480 O O   . VAL A 59 ? 0.1163 0.1688 0.1265 -0.0305 0.0261  -0.0055 58  VAL A O   
481 C CB  . VAL A 59 ? 0.0747 0.1558 0.0768 -0.0284 0.0260  -0.0058 58  VAL A CB  
482 C CG1 . VAL A 59 ? 0.0702 0.1602 0.0737 -0.0319 0.0263  -0.0161 58  VAL A CG1 
483 C CG2 . VAL A 59 ? 0.0837 0.1770 0.0820 -0.0263 0.0249  -0.0003 58  VAL A CG2 
484 N N   . GLY A 60 ? 0.0948 0.1631 0.1100 -0.0361 0.0256  -0.0184 59  GLY A N   
485 C CA  . GLY A 60 ? 0.1160 0.1732 0.1381 -0.0377 0.0258  -0.0201 59  GLY A CA  
486 C C   . GLY A 60 ? 0.0973 0.1560 0.1265 -0.0413 0.0257  -0.0283 59  GLY A C   
487 O O   . GLY A 60 ? 0.1467 0.2160 0.1743 -0.0436 0.0254  -0.0339 59  GLY A O   
488 N N   . ARG A 61 ? 0.0964 0.1444 0.1340 -0.0417 0.0252  -0.0276 60  ARG A N   
489 C CA  . ARG A 61 ? 0.1510 0.1965 0.1974 -0.0443 0.0248  -0.0342 60  ARG A CA  
490 C C   . ARG A 61 ? 0.1640 0.2012 0.2114 -0.0444 0.0204  -0.0268 60  ARG A C   
491 O O   . ARG A 61 ? 0.1370 0.1721 0.1903 -0.0466 0.0194  -0.0309 60  ARG A O   
492 C CB  . ARG A 61 ? 0.1960 0.2365 0.2553 -0.0442 0.0276  -0.0389 60  ARG A CB  
493 C CG  . ARG A 61 ? 0.2423 0.2935 0.3041 -0.0454 0.0332  -0.0518 60  ARG A CG  
494 C CD  . ARG A 61 ? 0.2788 0.3259 0.3529 -0.0432 0.0368  -0.0526 60  ARG A CD  
495 N NE  . ARG A 61 ? 0.3648 0.4192 0.4482 -0.0449 0.0433  -0.0689 60  ARG A NE  
496 C CZ  . ARG A 61 ? 0.4326 0.4998 0.5104 -0.0442 0.0471  -0.0747 60  ARG A CZ  
497 N NH1 . ARG A 61 ? 0.4921 0.5637 0.5553 -0.0413 0.0440  -0.0636 60  ARG A NH1 
498 N NH2 . ARG A 61 ? 0.4124 0.4859 0.4972 -0.0458 0.0534  -0.0907 60  ARG A NH2 
499 N N   . ASN A 62 ? 0.0966 0.1293 0.1386 -0.0421 0.0178  -0.0166 61  ASN A N   
500 C CA  . ASN A 62 ? 0.1255 0.1532 0.1688 -0.0423 0.0136  -0.0104 61  ASN A CA  
501 C C   . ASN A 62 ? 0.1458 0.1735 0.1814 -0.0399 0.0141  -0.0057 61  ASN A C   
502 O O   . ASN A 62 ? 0.1866 0.2106 0.2187 -0.0387 0.0147  -0.0019 61  ASN A O   
503 C CB  . ASN A 62 ? 0.1200 0.1412 0.1703 -0.0433 0.0099  -0.0038 61  ASN A CB  
504 C CG  . ASN A 62 ? 0.1815 0.2003 0.2330 -0.0449 0.0073  0.0015  61  ASN A CG  
505 O OD1 . ASN A 62 ? 0.2481 0.2654 0.2984 -0.0435 0.0081  0.0055  61  ASN A OD1 
506 N ND2 . ASN A 62 ? 0.1654 0.1846 0.2202 -0.0474 0.0056  -0.0006 61  ASN A ND2 
507 N N   . PHE A 63 ? 0.0871 0.1196 0.1196 -0.0405 0.0149  -0.0078 62  PHE A N   
508 C CA  . PHE A 63 ? 0.1079 0.1401 0.1347 -0.0390 0.0163  -0.0046 62  PHE A CA  
509 C C   . PHE A 63 ? 0.0817 0.1210 0.1095 -0.0402 0.0164  -0.0063 62  PHE A C   
510 O O   . PHE A 63 ? 0.1054 0.1531 0.1349 -0.0427 0.0161  -0.0112 62  PHE A O   
511 C CB  . PHE A 63 ? 0.0568 0.0896 0.0786 -0.0359 0.0189  -0.0028 62  PHE A CB  
512 C CG  . PHE A 63 ? 0.0866 0.1308 0.1074 -0.0364 0.0208  -0.0061 62  PHE A CG  
513 C CD1 . PHE A 63 ? 0.0585 0.1074 0.0794 -0.0375 0.0212  -0.0104 62  PHE A CD1 
514 C CD2 . PHE A 63 ? 0.0581 0.1103 0.0787 -0.0352 0.0223  -0.0043 62  PHE A CD2 
515 C CE1 . PHE A 63 ? 0.0862 0.1490 0.1052 -0.0379 0.0222  -0.0134 62  PHE A CE1 
516 C CE2 . PHE A 63 ? 0.0738 0.1405 0.0938 -0.0348 0.0229  -0.0055 62  PHE A CE2 
517 C CZ  . PHE A 63 ? 0.0833 0.1558 0.1014 -0.0363 0.0222  -0.0102 62  PHE A CZ  
518 N N   . GLY A 64 ? 0.0750 0.1131 0.1010 -0.0397 0.0174  -0.0036 63  GLY A N   
519 C CA  . GLY A 64 ? 0.0956 0.1420 0.1235 -0.0399 0.0186  -0.0037 63  GLY A CA  
520 C C   . GLY A 64 ? 0.0777 0.1244 0.1045 -0.0364 0.0228  0.0002  63  GLY A C   
521 O O   . GLY A 64 ? 0.0671 0.1057 0.0901 -0.0351 0.0241  0.0018  63  GLY A O   
522 N N   . SER A 65 ? 0.0695 0.1267 0.1001 -0.0350 0.0254  0.0016  64  SER A N   
523 C CA  . SER A 65 ? 0.0624 0.1189 0.0950 -0.0302 0.0312  0.0066  64  SER A CA  
524 C C   . SER A 65 ? 0.0942 0.1596 0.1339 -0.0288 0.0347  0.0087  64  SER A C   
525 O O   . SER A 65 ? 0.0973 0.1725 0.1393 -0.0319 0.0314  0.0064  64  SER A O   
526 C CB  . SER A 65 ? 0.0627 0.1235 0.0947 -0.0270 0.0330  0.0085  64  SER A CB  
527 O OG  . SER A 65 ? 0.1521 0.2300 0.1864 -0.0278 0.0306  0.0078  64  SER A OG  
528 N N   . TYR A 66 ? 0.0681 0.1307 0.1117 -0.0241 0.0419  0.0136  65  TYR A N   
529 C CA  . TYR A 66 ? 0.1279 0.1969 0.1796 -0.0218 0.0477  0.0140  65  TYR A CA  
530 C C   . TYR A 66 ? 0.1138 0.1867 0.1597 -0.0232 0.0514  0.0100  65  TYR A C   
531 O O   . TYR A 66 ? 0.0802 0.1521 0.1206 -0.0224 0.0507  0.0144  65  TYR A O   
532 C CB  . TYR A 66 ? 0.1099 0.1805 0.1630 -0.0225 0.0473  0.0163  65  TYR A CB  
533 C CG  . TYR A 66 ? 0.0801 0.1564 0.1431 -0.0208 0.0538  0.0144  65  TYR A CG  
534 C CD1 . TYR A 66 ? 0.1707 0.2645 0.2392 -0.0241 0.0504  0.0128  65  TYR A CD1 
535 C CD2 . TYR A 66 ? 0.1366 0.2320 0.1922 -0.0237 0.0538  0.0117  65  TYR A CD2 
536 C CE1 . TYR A 66 ? 0.1793 0.2875 0.2569 -0.0225 0.0532  0.0136  65  TYR A CE1 
537 C CE2 . TYR A 66 ? 0.1863 0.2901 0.2551 -0.0216 0.0613  0.0099  65  TYR A CE2 
538 C CZ  . TYR A 66 ? 0.2338 0.3433 0.3144 -0.0210 0.0612  0.0108  65  TYR A CZ  
539 O OH  . TYR A 66 ? 0.2497 0.3752 0.3420 -0.0163 0.0635  0.0150  65  TYR A OH  
540 N N   . VAL A 67 ? 0.1509 0.2376 0.2063 -0.0164 0.0519  0.0184  66  VAL A N   
541 C CA  . VAL A 67 ? 0.1634 0.2503 0.2219 -0.0090 0.0547  0.0270  66  VAL A CA  
542 C C   . VAL A 67 ? 0.1549 0.2574 0.2278 -0.0005 0.0566  0.0372  66  VAL A C   
543 O O   . VAL A 67 ? 0.1351 0.2529 0.2126 -0.0012 0.0527  0.0381  66  VAL A O   
544 C CB  . VAL A 67 ? 0.1283 0.2167 0.1814 -0.0082 0.0504  0.0303  66  VAL A CB  
545 C CG1 . VAL A 67 ? 0.0787 0.1520 0.1197 -0.0158 0.0488  0.0207  66  VAL A CG1 
546 C CG2 . VAL A 67 ? 0.0798 0.1902 0.1362 -0.0069 0.0434  0.0352  66  VAL A CG2 
547 N N   . THR A 68 ? 0.1890 0.2868 0.2697 0.0077  0.0626  0.0459  67  THR A N   
548 C CA  . THR A 68 ? 0.1915 0.3038 0.2880 0.0175  0.0647  0.0591  67  THR A CA  
549 C C   . THR A 68 ? 0.1812 0.3026 0.2799 0.0228  0.0614  0.0719  67  THR A C   
550 O O   . THR A 68 ? 0.1586 0.2665 0.2516 0.0228  0.0635  0.0719  67  THR A O   
551 C CB  . THR A 68 ? 0.2227 0.3216 0.3306 0.0241  0.0759  0.0614  67  THR A CB  
552 O OG1 . THR A 68 ? 0.2467 0.3380 0.3498 0.0176  0.0787  0.0487  67  THR A OG1 
553 C CG2 . THR A 68 ? 0.1999 0.3150 0.3266 0.0345  0.0779  0.0764  67  THR A CG2 
554 N N   . HIS A 69 ? 0.2360 0.3820 0.3420 0.0265  0.0558  0.0832  68  HIS A N   
555 C CA  . HIS A 69 ? 0.2518 0.4124 0.3577 0.0294  0.0507  0.0957  68  HIS A CA  
556 C C   . HIS A 69 ? 0.2548 0.4383 0.3751 0.0367  0.0492  0.1134  68  HIS A C   
557 O O   . HIS A 69 ? 0.2791 0.4750 0.4038 0.0360  0.0472  0.1129  68  HIS A O   
558 C CB  . HIS A 69 ? 0.2198 0.3919 0.3102 0.0201  0.0409  0.0877  68  HIS A CB  
559 C CG  . HIS A 69 ? 0.1796 0.3704 0.2684 0.0150  0.0345  0.0840  68  HIS A CG  
560 N ND1 . HIS A 69 ? 0.1564 0.3746 0.2496 0.0166  0.0288  0.0960  68  HIS A ND1 
561 C CD2 . HIS A 69 ? 0.1204 0.3062 0.2038 0.0077  0.0329  0.0704  68  HIS A CD2 
562 C CE1 . HIS A 69 ? 0.1608 0.3895 0.2501 0.0100  0.0241  0.0886  68  HIS A CE1 
563 N NE2 . HIS A 69 ? 0.1161 0.3252 0.2003 0.0051  0.0266  0.0734  68  HIS A NE2 
564 N N   . GLU A 70 ? 0.2365 0.4262 0.3638 0.0432  0.0499  0.1300  69  GLU A N   
565 C CA  . GLU A 70 ? 0.2338 0.4491 0.3718 0.0482  0.0466  0.1495  69  GLU A CA  
566 C C   . GLU A 70 ? 0.2598 0.5022 0.3862 0.0394  0.0353  0.1461  69  GLU A C   
567 O O   . GLU A 70 ? 0.2594 0.5041 0.3696 0.0305  0.0291  0.1338  69  GLU A O   
568 C CB  . GLU A 70 ? 0.2276 0.4485 0.3703 0.0529  0.0470  0.1676  69  GLU A CB  
569 C CG  . GLU A 70 ? 0.2935 0.4862 0.4478 0.0608  0.0590  0.1713  69  GLU A CG  
570 C CD  . GLU A 70 ? 0.3672 0.5667 0.5272 0.0647  0.0594  0.1911  69  GLU A CD  
571 O OE1 . GLU A 70 ? 0.4180 0.6469 0.5747 0.0614  0.0515  0.2042  69  GLU A OE1 
572 O OE2 . GLU A 70 ? 0.3522 0.5284 0.5190 0.0694  0.0682  0.1933  69  GLU A OE2 
573 N N   . THR A 71 ? 0.2718 0.5339 0.4068 0.0412  0.0336  0.1561  70  THR A N   
574 C CA  . THR A 71 ? 0.2873 0.5754 0.4106 0.0318  0.0237  0.1534  70  THR A CA  
575 C C   . THR A 71 ? 0.2796 0.5867 0.3905 0.0262  0.0169  0.1602  70  THR A C   
576 O O   . THR A 71 ? 0.2782 0.5877 0.3947 0.0313  0.0193  0.1756  70  THR A O   
577 C CB  . THR A 71 ? 0.3012 0.6092 0.4366 0.0349  0.0236  0.1658  70  THR A CB  
578 O OG1 . THR A 71 ? 0.3295 0.6461 0.4795 0.0431  0.0275  0.1887  70  THR A OG1 
579 C CG2 . THR A 71 ? 0.2885 0.5805 0.4344 0.0388  0.0298  0.1567  70  THR A CG2 
580 N N   . LYS A 72 ? 0.2473 0.5675 0.3410 0.0147  0.0094  0.1480  71  LYS A N   
581 C CA  . LYS A 72 ? 0.2668 0.6068 0.3451 0.0065  0.0036  0.1499  71  LYS A CA  
582 C C   . LYS A 72 ? 0.2777 0.6013 0.3492 0.0068  0.0041  0.1431  71  LYS A C   
583 O O   . LYS A 72 ? 0.3182 0.6562 0.3792 0.0010  0.0004  0.1444  71  LYS A O   
584 C CB  . LYS A 72 ? 0.2970 0.6648 0.3805 0.0075  0.0035  0.1737  71  LYS A CB  
585 C CG  . LYS A 72 ? 0.3846 0.7765 0.4713 0.0038  0.0014  0.1806  71  LYS A CG  
586 C CD  . LYS A 72 ? 0.4149 0.8279 0.4827 -0.0111 -0.0045 0.1685  71  LYS A CD  
587 C CE  . LYS A 72 ? 0.4215 0.8569 0.4918 -0.0151 -0.0063 0.1745  71  LYS A CE  
588 N NZ  . LYS A 72 ? 0.4387 0.8785 0.4920 -0.0280 -0.0101 0.1542  71  LYS A NZ  
589 N N   . HIS A 73 ? 0.2339 0.5273 0.3115 0.0122  0.0097  0.1337  72  HIS A N   
590 C CA  . HIS A 73 ? 0.2186 0.4951 0.2909 0.0122  0.0112  0.1268  72  HIS A CA  
591 C C   . HIS A 73 ? 0.1561 0.4069 0.2215 0.0075  0.0138  0.1049  72  HIS A C   
592 O O   . HIS A 73 ? 0.1286 0.3532 0.1970 0.0111  0.0204  0.1003  72  HIS A O   
593 C CB  . HIS A 73 ? 0.2525 0.5156 0.3391 0.0232  0.0180  0.1415  72  HIS A CB  
594 C CG  . HIS A 73 ? 0.3139 0.6007 0.4079 0.0274  0.0161  0.1659  72  HIS A CG  
595 N ND1 . HIS A 73 ? 0.2827 0.5877 0.3845 0.0288  0.0168  0.1795  72  HIS A ND1 
596 C CD2 . HIS A 73 ? 0.3181 0.6099 0.4155 0.0279  0.0157  0.1733  72  HIS A CD2 
597 C CE1 . HIS A 73 ? 0.3056 0.6254 0.4165 0.0294  0.0176  0.1937  72  HIS A CE1 
598 N NE2 . HIS A 73 ? 0.3227 0.6344 0.4305 0.0286  0.0171  0.1902  72  HIS A NE2 
599 N N   . PHE A 74 ? 0.1296 0.3879 0.1846 -0.0017 0.0090  0.0918  73  PHE A N   
600 C CA  . PHE A 74 ? 0.1461 0.3823 0.1950 -0.0070 0.0112  0.0730  73  PHE A CA  
601 C C   . PHE A 74 ? 0.1861 0.4348 0.2214 -0.0176 0.0053  0.0611  73  PHE A C   
602 O O   . PHE A 74 ? 0.2066 0.4783 0.2381 -0.0225 0.0008  0.0629  73  PHE A O   
603 C CB  . PHE A 74 ? 0.0921 0.3190 0.1487 -0.0059 0.0143  0.0692  73  PHE A CB  
604 C CG  . PHE A 74 ? 0.1165 0.3244 0.1668 -0.0125 0.0152  0.0521  73  PHE A CG  
605 C CD1 . PHE A 74 ? 0.1404 0.3577 0.1831 -0.0214 0.0102  0.0422  73  PHE A CD1 
606 C CD2 . PHE A 74 ? 0.0809 0.2620 0.1330 -0.0105 0.0215  0.0467  73  PHE A CD2 
607 C CE1 . PHE A 74 ? 0.1362 0.3358 0.1751 -0.0269 0.0112  0.0287  73  PHE A CE1 
608 C CE2 . PHE A 74 ? 0.1004 0.2659 0.1475 -0.0166 0.0218  0.0340  73  PHE A CE2 
609 C CZ  . PHE A 74 ? 0.1120 0.2864 0.1536 -0.0241 0.0166  0.0259  73  PHE A CZ  
610 N N   . ILE A 75 ? 0.0908 0.3244 0.1185 -0.0214 0.0063  0.0488  74  ILE A N   
611 C CA  . ILE A 75 ? 0.0924 0.3329 0.1090 -0.0314 0.0031  0.0345  74  ILE A CA  
612 C C   . ILE A 75 ? 0.1870 0.4006 0.2023 -0.0334 0.0067  0.0210  74  ILE A C   
613 O O   . ILE A 75 ? 0.2070 0.4007 0.2249 -0.0284 0.0106  0.0229  74  ILE A O   
614 C CB  . ILE A 75 ? 0.1464 0.4079 0.1540 -0.0356 -0.0008 0.0354  74  ILE A CB  
615 C CG1 . ILE A 75 ? 0.1046 0.3767 0.1003 -0.0470 -0.0025 0.0195  74  ILE A CG1 
616 C CG2 . ILE A 75 ? 0.1214 0.3683 0.1291 -0.0319 0.0015  0.0355  74  ILE A CG2 
617 C CD1 . ILE A 75 ? 0.2567 0.5444 0.2475 -0.0518 -0.0036 0.0175  74  ILE A CD1 
618 N N   . TYR A 76 ? 0.1422 0.3548 0.1534 -0.0410 0.0058  0.0082  75  TYR A N   
619 C CA  . TYR A 76 ? 0.1595 0.3490 0.1707 -0.0433 0.0087  -0.0033 75  TYR A CA  
620 C C   . TYR A 76 ? 0.1759 0.3730 0.1798 -0.0523 0.0081  -0.0177 75  TYR A C   
621 O O   . TYR A 76 ? 0.1614 0.3670 0.1638 -0.0579 0.0073  -0.0227 75  TYR A O   
622 C CB  . TYR A 76 ? 0.1551 0.3291 0.1733 -0.0421 0.0104  -0.0031 75  TYR A CB  
623 C CG  . TYR A 76 ? 0.1173 0.2708 0.1355 -0.0457 0.0122  -0.0135 75  TYR A CG  
624 C CD1 . TYR A 76 ? 0.1105 0.2470 0.1282 -0.0433 0.0149  -0.0145 75  TYR A CD1 
625 C CD2 . TYR A 76 ? 0.1058 0.2570 0.1250 -0.0514 0.0113  -0.0211 75  TYR A CD2 
626 C CE1 . TYR A 76 ? 0.0838 0.2031 0.1030 -0.0463 0.0161  -0.0219 75  TYR A CE1 
627 C CE2 . TYR A 76 ? 0.1025 0.2346 0.1238 -0.0537 0.0128  -0.0284 75  TYR A CE2 
628 C CZ  . TYR A 76 ? 0.1185 0.2356 0.1401 -0.0509 0.0150  -0.0282 75  TYR A CZ  
629 O OH  . TYR A 76 ? 0.1478 0.2477 0.1731 -0.0524 0.0158  -0.0328 75  TYR A OH  
630 N N   . PHE A 77 ? 0.1854 0.3788 0.1856 -0.0538 0.0098  -0.0246 76  PHE A N   
631 C CA  . PHE A 77 ? 0.1626 0.3655 0.1563 -0.0621 0.0116  -0.0391 76  PHE A CA  
632 C C   . PHE A 77 ? 0.2173 0.4017 0.2140 -0.0621 0.0156  -0.0491 76  PHE A C   
633 O O   . PHE A 77 ? 0.1624 0.3316 0.1629 -0.0562 0.0159  -0.0428 76  PHE A O   
634 C CB  . PHE A 77 ? 0.1404 0.3680 0.1279 -0.0644 0.0093  -0.0359 76  PHE A CB  
635 C CG  . PHE A 77 ? 0.1678 0.3979 0.1561 -0.0592 0.0063  -0.0270 76  PHE A CG  
636 C CD1 . PHE A 77 ? 0.1794 0.4092 0.1714 -0.0511 0.0044  -0.0103 76  PHE A CD1 
637 C CD2 . PHE A 77 ? 0.1703 0.4007 0.1596 -0.0615 0.0080  -0.0344 76  PHE A CD2 
638 C CE1 . PHE A 77 ? 0.1666 0.3945 0.1598 -0.0456 0.0044  -0.0013 76  PHE A CE1 
639 C CE2 . PHE A 77 ? 0.1690 0.4028 0.1584 -0.0573 0.0062  -0.0259 76  PHE A CE2 
640 C CZ  . PHE A 77 ? 0.1886 0.4182 0.1791 -0.0487 0.0050  -0.0088 76  PHE A CZ  
641 N N   . TYR A 78 ? 0.2737 0.4588 0.2708 -0.0681 0.0209  -0.0636 77  TYR A N   
642 C CA  . TYR A 78 ? 0.2564 0.4271 0.2599 -0.0680 0.0257  -0.0734 77  TYR A CA  
643 C C   . TYR A 78 ? 0.2866 0.4725 0.2914 -0.0706 0.0271  -0.0771 77  TYR A C   
644 O O   . TYR A 78 ? 0.2880 0.4937 0.2913 -0.0766 0.0274  -0.0798 77  TYR A O   
645 C CB  . TYR A 78 ? 0.2646 0.4212 0.2782 -0.0712 0.0296  -0.0834 77  TYR A CB  
646 C CG  . TYR A 78 ? 0.2639 0.3954 0.2850 -0.0667 0.0273  -0.0775 77  TYR A CG  
647 C CD1 . TYR A 78 ? 0.2555 0.3835 0.2765 -0.0658 0.0231  -0.0690 77  TYR A CD1 
648 C CD2 . TYR A 78 ? 0.2650 0.3787 0.2946 -0.0634 0.0298  -0.0792 77  TYR A CD2 
649 C CE1 . TYR A 78 ? 0.2232 0.3307 0.2509 -0.0624 0.0215  -0.0626 77  TYR A CE1 
650 C CE2 . TYR A 78 ? 0.2436 0.3370 0.2801 -0.0599 0.0276  -0.0712 77  TYR A CE2 
651 C CZ  . TYR A 78 ? 0.2490 0.3400 0.2837 -0.0596 0.0235  -0.0630 77  TYR A CZ  
652 O OH  . TYR A 78 ? 0.2723 0.3461 0.3125 -0.0568 0.0214  -0.0548 77  TYR A OH  
653 N N   . LEU A 79 ? 0.2803 0.4589 0.2881 -0.0685 0.0258  -0.0779 78  LEU A N   
654 C CA  . LEU A 79 ? 0.2922 0.4834 0.3023 -0.0719 0.0281  -0.0847 78  LEU A CA  
655 C C   . LEU A 79 ? 0.2986 0.4737 0.3199 -0.0723 0.0349  -0.0970 78  LEU A C   
656 O O   . LEU A 79 ? 0.3230 0.4818 0.3456 -0.0669 0.0349  -0.0941 78  LEU A O   
657 C CB  . LEU A 79 ? 0.2671 0.4648 0.2703 -0.0676 0.0232  -0.0737 78  LEU A CB  
658 C CG  . LEU A 79 ? 0.3279 0.5497 0.3280 -0.0715 0.0219  -0.0729 78  LEU A CG  
659 C CD1 . LEU A 79 ? 0.3582 0.6000 0.3569 -0.0778 0.0214  -0.0738 78  LEU A CD1 
660 C CD2 . LEU A 79 ? 0.3240 0.5461 0.3170 -0.0641 0.0175  -0.0566 78  LEU A CD2 
661 N N   . GLY A 80 ? 0.2969 0.4748 0.3260 -0.0779 0.0414  -0.1100 79  GLY A N   
662 C CA  . GLY A 80 ? 0.3265 0.4843 0.3678 -0.0760 0.0475  -0.1200 79  GLY A CA  
663 C C   . GLY A 80 ? 0.3425 0.4783 0.3892 -0.0711 0.0478  -0.1158 79  GLY A C   
664 O O   . GLY A 80 ? 0.3918 0.5234 0.4356 -0.0721 0.0459  -0.1141 79  GLY A O   
665 N N   . GLN A 81 ? 0.3641 0.4843 0.4183 -0.0659 0.0489  -0.1132 80  GLN A N   
666 C CA  . GLN A 81 ? 0.4206 0.5186 0.4796 -0.0612 0.0468  -0.1059 80  GLN A CA  
667 C C   . GLN A 81 ? 0.4116 0.5082 0.4598 -0.0579 0.0405  -0.0903 80  GLN A C   
668 O O   . GLN A 81 ? 0.4382 0.5195 0.4901 -0.0551 0.0370  -0.0798 80  GLN A O   
669 C CB  . GLN A 81 ? 0.5074 0.5881 0.5839 -0.0577 0.0509  -0.1083 80  GLN A CB  
670 C CG  . GLN A 81 ? 0.5876 0.6624 0.6792 -0.0590 0.0569  -0.1207 80  GLN A CG  
671 C CD  . GLN A 81 ? 0.6172 0.6832 0.7109 -0.0612 0.0546  -0.1206 80  GLN A CD  
672 O OE1 . GLN A 81 ? 0.6384 0.7147 0.7263 -0.0665 0.0558  -0.1284 80  GLN A OE1 
673 N NE2 . GLN A 81 ? 0.6208 0.6693 0.7226 -0.0578 0.0508  -0.1101 80  GLN A NE2 
674 N N   . VAL A 82 ? 0.3310 0.4422 0.3665 -0.0574 0.0380  -0.0856 81  VAL A N   
675 C CA  . VAL A 82 ? 0.2410 0.3482 0.2688 -0.0520 0.0333  -0.0684 81  VAL A CA  
676 C C   . VAL A 82 ? 0.1785 0.2947 0.1985 -0.0534 0.0289  -0.0628 81  VAL A C   
677 O O   . VAL A 82 ? 0.1466 0.2809 0.1605 -0.0576 0.0277  -0.0682 81  VAL A O   
678 C CB  . VAL A 82 ? 0.2890 0.4021 0.3095 -0.0484 0.0325  -0.0624 81  VAL A CB  
679 C CG1 . VAL A 82 ? 0.3348 0.4444 0.3482 -0.0436 0.0289  -0.0466 81  VAL A CG1 
680 C CG2 . VAL A 82 ? 0.3499 0.4524 0.3784 -0.0455 0.0366  -0.0639 81  VAL A CG2 
681 N N   . ALA A 83 ? 0.0790 0.1839 0.0998 -0.0501 0.0266  -0.0517 82  ALA A N   
682 C CA  . ALA A 83 ? 0.1103 0.2230 0.1264 -0.0497 0.0231  -0.0446 82  ALA A CA  
683 C C   . ALA A 83 ? 0.1313 0.2461 0.1420 -0.0441 0.0216  -0.0320 82  ALA A C   
684 O O   . ALA A 83 ? 0.1428 0.2445 0.1536 -0.0402 0.0229  -0.0262 82  ALA A O   
685 C CB  . ALA A 83 ? 0.0975 0.1965 0.1189 -0.0497 0.0220  -0.0413 82  ALA A CB  
686 N N   . ILE A 84 ? 0.1679 0.2990 0.1749 -0.0436 0.0191  -0.0271 83  ILE A N   
687 C CA  . ILE A 84 ? 0.1295 0.2638 0.1338 -0.0378 0.0184  -0.0150 83  ILE A CA  
688 C C   . ILE A 84 ? 0.1209 0.2620 0.1280 -0.0356 0.0170  -0.0066 83  ILE A C   
689 O O   . ILE A 84 ? 0.1277 0.2860 0.1342 -0.0393 0.0142  -0.0090 83  ILE A O   
690 C CB  . ILE A 84 ? 0.1313 0.2835 0.1304 -0.0391 0.0167  -0.0155 83  ILE A CB  
691 C CG1 . ILE A 84 ? 0.0818 0.2283 0.0802 -0.0415 0.0189  -0.0255 83  ILE A CG1 
692 C CG2 . ILE A 84 ? 0.0803 0.2348 0.0786 -0.0330 0.0161  -0.0016 83  ILE A CG2 
693 C CD1 . ILE A 84 ? 0.1350 0.2986 0.1292 -0.0438 0.0175  -0.0280 83  ILE A CD1 
694 N N   . LEU A 85 ? 0.1157 0.2435 0.1258 -0.0299 0.0196  0.0025  84  LEU A N   
695 C CA  . LEU A 85 ? 0.0712 0.2027 0.0864 -0.0261 0.0202  0.0111  84  LEU A CA  
696 C C   . LEU A 85 ? 0.0840 0.2173 0.0995 -0.0204 0.0219  0.0217  84  LEU A C   
697 O O   . LEU A 85 ? 0.0743 0.1906 0.0880 -0.0184 0.0253  0.0228  84  LEU A O   
698 C CB  . LEU A 85 ? 0.0963 0.2085 0.1159 -0.0252 0.0237  0.0104  84  LEU A CB  
699 C CG  . LEU A 85 ? 0.0691 0.1781 0.0948 -0.0205 0.0276  0.0182  84  LEU A CG  
700 C CD1 . LEU A 85 ? 0.0713 0.2022 0.1019 -0.0196 0.0247  0.0230  84  LEU A CD1 
701 C CD2 . LEU A 85 ? 0.0670 0.1568 0.0948 -0.0215 0.0313  0.0149  84  LEU A CD2 
702 N N   . LEU A 86 ? 0.0784 0.2328 0.0966 -0.0184 0.0194  0.0302  85  LEU A N   
703 C CA  . LEU A 86 ? 0.0831 0.2441 0.1036 -0.0130 0.0200  0.0427  85  LEU A CA  
704 C C   . LEU A 86 ? 0.1188 0.2906 0.1493 -0.0078 0.0206  0.0542  85  LEU A C   
705 O O   . LEU A 86 ? 0.1012 0.2910 0.1333 -0.0101 0.0168  0.0543  85  LEU A O   
706 C CB  . LEU A 86 ? 0.0869 0.2702 0.1018 -0.0160 0.0146  0.0439  85  LEU A CB  
707 C CG  . LEU A 86 ? 0.1589 0.3536 0.1779 -0.0109 0.0140  0.0591  85  LEU A CG  
708 C CD1 . LEU A 86 ? 0.1246 0.2939 0.1439 -0.0068 0.0195  0.0612  85  LEU A CD1 
709 C CD2 . LEU A 86 ? 0.1923 0.4131 0.2056 -0.0160 0.0078  0.0587  85  LEU A CD2 
710 N N   . PHE A 87 ? 0.0890 0.2494 0.1268 -0.0009 0.0261  0.0636  86  PHE A N   
711 C CA  . PHE A 87 ? 0.1360 0.3044 0.1862 0.0052  0.0283  0.0747  86  PHE A CA  
712 C C   . PHE A 87 ? 0.1529 0.3110 0.2122 0.0133  0.0345  0.0868  86  PHE A C   
713 O O   . PHE A 87 ? 0.1363 0.2754 0.1906 0.0128  0.0379  0.0836  86  PHE A O   
714 C CB  . PHE A 87 ? 0.1347 0.2921 0.1881 0.0038  0.0313  0.0662  86  PHE A CB  
715 C CG  . PHE A 87 ? 0.1208 0.2492 0.1735 0.0040  0.0389  0.0594  86  PHE A CG  
716 C CD1 . PHE A 87 ? 0.0839 0.1955 0.1259 -0.0026 0.0387  0.0469  86  PHE A CD1 
717 C CD2 . PHE A 87 ? 0.0946 0.2136 0.1577 0.0104  0.0463  0.0656  86  PHE A CD2 
718 C CE1 . PHE A 87 ? 0.0847 0.1732 0.1242 -0.0045 0.0444  0.0408  86  PHE A CE1 
719 C CE2 . PHE A 87 ? 0.1521 0.2466 0.2124 0.0084  0.0529  0.0578  86  PHE A CE2 
720 C CZ  . PHE A 87 ? 0.0911 0.1719 0.1381 0.0002  0.0510  0.0453  86  PHE A CZ  
721 N N   . LYS A 88 ? 0.2144 0.3846 0.2879 0.0207  0.0363  0.1012  87  LYS A N   
722 C CA  . LYS A 88 ? 0.2486 0.4127 0.3356 0.0300  0.0428  0.1165  87  LYS A CA  
723 C C   . LYS A 88 ? 0.2744 0.4237 0.3738 0.0356  0.0517  0.1168  87  LYS A C   
724 O O   . LYS A 88 ? 0.2532 0.4155 0.3585 0.0366  0.0500  0.1186  87  LYS A O   
725 C CB  . LYS A 88 ? 0.2657 0.4599 0.3615 0.0346  0.0372  0.1365  87  LYS A CB  
726 C CG  . LYS A 88 ? 0.2451 0.4358 0.3594 0.0452  0.0437  0.1556  87  LYS A CG  
727 C CD  . LYS A 88 ? 0.2415 0.4668 0.3637 0.0478  0.0358  0.1760  87  LYS A CD  
728 C CE  . LYS A 88 ? 0.2643 0.4852 0.4053 0.0544  0.0429  0.1889  87  LYS A CE  
729 N NZ  . LYS A 88 ? 0.3076 0.5040 0.4641 0.0632  0.0556  0.1941  87  LYS A NZ  
730 N N   . SER A 89 ? 0.3054 0.4271 0.4072 0.0381  0.0612  0.1134  88  SER A N   
731 C CA  . SER A 89 ? 0.3840 0.4893 0.4980 0.0433  0.0718  0.1129  88  SER A CA  
732 C C   . SER A 89 ? 0.4498 0.5352 0.5742 0.0502  0.0822  0.1213  88  SER A C   
733 O O   . SER A 89 ? 0.4412 0.5052 0.5547 0.0453  0.0854  0.1110  88  SER A O   
734 C CB  . SER A 89 ? 0.4246 0.5123 0.5265 0.0350  0.0735  0.0927  88  SER A CB  
735 O OG  . SER A 89 ? 0.4746 0.5422 0.5857 0.0389  0.0851  0.0906  88  SER A OG  
736 N N   . GLY A 90 ? 0.4965 0.5887 0.6422 0.0610  0.0877  0.1402  89  GLY A N   
737 C CA  . GLY A 90 ? 0.5347 0.6113 0.6943 0.0685  0.0974  0.1515  89  GLY A CA  
738 C C   . GLY A 90 ? 0.5007 0.5991 0.6629 0.0703  0.0891  0.1651  89  GLY A C   
739 O O   . GLY A 90 ? 0.3850 0.5129 0.5422 0.0680  0.0770  0.1718  89  GLY A O   
740 O OXT . GLY A 90 ? 0.5910 0.6799 0.7590 0.0720  0.0943  0.1670  89  GLY A OXT 
741 N N   . PRO B 3  ? 0.4414 0.5216 0.5686 0.2363  0.0263  0.1323  606 PRO B N   
742 C CA  . PRO B 3  ? 0.4184 0.5437 0.5845 0.2295  0.0299  0.1195  606 PRO B CA  
743 C C   . PRO B 3  ? 0.3968 0.5302 0.5432 0.2076  0.0282  0.1052  606 PRO B C   
744 O O   . PRO B 3  ? 0.4048 0.5554 0.5344 0.1942  0.0047  0.1066  606 PRO B O   
745 C CB  . PRO B 3  ? 0.3617 0.5450 0.5663 0.2311  0.0038  0.1290  606 PRO B CB  
746 C CG  . PRO B 3  ? 0.3726 0.5508 0.5491 0.2269  -0.0192 0.1417  606 PRO B CG  
747 C CD  . PRO B 3  ? 0.4576 0.5690 0.5933 0.2369  -0.0035 0.1485  606 PRO B CD  
748 N N   . THR B 4  ? 0.3931 0.5169 0.5418 0.2015  0.0524  0.0906  607 THR B N   
749 C CA  . THR B 4  ? 0.3964 0.5140 0.5169 0.1759  0.0549  0.0751  607 THR B CA  
750 C C   . THR B 4  ? 0.3611 0.5281 0.5225 0.1637  0.0524  0.0675  607 THR B C   
751 O O   . THR B 4  ? 0.3449 0.5458 0.5505 0.1710  0.0516  0.0702  607 THR B O   
752 C CB  . THR B 4  ? 0.4536 0.5168 0.5332 0.1687  0.0849  0.0628  607 THR B CB  
753 O OG1 . THR B 4  ? 0.4838 0.5543 0.5953 0.1774  0.1109  0.0572  607 THR B OG1 
754 C CG2 . THR B 4  ? 0.4802 0.4897 0.5198 0.1792  0.0902  0.0695  607 THR B CG2 
755 N N   . LYS B 5  ? 0.3606 0.5230 0.4987 0.1376  0.0494  0.0552  608 LYS B N   
756 C CA  . LYS B 5  ? 0.3193 0.5193 0.4895 0.1215  0.0467  0.0484  608 LYS B CA  
757 C C   . LYS B 5  ? 0.2762 0.4497 0.4089 0.0976  0.0536  0.0371  608 LYS B C   
758 O O   . LYS B 5  ? 0.2674 0.4086 0.3530 0.0907  0.0487  0.0338  608 LYS B O   
759 C CB  . LYS B 5  ? 0.3496 0.5963 0.5498 0.1175  0.0175  0.0514  608 LYS B CB  
760 C CG  . LYS B 5  ? 0.4185 0.6935 0.6426 0.0950  0.0122  0.0420  608 LYS B CG  
761 C CD  . LYS B 5  ? 0.4930 0.7996 0.7350 0.0845  -0.0155 0.0385  608 LYS B CD  
762 C CE  . LYS B 5  ? 0.4963 0.8079 0.7436 0.0584  -0.0215 0.0254  608 LYS B CE  
763 N NZ  . LYS B 5  ? 0.4939 0.7808 0.7009 0.0489  -0.0279 0.0186  608 LYS B NZ  
764 N N   . ASP B 6  ? 0.2842 0.4748 0.4388 0.0850  0.0652  0.0329  609 ASP B N   
765 C CA  . ASP B 6  ? 0.1548 0.3266 0.2810 0.0642  0.0739  0.0264  609 ASP B CA  
766 C C   . ASP B 6  ? 0.2146 0.4045 0.3544 0.0470  0.0542  0.0233  609 ASP B C   
767 O O   . ASP B 6  ? 0.1887 0.4142 0.3728 0.0452  0.0440  0.0243  609 ASP B O   
768 C CB  . ASP B 6  ? 0.2024 0.3792 0.3411 0.0594  0.0999  0.0255  609 ASP B CB  
769 C CG  . ASP B 6  ? 0.3190 0.4673 0.4364 0.0698  0.1173  0.0215  609 ASP B CG  
770 O OD1 . ASP B 6  ? 0.3627 0.5085 0.4772 0.0594  0.1297  0.0147  609 ASP B OD1 
771 O OD2 . ASP B 6  ? 0.3406 0.4707 0.4441 0.0876  0.1171  0.0249  609 ASP B OD2 
772 N N   . SER B 7  ? 0.1723 0.3382 0.2744 0.0339  0.0498  0.0184  610 SER B N   
773 C CA  . SER B 7  ? 0.1498 0.3255 0.2629 0.0193  0.0325  0.0133  610 SER B CA  
774 C C   . SER B 7  ? 0.1518 0.3067 0.2386 0.0055  0.0417  0.0128  610 SER B C   
775 O O   . SER B 7  ? 0.1319 0.2636 0.1769 0.0058  0.0541  0.0134  610 SER B O   
776 C CB  . SER B 7  ? 0.1294 0.3056 0.2278 0.0212  0.0079  0.0067  610 SER B CB  
777 O OG  . SER B 7  ? 0.1157 0.3196 0.2422 0.0331  -0.0035 0.0103  610 SER B OG  
778 N N   . TYR B 8  ? 0.1849 0.3500 0.2983 -0.0073 0.0362  0.0123  611 TYR B N   
779 C CA  . TYR B 8  ? 0.0980 0.2473 0.1961 -0.0193 0.0400  0.0144  611 TYR B CA  
780 C C   . TYR B 8  ? 0.1398 0.2794 0.2246 -0.0222 0.0199  0.0033  611 TYR B C   
781 O O   . TYR B 8  ? 0.1516 0.3046 0.2541 -0.0210 0.0025  -0.0062 611 TYR B O   
782 C CB  . TYR B 8  ? 0.1722 0.3347 0.3116 -0.0314 0.0459  0.0218  611 TYR B CB  
783 C CG  . TYR B 8  ? 0.2319 0.3980 0.3766 -0.0330 0.0648  0.0292  611 TYR B CG  
784 C CD1 . TYR B 8  ? 0.2138 0.4033 0.3889 -0.0286 0.0677  0.0282  611 TYR B CD1 
785 C CD2 . TYR B 8  ? 0.2904 0.4319 0.4031 -0.0391 0.0743  0.0314  611 TYR B CD2 
786 C CE1 . TYR B 8  ? 0.1957 0.3869 0.3678 -0.0318 0.0812  0.0293  611 TYR B CE1 
787 C CE2 . TYR B 8  ? 0.2182 0.3614 0.3280 -0.0435 0.0850  0.0309  611 TYR B CE2 
788 C CZ  . TYR B 8  ? 0.2066 0.3758 0.3455 -0.0405 0.0891  0.0301  611 TYR B CZ  
789 O OH  . TYR B 8  ? 0.2308 0.4064 0.3666 -0.0463 0.1000  0.0284  611 TYR B OH  
790 N N   . THR B 9  ? 0.0945 0.2159 0.1495 -0.0266 0.0226  0.0041  612 THR B N   
791 C CA  . THR B 9  ? 0.0929 0.2072 0.1475 -0.0313 0.0073  -0.0059 612 THR B CA  
792 C C   . THR B 9  ? 0.2207 0.3232 0.2738 -0.0373 0.0173  0.0047  612 THR B C   
793 O O   . THR B 9  ? 0.0979 0.1986 0.1304 -0.0380 0.0339  0.0181  612 THR B O   
794 C CB  . THR B 9  ? 0.0914 0.1980 0.1030 -0.0267 -0.0047 -0.0177 612 THR B CB  
795 O OG1 . THR B 9  ? 0.0943 0.1879 0.0632 -0.0264 0.0073  -0.0109 612 THR B OG1 
796 C CG2 . THR B 9  ? 0.0925 0.2076 0.0945 -0.0193 -0.0115 -0.0214 612 THR B CG2 
797 N N   . LEU B 10 ? 0.1003 0.1960 0.1755 -0.0419 0.0075  -0.0016 613 LEU B N   
798 C CA  . LEU B 10 ? 0.1675 0.2496 0.2426 -0.0443 0.0140  0.0095  613 LEU B CA  
799 C C   . LEU B 10 ? 0.1743 0.2450 0.2519 -0.0426 -0.0004 -0.0067 613 LEU B C   
800 O O   . LEU B 10 ? 0.2234 0.2973 0.3240 -0.0458 -0.0135 -0.0252 613 LEU B O   
801 C CB  . LEU B 10 ? 0.1171 0.1995 0.2343 -0.0531 0.0241  0.0253  613 LEU B CB  
802 C CG  . LEU B 10 ? 0.3289 0.3995 0.4472 -0.0551 0.0335  0.0452  613 LEU B CG  
803 C CD1 . LEU B 10 ? 0.1245 0.2017 0.1960 -0.0505 0.0454  0.0580  613 LEU B CD1 
804 C CD2 . LEU B 10 ? 0.1428 0.2123 0.3021 -0.0655 0.0411  0.0595  613 LEU B CD2 
805 N N   . THR B 11 ? 0.2022 0.2641 0.2568 -0.0377 0.0023  -0.0010 614 THR B N   
806 C CA  . THR B 11 ? 0.2021 0.2535 0.2628 -0.0342 -0.0091 -0.0167 614 THR B CA  
807 C C   . THR B 11 ? 0.2633 0.2961 0.3712 -0.0379 -0.0062 -0.0106 614 THR B C   
808 O O   . THR B 11 ? 0.2804 0.3090 0.4079 -0.0424 0.0059  0.0122  614 THR B O   
809 C CB  . THR B 11 ? 0.1954 0.2481 0.2159 -0.0259 -0.0073 -0.0127 614 THR B CB  
810 O OG1 . THR B 11 ? 0.2398 0.2950 0.2514 -0.0257 0.0084  0.0155  614 THR B OG1 
811 C CG2 . THR B 11 ? 0.1833 0.2498 0.1559 -0.0244 -0.0140 -0.0263 614 THR B CG2 
812 N N   . GLU B 12 ? 0.2970 0.3186 0.4228 -0.0367 -0.0166 -0.0322 615 GLU B N   
813 C CA  . GLU B 12 ? 0.3368 0.3328 0.5063 -0.0394 -0.0133 -0.0297 615 GLU B CA  
814 C C   . GLU B 12 ? 0.3739 0.3575 0.5375 -0.0293 -0.0027 -0.0024 615 GLU B C   
815 O O   . GLU B 12 ? 0.3913 0.3873 0.5166 -0.0190 -0.0022 0.0033  615 GLU B O   
816 C CB  . GLU B 12 ? 0.3822 0.3696 0.5678 -0.0397 -0.0252 -0.0634 615 GLU B CB  
817 C CG  . GLU B 12 ? 0.4043 0.4131 0.5938 -0.0509 -0.0374 -0.0902 615 GLU B CG  
818 C CD  . GLU B 12 ? 0.4086 0.4174 0.6287 -0.0627 -0.0325 -0.0833 615 GLU B CD  
819 O OE1 . GLU B 12 ? 0.3387 0.3715 0.5447 -0.0655 -0.0358 -0.0826 615 GLU B OE1 
820 O OE2 . GLU B 12 ? 0.4470 0.4306 0.7029 -0.0681 -0.0247 -0.0762 615 GLU B OE2 
821 N N   . GLU B 13 ? 0.4433 0.4054 0.6451 -0.0336 0.0059  0.0164  616 GLU B N   
822 C CA  . GLU B 13 ? 0.4873 0.4411 0.6873 -0.0245 0.0160  0.0488  616 GLU B CA  
823 C C   . GLU B 13 ? 0.5266 0.4669 0.7258 -0.0080 0.0111  0.0393  616 GLU B C   
824 O O   . GLU B 13 ? 0.5555 0.4758 0.7792 -0.0072 0.0041  0.0114  616 GLU B O   
825 C CB  . GLU B 13 ? 0.5227 0.4551 0.7658 -0.0345 0.0258  0.0730  616 GLU B CB  
826 C CG  . GLU B 13 ? 0.5804 0.5128 0.8207 -0.0276 0.0368  0.1140  616 GLU B CG  
827 C CD  . GLU B 13 ? 0.6484 0.5597 0.9262 -0.0354 0.0434  0.1326  616 GLU B CD  
828 O OE1 . GLU B 13 ? 0.6933 0.6084 0.9671 -0.0277 0.0490  0.1602  616 GLU B OE1 
829 O OE2 . GLU B 13 ? 0.6606 0.5605 0.9625 -0.0481 0.0409  0.1137  616 GLU B OE2 
830 N N   . LEU B 14 ? 0.5390 0.4945 0.7098 0.0045  0.0155  0.0611  617 LEU B N   
831 C CA  . LEU B 14 ? 0.5604 0.5101 0.7303 0.0229  0.0120  0.0560  617 LEU B CA  
832 C C   . LEU B 14 ? 0.5698 0.5209 0.7447 0.0341  0.0219  0.0981  617 LEU B C   
833 O O   . LEU B 14 ? 0.6060 0.5312 0.8136 0.0475  0.0235  0.1060  617 LEU B O   
834 C CB  . LEU B 14 ? 0.5419 0.5224 0.6627 0.0285  0.0034  0.0337  617 LEU B CB  
835 C CG  . LEU B 14 ? 0.5120 0.4971 0.6230 0.0208  -0.0090 -0.0078 617 LEU B CG  
836 C CD1 . LEU B 14 ? 0.4540 0.4691 0.5158 0.0277  -0.0161 -0.0229 617 LEU B CD1 
837 C CD2 . LEU B 14 ? 0.5446 0.5004 0.7015 0.0200  -0.0144 -0.0356 617 LEU B CD2 
# 
